data_8EV5
# 
_entry.id   8EV5 
# 
_audit_conform.dict_name       mmcif_pdbx.dic 
_audit_conform.dict_version    5.398 
_audit_conform.dict_location   http://mmcif.pdb.org/dictionaries/ascii/mmcif_pdbx.dic 
# 
loop_
_database_2.database_id 
_database_2.database_code 
_database_2.pdbx_database_accession 
_database_2.pdbx_DOI 
PDB   8EV5         pdb_00008ev5 10.2210/pdb8ev5/pdb 
WWPDB D_1000269437 ?            ?                   
# 
loop_
_pdbx_audit_revision_history.ordinal 
_pdbx_audit_revision_history.data_content_type 
_pdbx_audit_revision_history.major_revision 
_pdbx_audit_revision_history.minor_revision 
_pdbx_audit_revision_history.revision_date 
1 'Structure model' 1 0 2023-09-06 
2 'Structure model' 1 1 2024-11-13 
# 
_pdbx_audit_revision_details.ordinal             1 
_pdbx_audit_revision_details.revision_ordinal    1 
_pdbx_audit_revision_details.data_content_type   'Structure model' 
_pdbx_audit_revision_details.provider            repository 
_pdbx_audit_revision_details.type                'Initial release' 
_pdbx_audit_revision_details.description         ? 
_pdbx_audit_revision_details.details             ? 
# 
_pdbx_audit_revision_group.ordinal             1 
_pdbx_audit_revision_group.revision_ordinal    2 
_pdbx_audit_revision_group.data_content_type   'Structure model' 
_pdbx_audit_revision_group.group               'Structure summary' 
# 
loop_
_pdbx_audit_revision_category.ordinal 
_pdbx_audit_revision_category.revision_ordinal 
_pdbx_audit_revision_category.data_content_type 
_pdbx_audit_revision_category.category 
1 2 'Structure model' pdbx_entry_details        
2 2 'Structure model' pdbx_modification_feature 
# 
_pdbx_audit_revision_item.ordinal             1 
_pdbx_audit_revision_item.revision_ordinal    2 
_pdbx_audit_revision_item.data_content_type   'Structure model' 
_pdbx_audit_revision_item.item                '_pdbx_entry_details.has_protein_modification' 
# 
_pdbx_database_status.status_code                     REL 
_pdbx_database_status.status_code_sf                  REL 
_pdbx_database_status.status_code_mr                  ? 
_pdbx_database_status.entry_id                        8EV5 
_pdbx_database_status.recvd_initial_deposition_date   2022-10-19 
_pdbx_database_status.SG_entry                        N 
_pdbx_database_status.deposit_site                    RCSB 
_pdbx_database_status.process_site                    RCSB 
_pdbx_database_status.status_code_cs                  ? 
_pdbx_database_status.status_code_nmr_data            ? 
_pdbx_database_status.methods_development_category    ? 
_pdbx_database_status.pdb_format_compatible           Y 
# 
_pdbx_contact_author.id                 2 
_pdbx_contact_author.email              d.goldstone@auckland.ac.nz 
_pdbx_contact_author.name_first         David 
_pdbx_contact_author.name_last          Goldstone 
_pdbx_contact_author.name_mi            C 
_pdbx_contact_author.role               'principal investigator/group leader' 
_pdbx_contact_author.identifier_ORCID   0000-0003-0069-9408 
# 
loop_
_audit_author.name 
_audit_author.pdbx_ordinal 
_audit_author.identifier_ORCID 
'Barnett, M.J.'   1 0000-0003-4192-4368 
'Goldstone, D.C.' 2 0000-0003-0069-9408 
# 
_citation.abstract                  ? 
_citation.abstract_id_CAS           ? 
_citation.book_id_ISBN              ? 
_citation.book_publisher            ? 
_citation.book_publisher_city       ? 
_citation.book_title                ? 
_citation.coordinate_linkage        ? 
_citation.country                   US 
_citation.database_id_Medline       ? 
_citation.details                   ? 
_citation.id                        primary 
_citation.journal_abbrev            'Plos Pathog.' 
_citation.journal_id_ASTM           ? 
_citation.journal_id_CSD            ? 
_citation.journal_id_ISSN           1553-7374 
_citation.journal_full              ? 
_citation.journal_issue             ? 
_citation.journal_volume            19 
_citation.language                  ? 
_citation.page_first                e1011563 
_citation.page_last                 e1011563 
_citation.title                     
;NlpC/P60 peptidoglycan hydrolases of Trichomonas vaginalis have complementary activities that empower the protozoan to control host-protective lactobacilli.
;
_citation.year                      2023 
_citation.database_id_CSD           ? 
_citation.pdbx_database_id_DOI      10.1371/journal.ppat.1011563 
_citation.pdbx_database_id_PubMed   37585473 
_citation.pdbx_database_id_patent   ? 
_citation.unpublished_flag          ? 
# 
loop_
_citation_author.citation_id 
_citation_author.name 
_citation_author.ordinal 
_citation_author.identifier_ORCID 
primary 'Barnett, M.J.'      1  ?                   
primary 'Pinheiro, J.'       2  ?                   
primary 'Keown, J.R.'        3  ?                   
primary 'Biboy, J.'          4  ?                   
primary 'Gray, J.'           5  ?                   
primary 'Lucinescu, I.W.'    6  ?                   
primary 'Vollmer, W.'        7  ?                   
primary 'Hirt, R.P.'         8  ?                   
primary 'Simoes-Barbosa, A.' 9  0000-0003-2461-1917 
primary 'Goldstone, D.C.'    10 ?                   
# 
loop_
_entity.id 
_entity.type 
_entity.src_method 
_entity.pdbx_description 
_entity.formula_weight 
_entity.pdbx_number_of_molecules 
_entity.pdbx_ec 
_entity.pdbx_mutation 
_entity.pdbx_fragment 
_entity.details 
1 polymer     man 'Clan CA, family C40, NlpC/P60 superfamily cysteine peptidase'      13214.027 1  ? ? ? ? 
2 non-polymer syn 'N-[N-[1-HYDROXYCARBOXYETHYL-CARBONYL]LEUCYLAMINO-BUTYL]-GUANIDINE' 360.429   1  ? ? ? ? 
3 non-polymer syn 'SULFATE ION'                                                       96.063    1  ? ? ? ? 
4 water       nat water                                                               18.015    64 ? ? ? ? 
# 
_entity_poly.entity_id                      1 
_entity_poly.type                           'polypeptide(L)' 
_entity_poly.nstd_linkage                   no 
_entity_poly.nstd_monomer                   no 
_entity_poly.pdbx_seq_one_letter_code       
;GPGHERREVPNASGSAILNVAKSRIGKQYMSGGTGPDLFDCSGLVLYSHNQCGVYGVPRVAKDQARGGKAGSGAAGDVVY
FGNPAHHVGICCGDGSMVHAPRPGKTVCILKIAYMKESYGYRRYY
;
_entity_poly.pdbx_seq_one_letter_code_can   
;GPGHERREVPNASGSAILNVAKSRIGKQYMSGGTGPDLFDCSGLVLYSHNQCGVYGVPRVAKDQARGGKAGSGAAGDVVY
FGNPAHHVGICCGDGSMVHAPRPGKTVCILKIAYMKESYGYRRYY
;
_entity_poly.pdbx_strand_id                 A 
_entity_poly.pdbx_target_identifier         ? 
# 
loop_
_pdbx_entity_nonpoly.entity_id 
_pdbx_entity_nonpoly.name 
_pdbx_entity_nonpoly.comp_id 
2 'N-[N-[1-HYDROXYCARBOXYETHYL-CARBONYL]LEUCYLAMINO-BUTYL]-GUANIDINE' E64 
3 'SULFATE ION'                                                       SO4 
4 water                                                               HOH 
# 
loop_
_entity_poly_seq.entity_id 
_entity_poly_seq.num 
_entity_poly_seq.mon_id 
_entity_poly_seq.hetero 
1 1   GLY n 
1 2   PRO n 
1 3   GLY n 
1 4   HIS n 
1 5   GLU n 
1 6   ARG n 
1 7   ARG n 
1 8   GLU n 
1 9   VAL n 
1 10  PRO n 
1 11  ASN n 
1 12  ALA n 
1 13  SER n 
1 14  GLY n 
1 15  SER n 
1 16  ALA n 
1 17  ILE n 
1 18  LEU n 
1 19  ASN n 
1 20  VAL n 
1 21  ALA n 
1 22  LYS n 
1 23  SER n 
1 24  ARG n 
1 25  ILE n 
1 26  GLY n 
1 27  LYS n 
1 28  GLN n 
1 29  TYR n 
1 30  MET n 
1 31  SER n 
1 32  GLY n 
1 33  GLY n 
1 34  THR n 
1 35  GLY n 
1 36  PRO n 
1 37  ASP n 
1 38  LEU n 
1 39  PHE n 
1 40  ASP n 
1 41  CYS n 
1 42  SER n 
1 43  GLY n 
1 44  LEU n 
1 45  VAL n 
1 46  LEU n 
1 47  TYR n 
1 48  SER n 
1 49  HIS n 
1 50  ASN n 
1 51  GLN n 
1 52  CYS n 
1 53  GLY n 
1 54  VAL n 
1 55  TYR n 
1 56  GLY n 
1 57  VAL n 
1 58  PRO n 
1 59  ARG n 
1 60  VAL n 
1 61  ALA n 
1 62  LYS n 
1 63  ASP n 
1 64  GLN n 
1 65  ALA n 
1 66  ARG n 
1 67  GLY n 
1 68  GLY n 
1 69  LYS n 
1 70  ALA n 
1 71  GLY n 
1 72  SER n 
1 73  GLY n 
1 74  ALA n 
1 75  ALA n 
1 76  GLY n 
1 77  ASP n 
1 78  VAL n 
1 79  VAL n 
1 80  TYR n 
1 81  PHE n 
1 82  GLY n 
1 83  ASN n 
1 84  PRO n 
1 85  ALA n 
1 86  HIS n 
1 87  HIS n 
1 88  VAL n 
1 89  GLY n 
1 90  ILE n 
1 91  CYS n 
1 92  CYS n 
1 93  GLY n 
1 94  ASP n 
1 95  GLY n 
1 96  SER n 
1 97  MET n 
1 98  VAL n 
1 99  HIS n 
1 100 ALA n 
1 101 PRO n 
1 102 ARG n 
1 103 PRO n 
1 104 GLY n 
1 105 LYS n 
1 106 THR n 
1 107 VAL n 
1 108 CYS n 
1 109 ILE n 
1 110 LEU n 
1 111 LYS n 
1 112 ILE n 
1 113 ALA n 
1 114 TYR n 
1 115 MET n 
1 116 LYS n 
1 117 GLU n 
1 118 SER n 
1 119 TYR n 
1 120 GLY n 
1 121 TYR n 
1 122 ARG n 
1 123 ARG n 
1 124 TYR n 
1 125 TYR n 
# 
_entity_src_gen.entity_id                          1 
_entity_src_gen.pdbx_src_id                        1 
_entity_src_gen.pdbx_alt_source_flag               sample 
_entity_src_gen.pdbx_seq_type                      'Biological sequence' 
_entity_src_gen.pdbx_beg_seq_num                   1 
_entity_src_gen.pdbx_end_seq_num                   125 
_entity_src_gen.gene_src_common_name               ? 
_entity_src_gen.gene_src_genus                     ? 
_entity_src_gen.pdbx_gene_src_gene                 TVAG_042760 
_entity_src_gen.gene_src_species                   ? 
_entity_src_gen.gene_src_strain                    ? 
_entity_src_gen.gene_src_tissue                    ? 
_entity_src_gen.gene_src_tissue_fraction           ? 
_entity_src_gen.gene_src_details                   ? 
_entity_src_gen.pdbx_gene_src_fragment             ? 
_entity_src_gen.pdbx_gene_src_scientific_name      'Trichomonas vaginalis' 
_entity_src_gen.pdbx_gene_src_ncbi_taxonomy_id     5722 
_entity_src_gen.pdbx_gene_src_variant              ? 
_entity_src_gen.pdbx_gene_src_cell_line            ? 
_entity_src_gen.pdbx_gene_src_atcc                 ? 
_entity_src_gen.pdbx_gene_src_organ                ? 
_entity_src_gen.pdbx_gene_src_organelle            ? 
_entity_src_gen.pdbx_gene_src_cell                 ? 
_entity_src_gen.pdbx_gene_src_cellular_location    ? 
_entity_src_gen.host_org_common_name               ? 
_entity_src_gen.pdbx_host_org_scientific_name      'Escherichia coli BL21(DE3)' 
_entity_src_gen.pdbx_host_org_ncbi_taxonomy_id     469008 
_entity_src_gen.host_org_genus                     ? 
_entity_src_gen.pdbx_host_org_gene                 ? 
_entity_src_gen.pdbx_host_org_organ                ? 
_entity_src_gen.host_org_species                   ? 
_entity_src_gen.pdbx_host_org_tissue               ? 
_entity_src_gen.pdbx_host_org_tissue_fraction      ? 
_entity_src_gen.pdbx_host_org_strain               LOBSTR 
_entity_src_gen.pdbx_host_org_variant              ? 
_entity_src_gen.pdbx_host_org_cell_line            ? 
_entity_src_gen.pdbx_host_org_atcc                 ? 
_entity_src_gen.pdbx_host_org_culture_collection   ? 
_entity_src_gen.pdbx_host_org_cell                 ? 
_entity_src_gen.pdbx_host_org_organelle            ? 
_entity_src_gen.pdbx_host_org_cellular_location    ? 
_entity_src_gen.pdbx_host_org_vector_type          ? 
_entity_src_gen.pdbx_host_org_vector               ? 
_entity_src_gen.host_org_details                   ? 
_entity_src_gen.expression_system_id               ? 
_entity_src_gen.plasmid_name                       ? 
_entity_src_gen.plasmid_details                    ? 
_entity_src_gen.pdbx_description                   ? 
# 
loop_
_chem_comp.id 
_chem_comp.type 
_chem_comp.mon_nstd_flag 
_chem_comp.name 
_chem_comp.pdbx_synonyms 
_chem_comp.formula 
_chem_comp.formula_weight 
ALA 'L-peptide linking' y ALANINE                                                             ? 'C3 H7 N O2'      89.093  
ARG 'L-peptide linking' y ARGININE                                                            ? 'C6 H15 N4 O2 1'  175.209 
ASN 'L-peptide linking' y ASPARAGINE                                                          ? 'C4 H8 N2 O3'     132.118 
ASP 'L-peptide linking' y 'ASPARTIC ACID'                                                     ? 'C4 H7 N O4'      133.103 
CYS 'L-peptide linking' y CYSTEINE                                                            ? 'C3 H7 N O2 S'    121.158 
E64 non-polymer         . 'N-[N-[1-HYDROXYCARBOXYETHYL-CARBONYL]LEUCYLAMINO-BUTYL]-GUANIDINE' ? 'C15 H30 N5 O5 1' 360.429 
GLN 'L-peptide linking' y GLUTAMINE                                                           ? 'C5 H10 N2 O3'    146.144 
GLU 'L-peptide linking' y 'GLUTAMIC ACID'                                                     ? 'C5 H9 N O4'      147.129 
GLY 'peptide linking'   y GLYCINE                                                             ? 'C2 H5 N O2'      75.067  
HIS 'L-peptide linking' y HISTIDINE                                                           ? 'C6 H10 N3 O2 1'  156.162 
HOH non-polymer         . WATER                                                               ? 'H2 O'            18.015  
ILE 'L-peptide linking' y ISOLEUCINE                                                          ? 'C6 H13 N O2'     131.173 
LEU 'L-peptide linking' y LEUCINE                                                             ? 'C6 H13 N O2'     131.173 
LYS 'L-peptide linking' y LYSINE                                                              ? 'C6 H15 N2 O2 1'  147.195 
MET 'L-peptide linking' y METHIONINE                                                          ? 'C5 H11 N O2 S'   149.211 
PHE 'L-peptide linking' y PHENYLALANINE                                                       ? 'C9 H11 N O2'     165.189 
PRO 'L-peptide linking' y PROLINE                                                             ? 'C5 H9 N O2'      115.130 
SER 'L-peptide linking' y SERINE                                                              ? 'C3 H7 N O3'      105.093 
SO4 non-polymer         . 'SULFATE ION'                                                       ? 'O4 S -2'         96.063  
THR 'L-peptide linking' y THREONINE                                                           ? 'C4 H9 N O3'      119.119 
TYR 'L-peptide linking' y TYROSINE                                                            ? 'C9 H11 N O3'     181.189 
VAL 'L-peptide linking' y VALINE                                                              ? 'C5 H11 N O2'     117.146 
# 
loop_
_pdbx_poly_seq_scheme.asym_id 
_pdbx_poly_seq_scheme.entity_id 
_pdbx_poly_seq_scheme.seq_id 
_pdbx_poly_seq_scheme.mon_id 
_pdbx_poly_seq_scheme.ndb_seq_num 
_pdbx_poly_seq_scheme.pdb_seq_num 
_pdbx_poly_seq_scheme.auth_seq_num 
_pdbx_poly_seq_scheme.pdb_mon_id 
_pdbx_poly_seq_scheme.auth_mon_id 
_pdbx_poly_seq_scheme.pdb_strand_id 
_pdbx_poly_seq_scheme.pdb_ins_code 
_pdbx_poly_seq_scheme.hetero 
A 1 1   GLY 1   13  ?   ?   ?   A . n 
A 1 2   PRO 2   14  ?   ?   ?   A . n 
A 1 3   GLY 3   15  ?   ?   ?   A . n 
A 1 4   HIS 4   16  ?   ?   ?   A . n 
A 1 5   GLU 5   17  ?   ?   ?   A . n 
A 1 6   ARG 6   18  ?   ?   ?   A . n 
A 1 7   ARG 7   19  ?   ?   ?   A . n 
A 1 8   GLU 8   20  ?   ?   ?   A . n 
A 1 9   VAL 9   21  ?   ?   ?   A . n 
A 1 10  PRO 10  22  ?   ?   ?   A . n 
A 1 11  ASN 11  23  23  ASN ASN A . n 
A 1 12  ALA 12  24  24  ALA ALA A . n 
A 1 13  SER 13  25  25  SER SER A . n 
A 1 14  GLY 14  26  26  GLY GLY A . n 
A 1 15  SER 15  27  27  SER SER A . n 
A 1 16  ALA 16  28  28  ALA ALA A . n 
A 1 17  ILE 17  29  29  ILE ILE A . n 
A 1 18  LEU 18  30  30  LEU LEU A . n 
A 1 19  ASN 19  31  31  ASN ASN A . n 
A 1 20  VAL 20  32  32  VAL VAL A . n 
A 1 21  ALA 21  33  33  ALA ALA A . n 
A 1 22  LYS 22  34  34  LYS LYS A . n 
A 1 23  SER 23  35  35  SER SER A . n 
A 1 24  ARG 24  36  36  ARG ARG A . n 
A 1 25  ILE 25  37  37  ILE ILE A . n 
A 1 26  GLY 26  38  38  GLY GLY A . n 
A 1 27  LYS 27  39  39  LYS LYS A . n 
A 1 28  GLN 28  40  40  GLN GLN A . n 
A 1 29  TYR 29  41  41  TYR TYR A . n 
A 1 30  MET 30  42  42  MET MET A . n 
A 1 31  SER 31  43  43  SER SER A . n 
A 1 32  GLY 32  44  44  GLY GLY A . n 
A 1 33  GLY 33  45  45  GLY GLY A . n 
A 1 34  THR 34  46  46  THR THR A . n 
A 1 35  GLY 35  47  47  GLY GLY A . n 
A 1 36  PRO 36  48  48  PRO PRO A . n 
A 1 37  ASP 37  49  49  ASP ASP A . n 
A 1 38  LEU 38  50  50  LEU LEU A . n 
A 1 39  PHE 39  51  51  PHE PHE A . n 
A 1 40  ASP 40  52  52  ASP ASP A . n 
A 1 41  CYS 41  53  53  CYS CYS A . n 
A 1 42  SER 42  54  54  SER SER A . n 
A 1 43  GLY 43  55  55  GLY GLY A . n 
A 1 44  LEU 44  56  56  LEU LEU A . n 
A 1 45  VAL 45  57  57  VAL VAL A . n 
A 1 46  LEU 46  58  58  LEU LEU A . n 
A 1 47  TYR 47  59  59  TYR TYR A . n 
A 1 48  SER 48  60  60  SER SER A . n 
A 1 49  HIS 49  61  61  HIS HIS A . n 
A 1 50  ASN 50  62  62  ASN ASN A . n 
A 1 51  GLN 51  63  63  GLN GLN A . n 
A 1 52  CYS 52  64  64  CYS CYS A . n 
A 1 53  GLY 53  65  65  GLY GLY A . n 
A 1 54  VAL 54  66  66  VAL VAL A . n 
A 1 55  TYR 55  67  67  TYR TYR A . n 
A 1 56  GLY 56  68  68  GLY GLY A . n 
A 1 57  VAL 57  69  69  VAL VAL A . n 
A 1 58  PRO 58  70  70  PRO PRO A . n 
A 1 59  ARG 59  71  71  ARG ARG A . n 
A 1 60  VAL 60  72  72  VAL VAL A . n 
A 1 61  ALA 61  73  73  ALA ALA A . n 
A 1 62  LYS 62  74  74  LYS LYS A . n 
A 1 63  ASP 63  75  75  ASP ASP A . n 
A 1 64  GLN 64  76  76  GLN GLN A . n 
A 1 65  ALA 65  77  77  ALA ALA A . n 
A 1 66  ARG 66  78  78  ARG ARG A . n 
A 1 67  GLY 67  79  79  GLY GLY A . n 
A 1 68  GLY 68  80  80  GLY GLY A . n 
A 1 69  LYS 69  81  81  LYS LYS A . n 
A 1 70  ALA 70  82  82  ALA ALA A . n 
A 1 71  GLY 71  83  83  GLY GLY A . n 
A 1 72  SER 72  84  84  SER SER A . n 
A 1 73  GLY 73  85  85  GLY GLY A . n 
A 1 74  ALA 74  86  86  ALA ALA A . n 
A 1 75  ALA 75  87  87  ALA ALA A . n 
A 1 76  GLY 76  88  88  GLY GLY A . n 
A 1 77  ASP 77  89  89  ASP ASP A . n 
A 1 78  VAL 78  90  90  VAL VAL A . n 
A 1 79  VAL 79  91  91  VAL VAL A . n 
A 1 80  TYR 80  92  92  TYR TYR A . n 
A 1 81  PHE 81  93  93  PHE PHE A . n 
A 1 82  GLY 82  94  94  GLY GLY A . n 
A 1 83  ASN 83  95  95  ASN ASN A . n 
A 1 84  PRO 84  96  96  PRO PRO A . n 
A 1 85  ALA 85  97  97  ALA ALA A . n 
A 1 86  HIS 86  98  98  HIS HIS A . n 
A 1 87  HIS 87  99  99  HIS HIS A . n 
A 1 88  VAL 88  100 100 VAL VAL A . n 
A 1 89  GLY 89  101 101 GLY GLY A . n 
A 1 90  ILE 90  102 102 ILE ILE A . n 
A 1 91  CYS 91  103 103 CYS CYS A . n 
A 1 92  CYS 92  104 104 CYS CYS A . n 
A 1 93  GLY 93  105 105 GLY GLY A . n 
A 1 94  ASP 94  106 106 ASP ASP A . n 
A 1 95  GLY 95  107 107 GLY GLY A . n 
A 1 96  SER 96  108 108 SER SER A . n 
A 1 97  MET 97  109 109 MET MET A . n 
A 1 98  VAL 98  110 110 VAL VAL A . n 
A 1 99  HIS 99  111 111 HIS HIS A . n 
A 1 100 ALA 100 112 112 ALA ALA A . n 
A 1 101 PRO 101 113 113 PRO PRO A . n 
A 1 102 ARG 102 114 114 ARG ARG A . n 
A 1 103 PRO 103 115 115 PRO PRO A . n 
A 1 104 GLY 104 116 116 GLY GLY A . n 
A 1 105 LYS 105 117 117 LYS LYS A . n 
A 1 106 THR 106 118 118 THR THR A . n 
A 1 107 VAL 107 119 119 VAL VAL A . n 
A 1 108 CYS 108 120 120 CYS CYS A . n 
A 1 109 ILE 109 121 121 ILE ILE A . n 
A 1 110 LEU 110 122 122 LEU LEU A . n 
A 1 111 LYS 111 123 123 LYS LYS A . n 
A 1 112 ILE 112 124 124 ILE ILE A . n 
A 1 113 ALA 113 125 125 ALA ALA A . n 
A 1 114 TYR 114 126 126 TYR TYR A . n 
A 1 115 MET 115 127 127 MET MET A . n 
A 1 116 LYS 116 128 128 LYS LYS A . n 
A 1 117 GLU 117 129 129 GLU GLU A . n 
A 1 118 SER 118 130 130 SER SER A . n 
A 1 119 TYR 119 131 131 TYR TYR A . n 
A 1 120 GLY 120 132 132 GLY GLY A . n 
A 1 121 TYR 121 133 133 TYR TYR A . n 
A 1 122 ARG 122 134 134 ARG ARG A . n 
A 1 123 ARG 123 135 135 ARG ARG A . n 
A 1 124 TYR 124 136 136 TYR TYR A . n 
A 1 125 TYR 125 137 137 TYR TYR A . n 
# 
_pdbx_entity_instance_feature.ordinal        1 
_pdbx_entity_instance_feature.comp_id        E64 
_pdbx_entity_instance_feature.asym_id        ? 
_pdbx_entity_instance_feature.seq_num        ? 
_pdbx_entity_instance_feature.auth_comp_id   E64 
_pdbx_entity_instance_feature.auth_asym_id   ? 
_pdbx_entity_instance_feature.auth_seq_num   ? 
_pdbx_entity_instance_feature.feature_type   'SUBJECT OF INVESTIGATION' 
_pdbx_entity_instance_feature.details        ? 
# 
loop_
_pdbx_nonpoly_scheme.asym_id 
_pdbx_nonpoly_scheme.entity_id 
_pdbx_nonpoly_scheme.mon_id 
_pdbx_nonpoly_scheme.ndb_seq_num 
_pdbx_nonpoly_scheme.pdb_seq_num 
_pdbx_nonpoly_scheme.auth_seq_num 
_pdbx_nonpoly_scheme.pdb_mon_id 
_pdbx_nonpoly_scheme.auth_mon_id 
_pdbx_nonpoly_scheme.pdb_strand_id 
_pdbx_nonpoly_scheme.pdb_ins_code 
B 2 E64 1  201 1  E64 E64 A . 
C 3 SO4 1  202 1  SO4 SO4 A . 
D 4 HOH 1  301 26 HOH HOH A . 
D 4 HOH 2  302 68 HOH HOH A . 
D 4 HOH 3  303 38 HOH HOH A . 
D 4 HOH 4  304 9  HOH HOH A . 
D 4 HOH 5  305 30 HOH HOH A . 
D 4 HOH 6  306 42 HOH HOH A . 
D 4 HOH 7  307 27 HOH HOH A . 
D 4 HOH 8  308 53 HOH HOH A . 
D 4 HOH 9  309 61 HOH HOH A . 
D 4 HOH 10 310 24 HOH HOH A . 
D 4 HOH 11 311 60 HOH HOH A . 
D 4 HOH 12 312 37 HOH HOH A . 
D 4 HOH 13 313 10 HOH HOH A . 
D 4 HOH 14 314 33 HOH HOH A . 
D 4 HOH 15 315 48 HOH HOH A . 
D 4 HOH 16 316 18 HOH HOH A . 
D 4 HOH 17 317 17 HOH HOH A . 
D 4 HOH 18 318 59 HOH HOH A . 
D 4 HOH 19 319 46 HOH HOH A . 
D 4 HOH 20 320 22 HOH HOH A . 
D 4 HOH 21 321 5  HOH HOH A . 
D 4 HOH 22 322 63 HOH HOH A . 
D 4 HOH 23 323 3  HOH HOH A . 
D 4 HOH 24 324 56 HOH HOH A . 
D 4 HOH 25 325 39 HOH HOH A . 
D 4 HOH 26 326 35 HOH HOH A . 
D 4 HOH 27 327 14 HOH HOH A . 
D 4 HOH 28 328 1  HOH HOH A . 
D 4 HOH 29 329 66 HOH HOH A . 
D 4 HOH 30 330 50 HOH HOH A . 
D 4 HOH 31 331 4  HOH HOH A . 
D 4 HOH 32 332 57 HOH HOH A . 
D 4 HOH 33 333 55 HOH HOH A . 
D 4 HOH 34 334 20 HOH HOH A . 
D 4 HOH 35 335 32 HOH HOH A . 
D 4 HOH 36 336 45 HOH HOH A . 
D 4 HOH 37 337 2  HOH HOH A . 
D 4 HOH 38 338 65 HOH HOH A . 
D 4 HOH 39 339 54 HOH HOH A . 
D 4 HOH 40 340 7  HOH HOH A . 
D 4 HOH 41 341 13 HOH HOH A . 
D 4 HOH 42 342 58 HOH HOH A . 
D 4 HOH 43 343 47 HOH HOH A . 
D 4 HOH 44 344 36 HOH HOH A . 
D 4 HOH 45 345 6  HOH HOH A . 
D 4 HOH 46 346 52 HOH HOH A . 
D 4 HOH 47 347 31 HOH HOH A . 
D 4 HOH 48 348 40 HOH HOH A . 
D 4 HOH 49 349 67 HOH HOH A . 
D 4 HOH 50 350 15 HOH HOH A . 
D 4 HOH 51 351 12 HOH HOH A . 
D 4 HOH 52 352 29 HOH HOH A . 
D 4 HOH 53 353 25 HOH HOH A . 
D 4 HOH 54 354 21 HOH HOH A . 
D 4 HOH 55 355 43 HOH HOH A . 
D 4 HOH 56 356 23 HOH HOH A . 
D 4 HOH 57 357 16 HOH HOH A . 
D 4 HOH 58 358 51 HOH HOH A . 
D 4 HOH 59 359 49 HOH HOH A . 
D 4 HOH 60 360 44 HOH HOH A . 
D 4 HOH 61 361 19 HOH HOH A . 
D 4 HOH 62 362 62 HOH HOH A . 
D 4 HOH 63 363 34 HOH HOH A . 
D 4 HOH 64 364 64 HOH HOH A . 
# 
loop_
_pdbx_unobs_or_zero_occ_atoms.id 
_pdbx_unobs_or_zero_occ_atoms.PDB_model_num 
_pdbx_unobs_or_zero_occ_atoms.polymer_flag 
_pdbx_unobs_or_zero_occ_atoms.occupancy_flag 
_pdbx_unobs_or_zero_occ_atoms.auth_asym_id 
_pdbx_unobs_or_zero_occ_atoms.auth_comp_id 
_pdbx_unobs_or_zero_occ_atoms.auth_seq_id 
_pdbx_unobs_or_zero_occ_atoms.PDB_ins_code 
_pdbx_unobs_or_zero_occ_atoms.auth_atom_id 
_pdbx_unobs_or_zero_occ_atoms.label_alt_id 
_pdbx_unobs_or_zero_occ_atoms.label_asym_id 
_pdbx_unobs_or_zero_occ_atoms.label_comp_id 
_pdbx_unobs_or_zero_occ_atoms.label_seq_id 
_pdbx_unobs_or_zero_occ_atoms.label_atom_id 
1  1 Y 1 A LYS 74  ? CE  ? A LYS 62  CE  
2  1 Y 1 A LYS 74  ? NZ  ? A LYS 62  NZ  
3  1 Y 1 A ARG 78  ? NE  ? A ARG 66  NE  
4  1 Y 1 A ARG 78  ? CZ  ? A ARG 66  CZ  
5  1 Y 1 A ARG 78  ? NH1 ? A ARG 66  NH1 
6  1 Y 1 A ARG 78  ? NH2 ? A ARG 66  NH2 
7  1 Y 1 A LYS 123 ? CD  ? A LYS 111 CD  
8  1 Y 1 A LYS 123 ? CE  ? A LYS 111 CE  
9  1 Y 1 A LYS 123 ? NZ  ? A LYS 111 NZ  
10 1 Y 1 A LYS 128 ? CE  ? A LYS 116 CE  
11 1 Y 1 A LYS 128 ? NZ  ? A LYS 116 NZ  
12 1 N 1 A E64 201 ? C6  ? B E64 1   C6  
13 1 N 1 A E64 201 ? C7  ? B E64 1   C7  
14 1 N 1 A E64 201 ? C8  ? B E64 1   C8  
15 1 N 1 A E64 201 ? C9  ? B E64 1   C9  
16 1 N 1 A E64 201 ? C10 ? B E64 1   C10 
17 1 N 1 A E64 201 ? C11 ? B E64 1   C11 
18 1 N 1 A E64 201 ? O5  ? B E64 1   O5  
19 1 N 1 A E64 201 ? N2  ? B E64 1   N2  
20 1 N 1 A E64 201 ? C12 ? B E64 1   C12 
21 1 N 1 A E64 201 ? C13 ? B E64 1   C13 
22 1 N 1 A E64 201 ? C14 ? B E64 1   C14 
23 1 N 1 A E64 201 ? C15 ? B E64 1   C15 
24 1 N 1 A E64 201 ? N3  ? B E64 1   N3  
25 1 N 1 A E64 201 ? C16 ? B E64 1   C16 
26 1 N 1 A E64 201 ? N4  ? B E64 1   N4  
27 1 N 1 A E64 201 ? N5  ? B E64 1   N5  
# 
loop_
_software.citation_id 
_software.classification 
_software.compiler_name 
_software.compiler_version 
_software.contact_author 
_software.contact_author_email 
_software.date 
_software.description 
_software.dependencies 
_software.hardware 
_software.language 
_software.location 
_software.mods 
_software.name 
_software.os 
_software.os_version 
_software.type 
_software.version 
_software.pdbx_ordinal 
? refinement       ? ? ? ? ? ? ? ? ? ? ? REFMAC  ? ? ? 5.8.0158 1 
? 'data reduction' ? ? ? ? ? ? ? ? ? ? ? XDS     ? ? ? .        2 
? 'data scaling'   ? ? ? ? ? ? ? ? ? ? ? Aimless ? ? ? .        3 
? phasing          ? ? ? ? ? ? ? ? ? ? ? PHASER  ? ? ? .        4 
# 
_cell.angle_alpha                  90.00 
_cell.angle_alpha_esd              ? 
_cell.angle_beta                   90.00 
_cell.angle_beta_esd               ? 
_cell.angle_gamma                  90.00 
_cell.angle_gamma_esd              ? 
_cell.entry_id                     8EV5 
_cell.details                      ? 
_cell.formula_units_Z              ? 
_cell.length_a                     34.020 
_cell.length_a_esd                 ? 
_cell.length_b                     34.020 
_cell.length_b_esd                 ? 
_cell.length_c                     180.878 
_cell.length_c_esd                 ? 
_cell.volume                       ? 
_cell.volume_esd                   ? 
_cell.Z_PDB                        8 
_cell.reciprocal_angle_alpha       ? 
_cell.reciprocal_angle_beta        ? 
_cell.reciprocal_angle_gamma       ? 
_cell.reciprocal_angle_alpha_esd   ? 
_cell.reciprocal_angle_beta_esd    ? 
_cell.reciprocal_angle_gamma_esd   ? 
_cell.reciprocal_length_a          ? 
_cell.reciprocal_length_b          ? 
_cell.reciprocal_length_c          ? 
_cell.reciprocal_length_a_esd      ? 
_cell.reciprocal_length_b_esd      ? 
_cell.reciprocal_length_c_esd      ? 
_cell.pdbx_unique_axis             ? 
_cell.pdbx_esd_method              ? 
# 
_symmetry.entry_id                         8EV5 
_symmetry.cell_setting                     ? 
_symmetry.Int_Tables_number                92 
_symmetry.space_group_name_Hall            ? 
_symmetry.space_group_name_H-M             'P 41 21 2' 
_symmetry.pdbx_full_space_group_name_H-M   ? 
# 
_exptl.absorpt_coefficient_mu     ? 
_exptl.absorpt_correction_T_max   ? 
_exptl.absorpt_correction_T_min   ? 
_exptl.absorpt_correction_type    ? 
_exptl.absorpt_process_details    ? 
_exptl.entry_id                   8EV5 
_exptl.crystals_number            1 
_exptl.details                    ? 
_exptl.method                     'X-RAY DIFFRACTION' 
_exptl.method_details             ? 
# 
_exptl_crystal.colour                       ? 
_exptl_crystal.density_diffrn               ? 
_exptl_crystal.density_Matthews             1.98 
_exptl_crystal.density_method               ? 
_exptl_crystal.density_percent_sol          37.89 
_exptl_crystal.description                  ? 
_exptl_crystal.F_000                        ? 
_exptl_crystal.id                           1 
_exptl_crystal.preparation                  ? 
_exptl_crystal.size_max                     ? 
_exptl_crystal.size_mid                     ? 
_exptl_crystal.size_min                     ? 
_exptl_crystal.size_rad                     ? 
_exptl_crystal.colour_lustre                ? 
_exptl_crystal.colour_modifier              ? 
_exptl_crystal.colour_primary               ? 
_exptl_crystal.density_meas                 ? 
_exptl_crystal.density_meas_esd             ? 
_exptl_crystal.density_meas_gt              ? 
_exptl_crystal.density_meas_lt              ? 
_exptl_crystal.density_meas_temp            ? 
_exptl_crystal.density_meas_temp_esd        ? 
_exptl_crystal.density_meas_temp_gt         ? 
_exptl_crystal.density_meas_temp_lt         ? 
_exptl_crystal.pdbx_crystal_image_url       ? 
_exptl_crystal.pdbx_crystal_image_format    ? 
_exptl_crystal.pdbx_mosaicity               ? 
_exptl_crystal.pdbx_mosaicity_esd           ? 
_exptl_crystal.pdbx_mosaic_method           ? 
_exptl_crystal.pdbx_mosaic_block_size       ? 
_exptl_crystal.pdbx_mosaic_block_size_esd   ? 
# 
_exptl_crystal_grow.apparatus       ? 
_exptl_crystal_grow.atmosphere      ? 
_exptl_crystal_grow.crystal_id      1 
_exptl_crystal_grow.details         ? 
_exptl_crystal_grow.method          'VAPOR DIFFUSION, SITTING DROP' 
_exptl_crystal_grow.method_ref      ? 
_exptl_crystal_grow.pH              8.5 
_exptl_crystal_grow.pressure        ? 
_exptl_crystal_grow.pressure_esd    ? 
_exptl_crystal_grow.seeding         ? 
_exptl_crystal_grow.seeding_ref     ? 
_exptl_crystal_grow.temp            291.15 
_exptl_crystal_grow.temp_details    '(18 degrees Celsius)' 
_exptl_crystal_grow.temp_esd        ? 
_exptl_crystal_grow.time            ? 
_exptl_crystal_grow.pdbx_details    '1.26 M Ammonium Sulfate, 0.1 M Tris pH 8.5.' 
_exptl_crystal_grow.pdbx_pH_range   ? 
# 
_diffrn.ambient_environment              ? 
_diffrn.ambient_temp                     100 
_diffrn.ambient_temp_details             ? 
_diffrn.ambient_temp_esd                 ? 
_diffrn.crystal_id                       1 
_diffrn.crystal_support                  ? 
_diffrn.crystal_treatment                ? 
_diffrn.details                          ? 
_diffrn.id                               1 
_diffrn.ambient_pressure                 ? 
_diffrn.ambient_pressure_esd             ? 
_diffrn.ambient_pressure_gt              ? 
_diffrn.ambient_pressure_lt              ? 
_diffrn.ambient_temp_gt                  ? 
_diffrn.ambient_temp_lt                  ? 
_diffrn.pdbx_serial_crystal_experiment   N 
# 
_diffrn_detector.details                      ? 
_diffrn_detector.detector                     CCD 
_diffrn_detector.diffrn_id                    1 
_diffrn_detector.type                         'ADSC QUANTUM 315' 
_diffrn_detector.area_resol_mean              ? 
_diffrn_detector.dtime                        ? 
_diffrn_detector.pdbx_frames_total            ? 
_diffrn_detector.pdbx_collection_time_total   ? 
_diffrn_detector.pdbx_collection_date         2016-08-27 
_diffrn_detector.pdbx_frequency               ? 
# 
_diffrn_radiation.collimation                      ? 
_diffrn_radiation.diffrn_id                        1 
_diffrn_radiation.filter_edge                      ? 
_diffrn_radiation.inhomogeneity                    ? 
_diffrn_radiation.monochromator                    ? 
_diffrn_radiation.polarisn_norm                    ? 
_diffrn_radiation.polarisn_ratio                   ? 
_diffrn_radiation.probe                            ? 
_diffrn_radiation.type                             ? 
_diffrn_radiation.xray_symbol                      ? 
_diffrn_radiation.wavelength_id                    1 
_diffrn_radiation.pdbx_monochromatic_or_laue_m_l   M 
_diffrn_radiation.pdbx_wavelength_list             ? 
_diffrn_radiation.pdbx_wavelength                  ? 
_diffrn_radiation.pdbx_diffrn_protocol             'SINGLE WAVELENGTH' 
_diffrn_radiation.pdbx_analyzer                    ? 
_diffrn_radiation.pdbx_scattering_type             x-ray 
# 
_diffrn_radiation_wavelength.id           1 
_diffrn_radiation_wavelength.wavelength   0.9537 
_diffrn_radiation_wavelength.wt           1.0 
# 
_diffrn_source.current                     ? 
_diffrn_source.details                     ? 
_diffrn_source.diffrn_id                   1 
_diffrn_source.power                       ? 
_diffrn_source.size                        ? 
_diffrn_source.source                      SYNCHROTRON 
_diffrn_source.target                      ? 
_diffrn_source.type                        'AUSTRALIAN SYNCHROTRON BEAMLINE MX1' 
_diffrn_source.voltage                     ? 
_diffrn_source.take-off_angle              ? 
_diffrn_source.pdbx_wavelength_list        0.9537 
_diffrn_source.pdbx_wavelength             ? 
_diffrn_source.pdbx_synchrotron_beamline   MX1 
_diffrn_source.pdbx_synchrotron_site       'Australian Synchrotron' 
# 
_reflns.B_iso_Wilson_estimate                          18.45 
_reflns.entry_id                                       8EV5 
_reflns.data_reduction_details                         ? 
_reflns.data_reduction_method                          ? 
_reflns.d_resolution_high                              1.65 
_reflns.d_resolution_low                               33.43 
_reflns.details                                        ? 
_reflns.limit_h_max                                    ? 
_reflns.limit_h_min                                    ? 
_reflns.limit_k_max                                    ? 
_reflns.limit_k_min                                    ? 
_reflns.limit_l_max                                    ? 
_reflns.limit_l_min                                    ? 
_reflns.number_all                                     ? 
_reflns.number_obs                                     13697 
_reflns.observed_criterion                             ? 
_reflns.observed_criterion_F_max                       ? 
_reflns.observed_criterion_F_min                       ? 
_reflns.observed_criterion_I_max                       ? 
_reflns.observed_criterion_I_min                       ? 
_reflns.observed_criterion_sigma_F                     ? 
_reflns.observed_criterion_sigma_I                     ? 
_reflns.percent_possible_obs                           99.55 
_reflns.R_free_details                                 ? 
_reflns.Rmerge_F_all                                   ? 
_reflns.Rmerge_F_obs                                   ? 
_reflns.Friedel_coverage                               ? 
_reflns.number_gt                                      ? 
_reflns.threshold_expression                           ? 
_reflns.pdbx_redundancy                                2.0 
_reflns.pdbx_Rmerge_I_obs                              0.01579 
_reflns.pdbx_Rmerge_I_all                              ? 
_reflns.pdbx_Rsym_value                                ? 
_reflns.pdbx_netI_over_av_sigmaI                       15.48 
_reflns.pdbx_netI_over_sigmaI                          14.3 
_reflns.pdbx_res_netI_over_av_sigmaI_2                 ? 
_reflns.pdbx_res_netI_over_sigmaI_2                    ? 
_reflns.pdbx_chi_squared                               ? 
_reflns.pdbx_scaling_rejects                           ? 
_reflns.pdbx_d_res_high_opt                            ? 
_reflns.pdbx_d_res_low_opt                             ? 
_reflns.pdbx_d_res_opt_method                          ? 
_reflns.phase_calculation_details                      ? 
_reflns.pdbx_Rrim_I_all                                0.02232 
_reflns.pdbx_Rpim_I_all                                0.01579 
_reflns.pdbx_d_opt                                     ? 
_reflns.pdbx_number_measured_all                       ? 
_reflns.pdbx_diffrn_id                                 1 
_reflns.pdbx_ordinal                                   1 
_reflns.pdbx_CC_half                                   1.0 
_reflns.pdbx_CC_star                                   1.0 
_reflns.pdbx_R_split                                   ? 
_reflns.pdbx_aniso_diffraction_limit_axis_1_ortho[1]   ? 
_reflns.pdbx_aniso_diffraction_limit_axis_1_ortho[2]   ? 
_reflns.pdbx_aniso_diffraction_limit_axis_1_ortho[3]   ? 
_reflns.pdbx_aniso_diffraction_limit_axis_2_ortho[1]   ? 
_reflns.pdbx_aniso_diffraction_limit_axis_2_ortho[2]   ? 
_reflns.pdbx_aniso_diffraction_limit_axis_2_ortho[3]   ? 
_reflns.pdbx_aniso_diffraction_limit_axis_3_ortho[1]   ? 
_reflns.pdbx_aniso_diffraction_limit_axis_3_ortho[2]   ? 
_reflns.pdbx_aniso_diffraction_limit_axis_3_ortho[3]   ? 
_reflns.pdbx_aniso_diffraction_limit_1                 ? 
_reflns.pdbx_aniso_diffraction_limit_2                 ? 
_reflns.pdbx_aniso_diffraction_limit_3                 ? 
_reflns.pdbx_aniso_B_tensor_eigenvector_1_ortho[1]     ? 
_reflns.pdbx_aniso_B_tensor_eigenvector_1_ortho[2]     ? 
_reflns.pdbx_aniso_B_tensor_eigenvector_1_ortho[3]     ? 
_reflns.pdbx_aniso_B_tensor_eigenvector_2_ortho[1]     ? 
_reflns.pdbx_aniso_B_tensor_eigenvector_2_ortho[2]     ? 
_reflns.pdbx_aniso_B_tensor_eigenvector_2_ortho[3]     ? 
_reflns.pdbx_aniso_B_tensor_eigenvector_3_ortho[1]     ? 
_reflns.pdbx_aniso_B_tensor_eigenvector_3_ortho[2]     ? 
_reflns.pdbx_aniso_B_tensor_eigenvector_3_ortho[3]     ? 
_reflns.pdbx_aniso_B_tensor_eigenvalue_1               ? 
_reflns.pdbx_aniso_B_tensor_eigenvalue_2               ? 
_reflns.pdbx_aniso_B_tensor_eigenvalue_3               ? 
_reflns.pdbx_orthogonalization_convention              ? 
_reflns.pdbx_percent_possible_ellipsoidal              ? 
_reflns.pdbx_percent_possible_spherical                ? 
_reflns.pdbx_percent_possible_ellipsoidal_anomalous    ? 
_reflns.pdbx_percent_possible_spherical_anomalous      ? 
_reflns.pdbx_redundancy_anomalous                      ? 
_reflns.pdbx_CC_half_anomalous                         ? 
_reflns.pdbx_absDiff_over_sigma_anomalous              ? 
_reflns.pdbx_percent_possible_anomalous                ? 
_reflns.pdbx_observed_signal_threshold                 ? 
_reflns.pdbx_signal_type                               ? 
_reflns.pdbx_signal_details                            ? 
_reflns.pdbx_signal_software_id                        ? 
_reflns.pdbx_CC_split_method                           ? 
# 
_reflns_shell.d_res_high                                    1.65 
_reflns_shell.d_res_low                                     1.709 
_reflns_shell.meanI_over_sigI_all                           ? 
_reflns_shell.meanI_over_sigI_obs                           2.01 
_reflns_shell.number_measured_all                           ? 
_reflns_shell.number_measured_obs                           ? 
_reflns_shell.number_possible                               ? 
_reflns_shell.number_unique_all                             ? 
_reflns_shell.number_unique_obs                             2561 
_reflns_shell.percent_possible_all                          95.68 
_reflns_shell.percent_possible_obs                          ? 
_reflns_shell.Rmerge_F_all                                  ? 
_reflns_shell.Rmerge_F_obs                                  ? 
_reflns_shell.Rmerge_I_all                                  ? 
_reflns_shell.Rmerge_I_obs                                  0.2959 
_reflns_shell.meanI_over_sigI_gt                            ? 
_reflns_shell.meanI_over_uI_all                             ? 
_reflns_shell.meanI_over_uI_gt                              ? 
_reflns_shell.number_measured_gt                            ? 
_reflns_shell.number_unique_gt                              ? 
_reflns_shell.percent_possible_gt                           ? 
_reflns_shell.Rmerge_F_gt                                   ? 
_reflns_shell.Rmerge_I_gt                                   ? 
_reflns_shell.pdbx_redundancy                               2.0 
_reflns_shell.pdbx_Rsym_value                               ? 
_reflns_shell.pdbx_chi_squared                              ? 
_reflns_shell.pdbx_netI_over_sigmaI_all                     ? 
_reflns_shell.pdbx_netI_over_sigmaI_obs                     ? 
_reflns_shell.pdbx_Rrim_I_all                               0.4184 
_reflns_shell.pdbx_Rpim_I_all                               0.2959 
_reflns_shell.pdbx_rejects                                  ? 
_reflns_shell.pdbx_ordinal                                  1 
_reflns_shell.pdbx_diffrn_id                                1 
_reflns_shell.pdbx_CC_half                                  0.755 
_reflns_shell.pdbx_CC_star                                  0.928 
_reflns_shell.pdbx_R_split                                  ? 
_reflns_shell.pdbx_percent_possible_ellipsoidal             ? 
_reflns_shell.pdbx_percent_possible_spherical               ? 
_reflns_shell.pdbx_percent_possible_ellipsoidal_anomalous   ? 
_reflns_shell.pdbx_percent_possible_spherical_anomalous     ? 
_reflns_shell.pdbx_redundancy_anomalous                     ? 
_reflns_shell.pdbx_CC_half_anomalous                        ? 
_reflns_shell.pdbx_absDiff_over_sigma_anomalous             ? 
_reflns_shell.pdbx_percent_possible_anomalous               ? 
# 
_refine.aniso_B[1][1]                            -0.36 
_refine.aniso_B[1][2]                            0.00 
_refine.aniso_B[1][3]                            0.00 
_refine.aniso_B[2][2]                            -0.36 
_refine.aniso_B[2][3]                            0.00 
_refine.aniso_B[3][3]                            0.72 
_refine.B_iso_max                                ? 
_refine.B_iso_mean                               17.977 
_refine.B_iso_min                                ? 
_refine.correlation_coeff_Fo_to_Fc               0.965 
_refine.correlation_coeff_Fo_to_Fc_free          0.971 
_refine.details                                  'HYDROGENS HAVE BEEN ADDED IN THE RIDING POSITIONS' 
_refine.diff_density_max                         ? 
_refine.diff_density_max_esd                     ? 
_refine.diff_density_min                         ? 
_refine.diff_density_min_esd                     ? 
_refine.diff_density_rms                         ? 
_refine.diff_density_rms_esd                     ? 
_refine.entry_id                                 8EV5 
_refine.pdbx_refine_id                           'X-RAY DIFFRACTION' 
_refine.ls_abs_structure_details                 ? 
_refine.ls_abs_structure_Flack                   ? 
_refine.ls_abs_structure_Flack_esd               ? 
_refine.ls_abs_structure_Rogers                  ? 
_refine.ls_abs_structure_Rogers_esd              ? 
_refine.ls_d_res_high                            1.65 
_refine.ls_d_res_low                             33.43 
_refine.ls_extinction_coef                       ? 
_refine.ls_extinction_coef_esd                   ? 
_refine.ls_extinction_expression                 ? 
_refine.ls_extinction_method                     ? 
_refine.ls_goodness_of_fit_all                   ? 
_refine.ls_goodness_of_fit_all_esd               ? 
_refine.ls_goodness_of_fit_obs                   ? 
_refine.ls_goodness_of_fit_obs_esd               ? 
_refine.ls_hydrogen_treatment                    ? 
_refine.ls_matrix_type                           ? 
_refine.ls_number_constraints                    ? 
_refine.ls_number_parameters                     ? 
_refine.ls_number_reflns_all                     ? 
_refine.ls_number_reflns_obs                     12981 
_refine.ls_number_reflns_R_free                  716 
_refine.ls_number_reflns_R_work                  ? 
_refine.ls_number_restraints                     ? 
_refine.ls_percent_reflns_obs                    99.51 
_refine.ls_percent_reflns_R_free                 5.2 
_refine.ls_R_factor_all                          ? 
_refine.ls_R_factor_obs                          0.17191 
_refine.ls_R_factor_R_free                       0.18887 
_refine.ls_R_factor_R_free_error                 ? 
_refine.ls_R_factor_R_free_error_details         ? 
_refine.ls_R_factor_R_work                       0.17095 
_refine.ls_R_Fsqd_factor_obs                     ? 
_refine.ls_R_I_factor_obs                        ? 
_refine.ls_redundancy_reflns_all                 ? 
_refine.ls_redundancy_reflns_obs                 ? 
_refine.ls_restrained_S_all                      ? 
_refine.ls_restrained_S_obs                      ? 
_refine.ls_shift_over_esd_max                    ? 
_refine.ls_shift_over_esd_mean                   ? 
_refine.ls_structure_factor_coef                 ? 
_refine.ls_weighting_details                     ? 
_refine.ls_weighting_scheme                      ? 
_refine.ls_wR_factor_all                         ? 
_refine.ls_wR_factor_obs                         ? 
_refine.ls_wR_factor_R_free                      ? 
_refine.ls_wR_factor_R_work                      ? 
_refine.occupancy_max                            ? 
_refine.occupancy_min                            ? 
_refine.solvent_model_details                    MASK 
_refine.solvent_model_param_bsol                 ? 
_refine.solvent_model_param_ksol                 ? 
_refine.pdbx_R_complete                          ? 
_refine.ls_R_factor_gt                           ? 
_refine.ls_goodness_of_fit_gt                    ? 
_refine.ls_goodness_of_fit_ref                   ? 
_refine.ls_shift_over_su_max                     ? 
_refine.ls_shift_over_su_max_lt                  ? 
_refine.ls_shift_over_su_mean                    ? 
_refine.ls_shift_over_su_mean_lt                 ? 
_refine.pdbx_ls_sigma_I                          ? 
_refine.pdbx_ls_sigma_F                          ? 
_refine.pdbx_ls_sigma_Fsqd                       ? 
_refine.pdbx_data_cutoff_high_absF               ? 
_refine.pdbx_data_cutoff_high_rms_absF           ? 
_refine.pdbx_data_cutoff_low_absF                ? 
_refine.pdbx_isotropic_thermal_model             ? 
_refine.pdbx_ls_cross_valid_method               THROUGHOUT 
_refine.pdbx_method_to_determine_struct          'MOLECULAR REPLACEMENT' 
_refine.pdbx_starting_model                      ? 
_refine.pdbx_stereochemistry_target_values       'MAXIMUM LIKELIHOOD' 
_refine.pdbx_R_Free_selection_details            RANDOM 
_refine.pdbx_stereochem_target_val_spec_case     ? 
_refine.pdbx_overall_ESU_R                       0.092 
_refine.pdbx_overall_ESU_R_Free                  0.085 
_refine.pdbx_solvent_vdw_probe_radii             1.20 
_refine.pdbx_solvent_ion_probe_radii             0.80 
_refine.pdbx_solvent_shrinkage_radii             0.80 
_refine.pdbx_real_space_R                        ? 
_refine.pdbx_density_correlation                 ? 
_refine.pdbx_pd_number_of_powder_patterns        ? 
_refine.pdbx_pd_number_of_points                 ? 
_refine.pdbx_pd_meas_number_of_points            ? 
_refine.pdbx_pd_proc_ls_prof_R_factor            ? 
_refine.pdbx_pd_proc_ls_prof_wR_factor           ? 
_refine.pdbx_pd_Marquardt_correlation_coeff      ? 
_refine.pdbx_pd_Fsqrd_R_factor                   ? 
_refine.pdbx_pd_ls_matrix_band_width             ? 
_refine.pdbx_overall_phase_error                 ? 
_refine.pdbx_overall_SU_R_free_Cruickshank_DPI   ? 
_refine.pdbx_overall_SU_R_free_Blow_DPI          ? 
_refine.pdbx_overall_SU_R_Blow_DPI               ? 
_refine.pdbx_TLS_residual_ADP_flag               ? 
_refine.pdbx_diffrn_id                           1 
_refine.overall_SU_B                             1.815 
_refine.overall_SU_ML                            0.060 
_refine.overall_SU_R_Cruickshank_DPI             ? 
_refine.overall_SU_R_free                        ? 
_refine.overall_FOM_free_R_set                   ? 
_refine.overall_FOM_work_R_set                   ? 
_refine.pdbx_average_fsc_overall                 ? 
_refine.pdbx_average_fsc_work                    ? 
_refine.pdbx_average_fsc_free                    ? 
# 
_refine_hist.pdbx_refine_id                   'X-RAY DIFFRACTION' 
_refine_hist.cycle_id                         1 
_refine_hist.details                          ? 
_refine_hist.d_res_high                       1.65 
_refine_hist.d_res_low                        33.43 
_refine_hist.number_atoms_solvent             64 
_refine_hist.number_atoms_total               913 
_refine_hist.number_reflns_all                ? 
_refine_hist.number_reflns_obs                ? 
_refine_hist.number_reflns_R_free             ? 
_refine_hist.number_reflns_R_work             ? 
_refine_hist.R_factor_all                     ? 
_refine_hist.R_factor_obs                     ? 
_refine_hist.R_factor_R_free                  ? 
_refine_hist.R_factor_R_work                  ? 
_refine_hist.pdbx_number_residues_total       ? 
_refine_hist.pdbx_B_iso_mean_ligand           ? 
_refine_hist.pdbx_B_iso_mean_solvent          ? 
_refine_hist.pdbx_number_atoms_protein        835 
_refine_hist.pdbx_number_atoms_nucleic_acid   0 
_refine_hist.pdbx_number_atoms_ligand         14 
_refine_hist.pdbx_number_atoms_lipid          ? 
_refine_hist.pdbx_number_atoms_carb           ? 
_refine_hist.pdbx_pseudo_atom_details         ? 
# 
loop_
_refine_ls_restr.pdbx_refine_id 
_refine_ls_restr.criterion 
_refine_ls_restr.dev_ideal 
_refine_ls_restr.dev_ideal_target 
_refine_ls_restr.number 
_refine_ls_restr.rejects 
_refine_ls_restr.type 
_refine_ls_restr.weight 
_refine_ls_restr.pdbx_restraint_function 
'X-RAY DIFFRACTION' ? 0.009  0.019  897  ? r_bond_refined_d             ? ? 
'X-RAY DIFFRACTION' ? 0.002  0.020  795  ? r_bond_other_d               ? ? 
'X-RAY DIFFRACTION' ? 1.293  1.958  1216 ? r_angle_refined_deg          ? ? 
'X-RAY DIFFRACTION' ? 0.929  3.001  1850 ? r_angle_other_deg            ? ? 
'X-RAY DIFFRACTION' ? 5.919  5.000  126  ? r_dihedral_angle_1_deg       ? ? 
'X-RAY DIFFRACTION' ? 34.453 22.647 34   ? r_dihedral_angle_2_deg       ? ? 
'X-RAY DIFFRACTION' ? 10.828 15.000 135  ? r_dihedral_angle_3_deg       ? ? 
'X-RAY DIFFRACTION' ? 10.789 15.000 5    ? r_dihedral_angle_4_deg       ? ? 
'X-RAY DIFFRACTION' ? 0.074  0.200  126  ? r_chiral_restr               ? ? 
'X-RAY DIFFRACTION' ? 0.006  0.020  1040 ? r_gen_planes_refined         ? ? 
'X-RAY DIFFRACTION' ? 0.001  0.020  190  ? r_gen_planes_other           ? ? 
'X-RAY DIFFRACTION' ? ?      ?      ?    ? r_nbd_refined                ? ? 
'X-RAY DIFFRACTION' ? ?      ?      ?    ? r_nbd_other                  ? ? 
'X-RAY DIFFRACTION' ? ?      ?      ?    ? r_nbtor_refined              ? ? 
'X-RAY DIFFRACTION' ? ?      ?      ?    ? r_nbtor_other                ? ? 
'X-RAY DIFFRACTION' ? ?      ?      ?    ? r_xyhbond_nbd_refined        ? ? 
'X-RAY DIFFRACTION' ? ?      ?      ?    ? r_xyhbond_nbd_other          ? ? 
'X-RAY DIFFRACTION' ? ?      ?      ?    ? r_metal_ion_refined          ? ? 
'X-RAY DIFFRACTION' ? ?      ?      ?    ? r_metal_ion_other            ? ? 
'X-RAY DIFFRACTION' ? ?      ?      ?    ? r_symmetry_vdw_refined       ? ? 
'X-RAY DIFFRACTION' ? ?      ?      ?    ? r_symmetry_vdw_other         ? ? 
'X-RAY DIFFRACTION' ? ?      ?      ?    ? r_symmetry_hbond_refined     ? ? 
'X-RAY DIFFRACTION' ? ?      ?      ?    ? r_symmetry_hbond_other       ? ? 
'X-RAY DIFFRACTION' ? ?      ?      ?    ? r_symmetry_metal_ion_refined ? ? 
'X-RAY DIFFRACTION' ? ?      ?      ?    ? r_symmetry_metal_ion_other   ? ? 
'X-RAY DIFFRACTION' ? 1.052  1.738  471  ? r_mcbond_it                  ? ? 
'X-RAY DIFFRACTION' ? 1.050  1.737  470  ? r_mcbond_other               ? ? 
'X-RAY DIFFRACTION' ? 1.691  2.602  590  ? r_mcangle_it                 ? ? 
'X-RAY DIFFRACTION' ? 1.691  2.603  591  ? r_mcangle_other              ? ? 
'X-RAY DIFFRACTION' ? 1.422  1.965  426  ? r_scbond_it                  ? ? 
'X-RAY DIFFRACTION' ? 1.398  1.929  420  ? r_scbond_other               ? ? 
'X-RAY DIFFRACTION' ? ?      ?      ?    ? r_scangle_it                 ? ? 
'X-RAY DIFFRACTION' ? 2.063  2.835  614  ? r_scangle_other              ? ? 
'X-RAY DIFFRACTION' ? 3.522  20.732 971  ? r_long_range_B_refined       ? ? 
'X-RAY DIFFRACTION' ? 3.520  20.690 970  ? r_long_range_B_other         ? ? 
'X-RAY DIFFRACTION' ? ?      ?      ?    ? r_rigid_bond_restr           ? ? 
'X-RAY DIFFRACTION' ? ?      ?      ?    ? r_sphericity_free            ? ? 
'X-RAY DIFFRACTION' ? ?      ?      ?    ? r_sphericity_bonded          ? ? 
# 
_refine_ls_shell.pdbx_refine_id                   'X-RAY DIFFRACTION' 
_refine_ls_shell.d_res_high                       1.650 
_refine_ls_shell.d_res_low                        1.693 
_refine_ls_shell.number_reflns_all                ? 
_refine_ls_shell.number_reflns_obs                ? 
_refine_ls_shell.number_reflns_R_free             48 
_refine_ls_shell.number_reflns_R_work             912 
_refine_ls_shell.percent_reflns_obs               96.29 
_refine_ls_shell.percent_reflns_R_free            ? 
_refine_ls_shell.R_factor_all                     ? 
_refine_ls_shell.R_factor_obs                     ? 
_refine_ls_shell.R_factor_R_free                  0.247 
_refine_ls_shell.R_factor_R_free_error            ? 
_refine_ls_shell.R_factor_R_work                  0.311 
_refine_ls_shell.redundancy_reflns_all            ? 
_refine_ls_shell.redundancy_reflns_obs            ? 
_refine_ls_shell.wR_factor_all                    ? 
_refine_ls_shell.wR_factor_obs                    ? 
_refine_ls_shell.wR_factor_R_free                 ? 
_refine_ls_shell.wR_factor_R_work                 ? 
_refine_ls_shell.pdbx_R_complete                  ? 
_refine_ls_shell.pdbx_total_number_of_bins_used   20 
_refine_ls_shell.pdbx_phase_error                 ? 
_refine_ls_shell.pdbx_fsc_work                    ? 
_refine_ls_shell.pdbx_fsc_free                    ? 
# 
_struct.entry_id                     8EV5 
_struct.title                        'NlpC B3 covalently bound with E64 inhibitor fragment' 
_struct.pdbx_model_details           ? 
_struct.pdbx_formula_weight          ? 
_struct.pdbx_formula_weight_method   ? 
_struct.pdbx_model_type_details      ? 
_struct.pdbx_CASP_flag               N 
# 
_struct_keywords.entry_id        8EV5 
_struct_keywords.text            
'NlpC, P60, CHAP, NlpC/P60, Cysteine Protease, inhibitor, E64, HYDROLASE, HYDROLASE-Inhibitor complex' 
_struct_keywords.pdbx_keywords   HYDROLASE/Inhibitor 
# 
loop_
_struct_asym.id 
_struct_asym.pdbx_blank_PDB_chainid_flag 
_struct_asym.pdbx_modified 
_struct_asym.entity_id 
_struct_asym.details 
A N N 1 ? 
B N N 2 ? 
C N N 3 ? 
D N N 4 ? 
# 
_struct_ref.id                         1 
_struct_ref.db_name                    UNP 
_struct_ref.db_code                    A2FQ38_TRIVA 
_struct_ref.pdbx_db_accession          A2FQ38 
_struct_ref.pdbx_db_isoform            ? 
_struct_ref.entity_id                  1 
_struct_ref.pdbx_seq_one_letter_code   
;HERREVPNASGSAILNVAKSRIGKQYMSGGTGPDLFDCSGLVLYSHNQCGVYGVPRVAKDQARGGKAGSGAAGDVVYFGN
PAHHVGICCGDGSMVHAPRPGKTVCILKIAYMKESYGYRRYY
;
_struct_ref.pdbx_align_begin           16 
# 
_struct_ref_seq.align_id                      1 
_struct_ref_seq.ref_id                        1 
_struct_ref_seq.pdbx_PDB_id_code              8EV5 
_struct_ref_seq.pdbx_strand_id                A 
_struct_ref_seq.seq_align_beg                 4 
_struct_ref_seq.pdbx_seq_align_beg_ins_code   ? 
_struct_ref_seq.seq_align_end                 125 
_struct_ref_seq.pdbx_seq_align_end_ins_code   ? 
_struct_ref_seq.pdbx_db_accession             A2FQ38 
_struct_ref_seq.db_align_beg                  16 
_struct_ref_seq.pdbx_db_align_beg_ins_code    ? 
_struct_ref_seq.db_align_end                  137 
_struct_ref_seq.pdbx_db_align_end_ins_code    ? 
_struct_ref_seq.pdbx_auth_seq_align_beg       16 
_struct_ref_seq.pdbx_auth_seq_align_end       137 
# 
loop_
_struct_ref_seq_dif.align_id 
_struct_ref_seq_dif.pdbx_pdb_id_code 
_struct_ref_seq_dif.mon_id 
_struct_ref_seq_dif.pdbx_pdb_strand_id 
_struct_ref_seq_dif.seq_num 
_struct_ref_seq_dif.pdbx_pdb_ins_code 
_struct_ref_seq_dif.pdbx_seq_db_name 
_struct_ref_seq_dif.pdbx_seq_db_accession_code 
_struct_ref_seq_dif.db_mon_id 
_struct_ref_seq_dif.pdbx_seq_db_seq_num 
_struct_ref_seq_dif.details 
_struct_ref_seq_dif.pdbx_auth_seq_num 
_struct_ref_seq_dif.pdbx_ordinal 
1 8EV5 GLY A 1 ? UNP A2FQ38 ? ? 'expression tag' 13 1 
1 8EV5 PRO A 2 ? UNP A2FQ38 ? ? 'expression tag' 14 2 
1 8EV5 GLY A 3 ? UNP A2FQ38 ? ? 'expression tag' 15 3 
# 
_pdbx_struct_assembly.id                   1 
_pdbx_struct_assembly.details              author_defined_assembly 
_pdbx_struct_assembly.method_details       ? 
_pdbx_struct_assembly.oligomeric_details   monomeric 
_pdbx_struct_assembly.oligomeric_count     1 
# 
_pdbx_struct_assembly_gen.assembly_id       1 
_pdbx_struct_assembly_gen.oper_expression   1 
_pdbx_struct_assembly_gen.asym_id_list      A,B,C,D 
# 
_pdbx_struct_assembly_auth_evidence.id                     1 
_pdbx_struct_assembly_auth_evidence.assembly_id            1 
_pdbx_struct_assembly_auth_evidence.experimental_support   'mass spectrometry' 
_pdbx_struct_assembly_auth_evidence.details                ? 
# 
_pdbx_struct_oper_list.id                   1 
_pdbx_struct_oper_list.type                 'identity operation' 
_pdbx_struct_oper_list.name                 1_555 
_pdbx_struct_oper_list.symmetry_operation   x,y,z 
_pdbx_struct_oper_list.matrix[1][1]         1.0000000000 
_pdbx_struct_oper_list.matrix[1][2]         0.0000000000 
_pdbx_struct_oper_list.matrix[1][3]         0.0000000000 
_pdbx_struct_oper_list.vector[1]            0.0000000000 
_pdbx_struct_oper_list.matrix[2][1]         0.0000000000 
_pdbx_struct_oper_list.matrix[2][2]         1.0000000000 
_pdbx_struct_oper_list.matrix[2][3]         0.0000000000 
_pdbx_struct_oper_list.vector[2]            0.0000000000 
_pdbx_struct_oper_list.matrix[3][1]         0.0000000000 
_pdbx_struct_oper_list.matrix[3][2]         0.0000000000 
_pdbx_struct_oper_list.matrix[3][3]         1.0000000000 
_pdbx_struct_oper_list.vector[3]            0.0000000000 
# 
loop_
_struct_conf.conf_type_id 
_struct_conf.id 
_struct_conf.pdbx_PDB_helix_id 
_struct_conf.beg_label_comp_id 
_struct_conf.beg_label_asym_id 
_struct_conf.beg_label_seq_id 
_struct_conf.pdbx_beg_PDB_ins_code 
_struct_conf.end_label_comp_id 
_struct_conf.end_label_asym_id 
_struct_conf.end_label_seq_id 
_struct_conf.pdbx_end_PDB_ins_code 
_struct_conf.beg_auth_comp_id 
_struct_conf.beg_auth_asym_id 
_struct_conf.beg_auth_seq_id 
_struct_conf.end_auth_comp_id 
_struct_conf.end_auth_asym_id 
_struct_conf.end_auth_seq_id 
_struct_conf.pdbx_PDB_helix_class 
_struct_conf.details 
_struct_conf.pdbx_PDB_helix_length 
HELX_P HELX_P1 AA1 ASN A 11  ? ARG A 24  ? ASN A 23  ARG A 36  1 ? 14 
HELX_P HELX_P2 AA2 ASP A 40  ? CYS A 52  ? ASP A 52  CYS A 64  1 ? 13 
HELX_P HELX_P3 AA3 VAL A 60  ? ALA A 65  ? VAL A 72  ALA A 77  1 ? 6  
HELX_P HELX_P4 AA4 ALA A 113 ? LYS A 116 ? ALA A 125 LYS A 128 5 ? 4  
# 
_struct_conf_type.id          HELX_P 
_struct_conf_type.criteria    ? 
_struct_conf_type.reference   ? 
# 
_struct_conn.id                            covale1 
_struct_conn.conn_type_id                  covale 
_struct_conn.pdbx_leaving_atom_flag        none 
_struct_conn.pdbx_PDB_id                   ? 
_struct_conn.ptnr1_label_asym_id           A 
_struct_conn.ptnr1_label_comp_id           CYS 
_struct_conn.ptnr1_label_seq_id            41 
_struct_conn.ptnr1_label_atom_id           SG 
_struct_conn.pdbx_ptnr1_label_alt_id       ? 
_struct_conn.pdbx_ptnr1_PDB_ins_code       ? 
_struct_conn.pdbx_ptnr1_standard_comp_id   ? 
_struct_conn.ptnr1_symmetry                1_555 
_struct_conn.ptnr2_label_asym_id           B 
_struct_conn.ptnr2_label_comp_id           E64 
_struct_conn.ptnr2_label_seq_id            . 
_struct_conn.ptnr2_label_atom_id           C2 
_struct_conn.pdbx_ptnr2_label_alt_id       ? 
_struct_conn.pdbx_ptnr2_PDB_ins_code       ? 
_struct_conn.ptnr1_auth_asym_id            A 
_struct_conn.ptnr1_auth_comp_id            CYS 
_struct_conn.ptnr1_auth_seq_id             53 
_struct_conn.ptnr2_auth_asym_id            A 
_struct_conn.ptnr2_auth_comp_id            E64 
_struct_conn.ptnr2_auth_seq_id             201 
_struct_conn.ptnr2_symmetry                1_555 
_struct_conn.pdbx_ptnr3_label_atom_id      ? 
_struct_conn.pdbx_ptnr3_label_seq_id       ? 
_struct_conn.pdbx_ptnr3_label_comp_id      ? 
_struct_conn.pdbx_ptnr3_label_asym_id      ? 
_struct_conn.pdbx_ptnr3_label_alt_id       ? 
_struct_conn.pdbx_ptnr3_PDB_ins_code       ? 
_struct_conn.details                       ? 
_struct_conn.pdbx_dist_value               1.811 
_struct_conn.pdbx_value_order              ? 
_struct_conn.pdbx_role                     ? 
# 
_struct_conn_type.id          covale 
_struct_conn_type.criteria    ? 
_struct_conn_type.reference   ? 
# 
_pdbx_modification_feature.ordinal                            1 
_pdbx_modification_feature.label_comp_id                      E64 
_pdbx_modification_feature.label_asym_id                      B 
_pdbx_modification_feature.label_seq_id                       . 
_pdbx_modification_feature.label_alt_id                       ? 
_pdbx_modification_feature.modified_residue_label_comp_id     CYS 
_pdbx_modification_feature.modified_residue_label_asym_id     A 
_pdbx_modification_feature.modified_residue_label_seq_id      41 
_pdbx_modification_feature.modified_residue_label_alt_id      ? 
_pdbx_modification_feature.auth_comp_id                       E64 
_pdbx_modification_feature.auth_asym_id                       A 
_pdbx_modification_feature.auth_seq_id                        201 
_pdbx_modification_feature.PDB_ins_code                       ? 
_pdbx_modification_feature.symmetry                           1_555 
_pdbx_modification_feature.modified_residue_auth_comp_id      CYS 
_pdbx_modification_feature.modified_residue_auth_asym_id      A 
_pdbx_modification_feature.modified_residue_auth_seq_id       53 
_pdbx_modification_feature.modified_residue_PDB_ins_code      ? 
_pdbx_modification_feature.modified_residue_symmetry          1_555 
_pdbx_modification_feature.comp_id_linking_atom               C2 
_pdbx_modification_feature.modified_residue_id_linking_atom   SG 
_pdbx_modification_feature.modified_residue_id                CYS 
_pdbx_modification_feature.ref_pcm_id                         1 
_pdbx_modification_feature.ref_comp_id                        E64 
_pdbx_modification_feature.type                               None 
_pdbx_modification_feature.category                           'Covalent chemical modification' 
# 
loop_
_struct_mon_prot_cis.pdbx_id 
_struct_mon_prot_cis.label_comp_id 
_struct_mon_prot_cis.label_seq_id 
_struct_mon_prot_cis.label_asym_id 
_struct_mon_prot_cis.label_alt_id 
_struct_mon_prot_cis.pdbx_PDB_ins_code 
_struct_mon_prot_cis.auth_comp_id 
_struct_mon_prot_cis.auth_seq_id 
_struct_mon_prot_cis.auth_asym_id 
_struct_mon_prot_cis.pdbx_label_comp_id_2 
_struct_mon_prot_cis.pdbx_label_seq_id_2 
_struct_mon_prot_cis.pdbx_label_asym_id_2 
_struct_mon_prot_cis.pdbx_PDB_ins_code_2 
_struct_mon_prot_cis.pdbx_auth_comp_id_2 
_struct_mon_prot_cis.pdbx_auth_seq_id_2 
_struct_mon_prot_cis.pdbx_auth_asym_id_2 
_struct_mon_prot_cis.pdbx_PDB_model_num 
_struct_mon_prot_cis.pdbx_omega_angle 
1 GLY 35 A . ? GLY 47 A PRO 36 A ? PRO 48 A 1 8.07 
2 ASN 83 A . ? ASN 95 A PRO 84 A ? PRO 96 A 1 7.17 
# 
loop_
_struct_sheet.id 
_struct_sheet.type 
_struct_sheet.number_strands 
_struct_sheet.details 
AA1 ? 2 ? 
AA2 ? 6 ? 
# 
loop_
_struct_sheet_order.sheet_id 
_struct_sheet_order.range_id_1 
_struct_sheet_order.range_id_2 
_struct_sheet_order.offset 
_struct_sheet_order.sense 
AA1 1 2 ? parallel      
AA2 1 2 ? anti-parallel 
AA2 2 3 ? anti-parallel 
AA2 3 4 ? anti-parallel 
AA2 4 5 ? anti-parallel 
AA2 5 6 ? anti-parallel 
# 
loop_
_struct_sheet_range.sheet_id 
_struct_sheet_range.id 
_struct_sheet_range.beg_label_comp_id 
_struct_sheet_range.beg_label_asym_id 
_struct_sheet_range.beg_label_seq_id 
_struct_sheet_range.pdbx_beg_PDB_ins_code 
_struct_sheet_range.end_label_comp_id 
_struct_sheet_range.end_label_asym_id 
_struct_sheet_range.end_label_seq_id 
_struct_sheet_range.pdbx_end_PDB_ins_code 
_struct_sheet_range.beg_auth_comp_id 
_struct_sheet_range.beg_auth_asym_id 
_struct_sheet_range.beg_auth_seq_id 
_struct_sheet_range.end_auth_comp_id 
_struct_sheet_range.end_auth_asym_id 
_struct_sheet_range.end_auth_seq_id 
AA1 1 GLN A 28  ? TYR A 29  ? GLN A 40  TYR A 41  
AA1 2 LEU A 38  ? PHE A 39  ? LEU A 50  PHE A 51  
AA2 1 LYS A 69  ? ALA A 70  ? LYS A 81  ALA A 82  
AA2 2 TYR A 119 ? ARG A 123 ? TYR A 131 ARG A 135 
AA2 3 VAL A 78  ? PHE A 81  ? VAL A 90  PHE A 93  
AA2 4 HIS A 87  ? CYS A 91  ? HIS A 99  CYS A 103 
AA2 5 SER A 96  ? HIS A 99  ? SER A 108 HIS A 111 
AA2 6 CYS A 108 ? LYS A 111 ? CYS A 120 LYS A 123 
# 
loop_
_pdbx_struct_sheet_hbond.sheet_id 
_pdbx_struct_sheet_hbond.range_id_1 
_pdbx_struct_sheet_hbond.range_id_2 
_pdbx_struct_sheet_hbond.range_1_label_atom_id 
_pdbx_struct_sheet_hbond.range_1_label_comp_id 
_pdbx_struct_sheet_hbond.range_1_label_asym_id 
_pdbx_struct_sheet_hbond.range_1_label_seq_id 
_pdbx_struct_sheet_hbond.range_1_PDB_ins_code 
_pdbx_struct_sheet_hbond.range_1_auth_atom_id 
_pdbx_struct_sheet_hbond.range_1_auth_comp_id 
_pdbx_struct_sheet_hbond.range_1_auth_asym_id 
_pdbx_struct_sheet_hbond.range_1_auth_seq_id 
_pdbx_struct_sheet_hbond.range_2_label_atom_id 
_pdbx_struct_sheet_hbond.range_2_label_comp_id 
_pdbx_struct_sheet_hbond.range_2_label_asym_id 
_pdbx_struct_sheet_hbond.range_2_label_seq_id 
_pdbx_struct_sheet_hbond.range_2_PDB_ins_code 
_pdbx_struct_sheet_hbond.range_2_auth_atom_id 
_pdbx_struct_sheet_hbond.range_2_auth_comp_id 
_pdbx_struct_sheet_hbond.range_2_auth_asym_id 
_pdbx_struct_sheet_hbond.range_2_auth_seq_id 
AA1 1 2 N GLN A 28  ? N GLN A 40  O PHE A 39  ? O PHE A 51  
AA2 1 2 N LYS A 69  ? N LYS A 81  O ARG A 123 ? O ARG A 135 
AA2 2 3 O ARG A 122 ? O ARG A 134 N VAL A 78  ? N VAL A 90  
AA2 3 4 N VAL A 79  ? N VAL A 91  O GLY A 89  ? O GLY A 101 
AA2 4 5 N ILE A 90  ? N ILE A 102 O VAL A 98  ? O VAL A 110 
AA2 5 6 N HIS A 99  ? N HIS A 111 O CYS A 108 ? O CYS A 120 
# 
_pdbx_entry_details.entry_id                   8EV5 
_pdbx_entry_details.has_ligand_of_interest     Y 
_pdbx_entry_details.compound_details           ? 
_pdbx_entry_details.source_details             ? 
_pdbx_entry_details.nonpolymer_details         ? 
_pdbx_entry_details.sequence_details           ? 
_pdbx_entry_details.has_protein_modification   Y 
# 
loop_
_pdbx_unobs_or_zero_occ_residues.id 
_pdbx_unobs_or_zero_occ_residues.PDB_model_num 
_pdbx_unobs_or_zero_occ_residues.polymer_flag 
_pdbx_unobs_or_zero_occ_residues.occupancy_flag 
_pdbx_unobs_or_zero_occ_residues.auth_asym_id 
_pdbx_unobs_or_zero_occ_residues.auth_comp_id 
_pdbx_unobs_or_zero_occ_residues.auth_seq_id 
_pdbx_unobs_or_zero_occ_residues.PDB_ins_code 
_pdbx_unobs_or_zero_occ_residues.label_asym_id 
_pdbx_unobs_or_zero_occ_residues.label_comp_id 
_pdbx_unobs_or_zero_occ_residues.label_seq_id 
1  1 Y 1 A GLY 13 ? A GLY 1  
2  1 Y 1 A PRO 14 ? A PRO 2  
3  1 Y 1 A GLY 15 ? A GLY 3  
4  1 Y 1 A HIS 16 ? A HIS 4  
5  1 Y 1 A GLU 17 ? A GLU 5  
6  1 Y 1 A ARG 18 ? A ARG 6  
7  1 Y 1 A ARG 19 ? A ARG 7  
8  1 Y 1 A GLU 20 ? A GLU 8  
9  1 Y 1 A VAL 21 ? A VAL 9  
10 1 Y 1 A PRO 22 ? A PRO 10 
# 
loop_
_chem_comp_atom.comp_id 
_chem_comp_atom.atom_id 
_chem_comp_atom.type_symbol 
_chem_comp_atom.pdbx_aromatic_flag 
_chem_comp_atom.pdbx_stereo_config 
_chem_comp_atom.pdbx_ordinal 
ALA N    N N N 1   
ALA CA   C N S 2   
ALA C    C N N 3   
ALA O    O N N 4   
ALA CB   C N N 5   
ALA OXT  O N N 6   
ALA H    H N N 7   
ALA H2   H N N 8   
ALA HA   H N N 9   
ALA HB1  H N N 10  
ALA HB2  H N N 11  
ALA HB3  H N N 12  
ALA HXT  H N N 13  
ARG N    N N N 14  
ARG CA   C N S 15  
ARG C    C N N 16  
ARG O    O N N 17  
ARG CB   C N N 18  
ARG CG   C N N 19  
ARG CD   C N N 20  
ARG NE   N N N 21  
ARG CZ   C N N 22  
ARG NH1  N N N 23  
ARG NH2  N N N 24  
ARG OXT  O N N 25  
ARG H    H N N 26  
ARG H2   H N N 27  
ARG HA   H N N 28  
ARG HB2  H N N 29  
ARG HB3  H N N 30  
ARG HG2  H N N 31  
ARG HG3  H N N 32  
ARG HD2  H N N 33  
ARG HD3  H N N 34  
ARG HE   H N N 35  
ARG HH11 H N N 36  
ARG HH12 H N N 37  
ARG HH21 H N N 38  
ARG HH22 H N N 39  
ARG HXT  H N N 40  
ASN N    N N N 41  
ASN CA   C N S 42  
ASN C    C N N 43  
ASN O    O N N 44  
ASN CB   C N N 45  
ASN CG   C N N 46  
ASN OD1  O N N 47  
ASN ND2  N N N 48  
ASN OXT  O N N 49  
ASN H    H N N 50  
ASN H2   H N N 51  
ASN HA   H N N 52  
ASN HB2  H N N 53  
ASN HB3  H N N 54  
ASN HD21 H N N 55  
ASN HD22 H N N 56  
ASN HXT  H N N 57  
ASP N    N N N 58  
ASP CA   C N S 59  
ASP C    C N N 60  
ASP O    O N N 61  
ASP CB   C N N 62  
ASP CG   C N N 63  
ASP OD1  O N N 64  
ASP OD2  O N N 65  
ASP OXT  O N N 66  
ASP H    H N N 67  
ASP H2   H N N 68  
ASP HA   H N N 69  
ASP HB2  H N N 70  
ASP HB3  H N N 71  
ASP HD2  H N N 72  
ASP HXT  H N N 73  
CYS N    N N N 74  
CYS CA   C N R 75  
CYS C    C N N 76  
CYS O    O N N 77  
CYS CB   C N N 78  
CYS SG   S N N 79  
CYS OXT  O N N 80  
CYS H    H N N 81  
CYS H2   H N N 82  
CYS HA   H N N 83  
CYS HB2  H N N 84  
CYS HB3  H N N 85  
CYS HG   H N N 86  
CYS HXT  H N N 87  
E64 C1   C N N 88  
E64 O1   O N N 89  
E64 O2   O N N 90  
E64 C2   C N N 91  
E64 C3   C N S 92  
E64 O3   O N N 93  
E64 C4   C N N 94  
E64 O4   O N N 95  
E64 N1   N N N 96  
E64 C6   C N S 97  
E64 C7   C N N 98  
E64 C8   C N N 99  
E64 C9   C N N 100 
E64 C10  C N N 101 
E64 C11  C N N 102 
E64 O5   O N N 103 
E64 N2   N N N 104 
E64 C12  C N N 105 
E64 C13  C N N 106 
E64 C14  C N N 107 
E64 C15  C N N 108 
E64 N3   N N N 109 
E64 C16  C N N 110 
E64 N4   N N N 111 
E64 N5   N N N 112 
E64 HO2  H N N 113 
E64 H21  H N N 114 
E64 H22  H N N 115 
E64 H3   H N N 116 
E64 HO3  H N N 117 
E64 HN1  H N N 118 
E64 H6   H N N 119 
E64 H71  H N N 120 
E64 H72  H N N 121 
E64 H8   H N N 122 
E64 H91  H N N 123 
E64 H92  H N N 124 
E64 H93  H N N 125 
E64 H101 H N N 126 
E64 H102 H N N 127 
E64 H103 H N N 128 
E64 HN2  H N N 129 
E64 H121 H N N 130 
E64 H122 H N N 131 
E64 H131 H N N 132 
E64 H132 H N N 133 
E64 H141 H N N 134 
E64 H142 H N N 135 
E64 H151 H N N 136 
E64 H152 H N N 137 
E64 HN3  H N N 138 
E64 HN41 H N N 139 
E64 HN42 H N N 140 
E64 HN51 H N N 141 
E64 HN52 H N N 142 
GLN N    N N N 143 
GLN CA   C N S 144 
GLN C    C N N 145 
GLN O    O N N 146 
GLN CB   C N N 147 
GLN CG   C N N 148 
GLN CD   C N N 149 
GLN OE1  O N N 150 
GLN NE2  N N N 151 
GLN OXT  O N N 152 
GLN H    H N N 153 
GLN H2   H N N 154 
GLN HA   H N N 155 
GLN HB2  H N N 156 
GLN HB3  H N N 157 
GLN HG2  H N N 158 
GLN HG3  H N N 159 
GLN HE21 H N N 160 
GLN HE22 H N N 161 
GLN HXT  H N N 162 
GLU N    N N N 163 
GLU CA   C N S 164 
GLU C    C N N 165 
GLU O    O N N 166 
GLU CB   C N N 167 
GLU CG   C N N 168 
GLU CD   C N N 169 
GLU OE1  O N N 170 
GLU OE2  O N N 171 
GLU OXT  O N N 172 
GLU H    H N N 173 
GLU H2   H N N 174 
GLU HA   H N N 175 
GLU HB2  H N N 176 
GLU HB3  H N N 177 
GLU HG2  H N N 178 
GLU HG3  H N N 179 
GLU HE2  H N N 180 
GLU HXT  H N N 181 
GLY N    N N N 182 
GLY CA   C N N 183 
GLY C    C N N 184 
GLY O    O N N 185 
GLY OXT  O N N 186 
GLY H    H N N 187 
GLY H2   H N N 188 
GLY HA2  H N N 189 
GLY HA3  H N N 190 
GLY HXT  H N N 191 
HIS N    N N N 192 
HIS CA   C N S 193 
HIS C    C N N 194 
HIS O    O N N 195 
HIS CB   C N N 196 
HIS CG   C Y N 197 
HIS ND1  N Y N 198 
HIS CD2  C Y N 199 
HIS CE1  C Y N 200 
HIS NE2  N Y N 201 
HIS OXT  O N N 202 
HIS H    H N N 203 
HIS H2   H N N 204 
HIS HA   H N N 205 
HIS HB2  H N N 206 
HIS HB3  H N N 207 
HIS HD1  H N N 208 
HIS HD2  H N N 209 
HIS HE1  H N N 210 
HIS HE2  H N N 211 
HIS HXT  H N N 212 
HOH O    O N N 213 
HOH H1   H N N 214 
HOH H2   H N N 215 
ILE N    N N N 216 
ILE CA   C N S 217 
ILE C    C N N 218 
ILE O    O N N 219 
ILE CB   C N S 220 
ILE CG1  C N N 221 
ILE CG2  C N N 222 
ILE CD1  C N N 223 
ILE OXT  O N N 224 
ILE H    H N N 225 
ILE H2   H N N 226 
ILE HA   H N N 227 
ILE HB   H N N 228 
ILE HG12 H N N 229 
ILE HG13 H N N 230 
ILE HG21 H N N 231 
ILE HG22 H N N 232 
ILE HG23 H N N 233 
ILE HD11 H N N 234 
ILE HD12 H N N 235 
ILE HD13 H N N 236 
ILE HXT  H N N 237 
LEU N    N N N 238 
LEU CA   C N S 239 
LEU C    C N N 240 
LEU O    O N N 241 
LEU CB   C N N 242 
LEU CG   C N N 243 
LEU CD1  C N N 244 
LEU CD2  C N N 245 
LEU OXT  O N N 246 
LEU H    H N N 247 
LEU H2   H N N 248 
LEU HA   H N N 249 
LEU HB2  H N N 250 
LEU HB3  H N N 251 
LEU HG   H N N 252 
LEU HD11 H N N 253 
LEU HD12 H N N 254 
LEU HD13 H N N 255 
LEU HD21 H N N 256 
LEU HD22 H N N 257 
LEU HD23 H N N 258 
LEU HXT  H N N 259 
LYS N    N N N 260 
LYS CA   C N S 261 
LYS C    C N N 262 
LYS O    O N N 263 
LYS CB   C N N 264 
LYS CG   C N N 265 
LYS CD   C N N 266 
LYS CE   C N N 267 
LYS NZ   N N N 268 
LYS OXT  O N N 269 
LYS H    H N N 270 
LYS H2   H N N 271 
LYS HA   H N N 272 
LYS HB2  H N N 273 
LYS HB3  H N N 274 
LYS HG2  H N N 275 
LYS HG3  H N N 276 
LYS HD2  H N N 277 
LYS HD3  H N N 278 
LYS HE2  H N N 279 
LYS HE3  H N N 280 
LYS HZ1  H N N 281 
LYS HZ2  H N N 282 
LYS HZ3  H N N 283 
LYS HXT  H N N 284 
MET N    N N N 285 
MET CA   C N S 286 
MET C    C N N 287 
MET O    O N N 288 
MET CB   C N N 289 
MET CG   C N N 290 
MET SD   S N N 291 
MET CE   C N N 292 
MET OXT  O N N 293 
MET H    H N N 294 
MET H2   H N N 295 
MET HA   H N N 296 
MET HB2  H N N 297 
MET HB3  H N N 298 
MET HG2  H N N 299 
MET HG3  H N N 300 
MET HE1  H N N 301 
MET HE2  H N N 302 
MET HE3  H N N 303 
MET HXT  H N N 304 
PHE N    N N N 305 
PHE CA   C N S 306 
PHE C    C N N 307 
PHE O    O N N 308 
PHE CB   C N N 309 
PHE CG   C Y N 310 
PHE CD1  C Y N 311 
PHE CD2  C Y N 312 
PHE CE1  C Y N 313 
PHE CE2  C Y N 314 
PHE CZ   C Y N 315 
PHE OXT  O N N 316 
PHE H    H N N 317 
PHE H2   H N N 318 
PHE HA   H N N 319 
PHE HB2  H N N 320 
PHE HB3  H N N 321 
PHE HD1  H N N 322 
PHE HD2  H N N 323 
PHE HE1  H N N 324 
PHE HE2  H N N 325 
PHE HZ   H N N 326 
PHE HXT  H N N 327 
PRO N    N N N 328 
PRO CA   C N S 329 
PRO C    C N N 330 
PRO O    O N N 331 
PRO CB   C N N 332 
PRO CG   C N N 333 
PRO CD   C N N 334 
PRO OXT  O N N 335 
PRO H    H N N 336 
PRO HA   H N N 337 
PRO HB2  H N N 338 
PRO HB3  H N N 339 
PRO HG2  H N N 340 
PRO HG3  H N N 341 
PRO HD2  H N N 342 
PRO HD3  H N N 343 
PRO HXT  H N N 344 
SER N    N N N 345 
SER CA   C N S 346 
SER C    C N N 347 
SER O    O N N 348 
SER CB   C N N 349 
SER OG   O N N 350 
SER OXT  O N N 351 
SER H    H N N 352 
SER H2   H N N 353 
SER HA   H N N 354 
SER HB2  H N N 355 
SER HB3  H N N 356 
SER HG   H N N 357 
SER HXT  H N N 358 
SO4 S    S N N 359 
SO4 O1   O N N 360 
SO4 O2   O N N 361 
SO4 O3   O N N 362 
SO4 O4   O N N 363 
THR N    N N N 364 
THR CA   C N S 365 
THR C    C N N 366 
THR O    O N N 367 
THR CB   C N R 368 
THR OG1  O N N 369 
THR CG2  C N N 370 
THR OXT  O N N 371 
THR H    H N N 372 
THR H2   H N N 373 
THR HA   H N N 374 
THR HB   H N N 375 
THR HG1  H N N 376 
THR HG21 H N N 377 
THR HG22 H N N 378 
THR HG23 H N N 379 
THR HXT  H N N 380 
TYR N    N N N 381 
TYR CA   C N S 382 
TYR C    C N N 383 
TYR O    O N N 384 
TYR CB   C N N 385 
TYR CG   C Y N 386 
TYR CD1  C Y N 387 
TYR CD2  C Y N 388 
TYR CE1  C Y N 389 
TYR CE2  C Y N 390 
TYR CZ   C Y N 391 
TYR OH   O N N 392 
TYR OXT  O N N 393 
TYR H    H N N 394 
TYR H2   H N N 395 
TYR HA   H N N 396 
TYR HB2  H N N 397 
TYR HB3  H N N 398 
TYR HD1  H N N 399 
TYR HD2  H N N 400 
TYR HE1  H N N 401 
TYR HE2  H N N 402 
TYR HH   H N N 403 
TYR HXT  H N N 404 
VAL N    N N N 405 
VAL CA   C N S 406 
VAL C    C N N 407 
VAL O    O N N 408 
VAL CB   C N N 409 
VAL CG1  C N N 410 
VAL CG2  C N N 411 
VAL OXT  O N N 412 
VAL H    H N N 413 
VAL H2   H N N 414 
VAL HA   H N N 415 
VAL HB   H N N 416 
VAL HG11 H N N 417 
VAL HG12 H N N 418 
VAL HG13 H N N 419 
VAL HG21 H N N 420 
VAL HG22 H N N 421 
VAL HG23 H N N 422 
VAL HXT  H N N 423 
# 
loop_
_chem_comp_bond.comp_id 
_chem_comp_bond.atom_id_1 
_chem_comp_bond.atom_id_2 
_chem_comp_bond.value_order 
_chem_comp_bond.pdbx_aromatic_flag 
_chem_comp_bond.pdbx_stereo_config 
_chem_comp_bond.pdbx_ordinal 
ALA N   CA   sing N N 1   
ALA N   H    sing N N 2   
ALA N   H2   sing N N 3   
ALA CA  C    sing N N 4   
ALA CA  CB   sing N N 5   
ALA CA  HA   sing N N 6   
ALA C   O    doub N N 7   
ALA C   OXT  sing N N 8   
ALA CB  HB1  sing N N 9   
ALA CB  HB2  sing N N 10  
ALA CB  HB3  sing N N 11  
ALA OXT HXT  sing N N 12  
ARG N   CA   sing N N 13  
ARG N   H    sing N N 14  
ARG N   H2   sing N N 15  
ARG CA  C    sing N N 16  
ARG CA  CB   sing N N 17  
ARG CA  HA   sing N N 18  
ARG C   O    doub N N 19  
ARG C   OXT  sing N N 20  
ARG CB  CG   sing N N 21  
ARG CB  HB2  sing N N 22  
ARG CB  HB3  sing N N 23  
ARG CG  CD   sing N N 24  
ARG CG  HG2  sing N N 25  
ARG CG  HG3  sing N N 26  
ARG CD  NE   sing N N 27  
ARG CD  HD2  sing N N 28  
ARG CD  HD3  sing N N 29  
ARG NE  CZ   sing N N 30  
ARG NE  HE   sing N N 31  
ARG CZ  NH1  sing N N 32  
ARG CZ  NH2  doub N N 33  
ARG NH1 HH11 sing N N 34  
ARG NH1 HH12 sing N N 35  
ARG NH2 HH21 sing N N 36  
ARG NH2 HH22 sing N N 37  
ARG OXT HXT  sing N N 38  
ASN N   CA   sing N N 39  
ASN N   H    sing N N 40  
ASN N   H2   sing N N 41  
ASN CA  C    sing N N 42  
ASN CA  CB   sing N N 43  
ASN CA  HA   sing N N 44  
ASN C   O    doub N N 45  
ASN C   OXT  sing N N 46  
ASN CB  CG   sing N N 47  
ASN CB  HB2  sing N N 48  
ASN CB  HB3  sing N N 49  
ASN CG  OD1  doub N N 50  
ASN CG  ND2  sing N N 51  
ASN ND2 HD21 sing N N 52  
ASN ND2 HD22 sing N N 53  
ASN OXT HXT  sing N N 54  
ASP N   CA   sing N N 55  
ASP N   H    sing N N 56  
ASP N   H2   sing N N 57  
ASP CA  C    sing N N 58  
ASP CA  CB   sing N N 59  
ASP CA  HA   sing N N 60  
ASP C   O    doub N N 61  
ASP C   OXT  sing N N 62  
ASP CB  CG   sing N N 63  
ASP CB  HB2  sing N N 64  
ASP CB  HB3  sing N N 65  
ASP CG  OD1  doub N N 66  
ASP CG  OD2  sing N N 67  
ASP OD2 HD2  sing N N 68  
ASP OXT HXT  sing N N 69  
CYS N   CA   sing N N 70  
CYS N   H    sing N N 71  
CYS N   H2   sing N N 72  
CYS CA  C    sing N N 73  
CYS CA  CB   sing N N 74  
CYS CA  HA   sing N N 75  
CYS C   O    doub N N 76  
CYS C   OXT  sing N N 77  
CYS CB  SG   sing N N 78  
CYS CB  HB2  sing N N 79  
CYS CB  HB3  sing N N 80  
CYS SG  HG   sing N N 81  
CYS OXT HXT  sing N N 82  
E64 C1  O1   doub N N 83  
E64 C1  O2   sing N N 84  
E64 C1  C2   sing N N 85  
E64 O2  HO2  sing N N 86  
E64 C2  C3   sing N N 87  
E64 C2  H21  sing N N 88  
E64 C2  H22  sing N N 89  
E64 C3  O3   sing N N 90  
E64 C3  C4   sing N N 91  
E64 C3  H3   sing N N 92  
E64 O3  HO3  sing N N 93  
E64 C4  O4   doub N N 94  
E64 C4  N1   sing N N 95  
E64 N1  C6   sing N N 96  
E64 N1  HN1  sing N N 97  
E64 C6  C7   sing N N 98  
E64 C6  C11  sing N N 99  
E64 C6  H6   sing N N 100 
E64 C7  C8   sing N N 101 
E64 C7  H71  sing N N 102 
E64 C7  H72  sing N N 103 
E64 C8  C9   sing N N 104 
E64 C8  C10  sing N N 105 
E64 C8  H8   sing N N 106 
E64 C9  H91  sing N N 107 
E64 C9  H92  sing N N 108 
E64 C9  H93  sing N N 109 
E64 C10 H101 sing N N 110 
E64 C10 H102 sing N N 111 
E64 C10 H103 sing N N 112 
E64 C11 O5   doub N N 113 
E64 C11 N2   sing N N 114 
E64 N2  C12  sing N N 115 
E64 N2  HN2  sing N N 116 
E64 C12 C13  sing N N 117 
E64 C12 H121 sing N N 118 
E64 C12 H122 sing N N 119 
E64 C13 C14  sing N N 120 
E64 C13 H131 sing N N 121 
E64 C13 H132 sing N N 122 
E64 C14 C15  sing N N 123 
E64 C14 H141 sing N N 124 
E64 C14 H142 sing N N 125 
E64 C15 N3   sing N N 126 
E64 C15 H151 sing N N 127 
E64 C15 H152 sing N N 128 
E64 N3  C16  sing N N 129 
E64 N3  HN3  sing N N 130 
E64 C16 N4   sing N N 131 
E64 C16 N5   doub N N 132 
E64 N4  HN41 sing N N 133 
E64 N4  HN42 sing N N 134 
E64 N5  HN51 sing N N 135 
E64 N5  HN52 sing N N 136 
GLN N   CA   sing N N 137 
GLN N   H    sing N N 138 
GLN N   H2   sing N N 139 
GLN CA  C    sing N N 140 
GLN CA  CB   sing N N 141 
GLN CA  HA   sing N N 142 
GLN C   O    doub N N 143 
GLN C   OXT  sing N N 144 
GLN CB  CG   sing N N 145 
GLN CB  HB2  sing N N 146 
GLN CB  HB3  sing N N 147 
GLN CG  CD   sing N N 148 
GLN CG  HG2  sing N N 149 
GLN CG  HG3  sing N N 150 
GLN CD  OE1  doub N N 151 
GLN CD  NE2  sing N N 152 
GLN NE2 HE21 sing N N 153 
GLN NE2 HE22 sing N N 154 
GLN OXT HXT  sing N N 155 
GLU N   CA   sing N N 156 
GLU N   H    sing N N 157 
GLU N   H2   sing N N 158 
GLU CA  C    sing N N 159 
GLU CA  CB   sing N N 160 
GLU CA  HA   sing N N 161 
GLU C   O    doub N N 162 
GLU C   OXT  sing N N 163 
GLU CB  CG   sing N N 164 
GLU CB  HB2  sing N N 165 
GLU CB  HB3  sing N N 166 
GLU CG  CD   sing N N 167 
GLU CG  HG2  sing N N 168 
GLU CG  HG3  sing N N 169 
GLU CD  OE1  doub N N 170 
GLU CD  OE2  sing N N 171 
GLU OE2 HE2  sing N N 172 
GLU OXT HXT  sing N N 173 
GLY N   CA   sing N N 174 
GLY N   H    sing N N 175 
GLY N   H2   sing N N 176 
GLY CA  C    sing N N 177 
GLY CA  HA2  sing N N 178 
GLY CA  HA3  sing N N 179 
GLY C   O    doub N N 180 
GLY C   OXT  sing N N 181 
GLY OXT HXT  sing N N 182 
HIS N   CA   sing N N 183 
HIS N   H    sing N N 184 
HIS N   H2   sing N N 185 
HIS CA  C    sing N N 186 
HIS CA  CB   sing N N 187 
HIS CA  HA   sing N N 188 
HIS C   O    doub N N 189 
HIS C   OXT  sing N N 190 
HIS CB  CG   sing N N 191 
HIS CB  HB2  sing N N 192 
HIS CB  HB3  sing N N 193 
HIS CG  ND1  sing Y N 194 
HIS CG  CD2  doub Y N 195 
HIS ND1 CE1  doub Y N 196 
HIS ND1 HD1  sing N N 197 
HIS CD2 NE2  sing Y N 198 
HIS CD2 HD2  sing N N 199 
HIS CE1 NE2  sing Y N 200 
HIS CE1 HE1  sing N N 201 
HIS NE2 HE2  sing N N 202 
HIS OXT HXT  sing N N 203 
HOH O   H1   sing N N 204 
HOH O   H2   sing N N 205 
ILE N   CA   sing N N 206 
ILE N   H    sing N N 207 
ILE N   H2   sing N N 208 
ILE CA  C    sing N N 209 
ILE CA  CB   sing N N 210 
ILE CA  HA   sing N N 211 
ILE C   O    doub N N 212 
ILE C   OXT  sing N N 213 
ILE CB  CG1  sing N N 214 
ILE CB  CG2  sing N N 215 
ILE CB  HB   sing N N 216 
ILE CG1 CD1  sing N N 217 
ILE CG1 HG12 sing N N 218 
ILE CG1 HG13 sing N N 219 
ILE CG2 HG21 sing N N 220 
ILE CG2 HG22 sing N N 221 
ILE CG2 HG23 sing N N 222 
ILE CD1 HD11 sing N N 223 
ILE CD1 HD12 sing N N 224 
ILE CD1 HD13 sing N N 225 
ILE OXT HXT  sing N N 226 
LEU N   CA   sing N N 227 
LEU N   H    sing N N 228 
LEU N   H2   sing N N 229 
LEU CA  C    sing N N 230 
LEU CA  CB   sing N N 231 
LEU CA  HA   sing N N 232 
LEU C   O    doub N N 233 
LEU C   OXT  sing N N 234 
LEU CB  CG   sing N N 235 
LEU CB  HB2  sing N N 236 
LEU CB  HB3  sing N N 237 
LEU CG  CD1  sing N N 238 
LEU CG  CD2  sing N N 239 
LEU CG  HG   sing N N 240 
LEU CD1 HD11 sing N N 241 
LEU CD1 HD12 sing N N 242 
LEU CD1 HD13 sing N N 243 
LEU CD2 HD21 sing N N 244 
LEU CD2 HD22 sing N N 245 
LEU CD2 HD23 sing N N 246 
LEU OXT HXT  sing N N 247 
LYS N   CA   sing N N 248 
LYS N   H    sing N N 249 
LYS N   H2   sing N N 250 
LYS CA  C    sing N N 251 
LYS CA  CB   sing N N 252 
LYS CA  HA   sing N N 253 
LYS C   O    doub N N 254 
LYS C   OXT  sing N N 255 
LYS CB  CG   sing N N 256 
LYS CB  HB2  sing N N 257 
LYS CB  HB3  sing N N 258 
LYS CG  CD   sing N N 259 
LYS CG  HG2  sing N N 260 
LYS CG  HG3  sing N N 261 
LYS CD  CE   sing N N 262 
LYS CD  HD2  sing N N 263 
LYS CD  HD3  sing N N 264 
LYS CE  NZ   sing N N 265 
LYS CE  HE2  sing N N 266 
LYS CE  HE3  sing N N 267 
LYS NZ  HZ1  sing N N 268 
LYS NZ  HZ2  sing N N 269 
LYS NZ  HZ3  sing N N 270 
LYS OXT HXT  sing N N 271 
MET N   CA   sing N N 272 
MET N   H    sing N N 273 
MET N   H2   sing N N 274 
MET CA  C    sing N N 275 
MET CA  CB   sing N N 276 
MET CA  HA   sing N N 277 
MET C   O    doub N N 278 
MET C   OXT  sing N N 279 
MET CB  CG   sing N N 280 
MET CB  HB2  sing N N 281 
MET CB  HB3  sing N N 282 
MET CG  SD   sing N N 283 
MET CG  HG2  sing N N 284 
MET CG  HG3  sing N N 285 
MET SD  CE   sing N N 286 
MET CE  HE1  sing N N 287 
MET CE  HE2  sing N N 288 
MET CE  HE3  sing N N 289 
MET OXT HXT  sing N N 290 
PHE N   CA   sing N N 291 
PHE N   H    sing N N 292 
PHE N   H2   sing N N 293 
PHE CA  C    sing N N 294 
PHE CA  CB   sing N N 295 
PHE CA  HA   sing N N 296 
PHE C   O    doub N N 297 
PHE C   OXT  sing N N 298 
PHE CB  CG   sing N N 299 
PHE CB  HB2  sing N N 300 
PHE CB  HB3  sing N N 301 
PHE CG  CD1  doub Y N 302 
PHE CG  CD2  sing Y N 303 
PHE CD1 CE1  sing Y N 304 
PHE CD1 HD1  sing N N 305 
PHE CD2 CE2  doub Y N 306 
PHE CD2 HD2  sing N N 307 
PHE CE1 CZ   doub Y N 308 
PHE CE1 HE1  sing N N 309 
PHE CE2 CZ   sing Y N 310 
PHE CE2 HE2  sing N N 311 
PHE CZ  HZ   sing N N 312 
PHE OXT HXT  sing N N 313 
PRO N   CA   sing N N 314 
PRO N   CD   sing N N 315 
PRO N   H    sing N N 316 
PRO CA  C    sing N N 317 
PRO CA  CB   sing N N 318 
PRO CA  HA   sing N N 319 
PRO C   O    doub N N 320 
PRO C   OXT  sing N N 321 
PRO CB  CG   sing N N 322 
PRO CB  HB2  sing N N 323 
PRO CB  HB3  sing N N 324 
PRO CG  CD   sing N N 325 
PRO CG  HG2  sing N N 326 
PRO CG  HG3  sing N N 327 
PRO CD  HD2  sing N N 328 
PRO CD  HD3  sing N N 329 
PRO OXT HXT  sing N N 330 
SER N   CA   sing N N 331 
SER N   H    sing N N 332 
SER N   H2   sing N N 333 
SER CA  C    sing N N 334 
SER CA  CB   sing N N 335 
SER CA  HA   sing N N 336 
SER C   O    doub N N 337 
SER C   OXT  sing N N 338 
SER CB  OG   sing N N 339 
SER CB  HB2  sing N N 340 
SER CB  HB3  sing N N 341 
SER OG  HG   sing N N 342 
SER OXT HXT  sing N N 343 
SO4 S   O1   doub N N 344 
SO4 S   O2   doub N N 345 
SO4 S   O3   sing N N 346 
SO4 S   O4   sing N N 347 
THR N   CA   sing N N 348 
THR N   H    sing N N 349 
THR N   H2   sing N N 350 
THR CA  C    sing N N 351 
THR CA  CB   sing N N 352 
THR CA  HA   sing N N 353 
THR C   O    doub N N 354 
THR C   OXT  sing N N 355 
THR CB  OG1  sing N N 356 
THR CB  CG2  sing N N 357 
THR CB  HB   sing N N 358 
THR OG1 HG1  sing N N 359 
THR CG2 HG21 sing N N 360 
THR CG2 HG22 sing N N 361 
THR CG2 HG23 sing N N 362 
THR OXT HXT  sing N N 363 
TYR N   CA   sing N N 364 
TYR N   H    sing N N 365 
TYR N   H2   sing N N 366 
TYR CA  C    sing N N 367 
TYR CA  CB   sing N N 368 
TYR CA  HA   sing N N 369 
TYR C   O    doub N N 370 
TYR C   OXT  sing N N 371 
TYR CB  CG   sing N N 372 
TYR CB  HB2  sing N N 373 
TYR CB  HB3  sing N N 374 
TYR CG  CD1  doub Y N 375 
TYR CG  CD2  sing Y N 376 
TYR CD1 CE1  sing Y N 377 
TYR CD1 HD1  sing N N 378 
TYR CD2 CE2  doub Y N 379 
TYR CD2 HD2  sing N N 380 
TYR CE1 CZ   doub Y N 381 
TYR CE1 HE1  sing N N 382 
TYR CE2 CZ   sing Y N 383 
TYR CE2 HE2  sing N N 384 
TYR CZ  OH   sing N N 385 
TYR OH  HH   sing N N 386 
TYR OXT HXT  sing N N 387 
VAL N   CA   sing N N 388 
VAL N   H    sing N N 389 
VAL N   H2   sing N N 390 
VAL CA  C    sing N N 391 
VAL CA  CB   sing N N 392 
VAL CA  HA   sing N N 393 
VAL C   O    doub N N 394 
VAL C   OXT  sing N N 395 
VAL CB  CG1  sing N N 396 
VAL CB  CG2  sing N N 397 
VAL CB  HB   sing N N 398 
VAL CG1 HG11 sing N N 399 
VAL CG1 HG12 sing N N 400 
VAL CG1 HG13 sing N N 401 
VAL CG2 HG21 sing N N 402 
VAL CG2 HG22 sing N N 403 
VAL CG2 HG23 sing N N 404 
VAL OXT HXT  sing N N 405 
# 
_pdbx_audit_support.funding_organization   'Royal Society of New Zealand' 
_pdbx_audit_support.country                'New Zealand' 
_pdbx_audit_support.grant_number           ? 
_pdbx_audit_support.ordinal                1 
# 
_atom_sites.entry_id                    8EV5 
_atom_sites.Cartn_transf_matrix[1][1]   ? 
_atom_sites.Cartn_transf_matrix[1][2]   ? 
_atom_sites.Cartn_transf_matrix[1][3]   ? 
_atom_sites.Cartn_transf_matrix[2][1]   ? 
_atom_sites.Cartn_transf_matrix[2][2]   ? 
_atom_sites.Cartn_transf_matrix[2][3]   ? 
_atom_sites.Cartn_transf_matrix[3][1]   ? 
_atom_sites.Cartn_transf_matrix[3][2]   ? 
_atom_sites.Cartn_transf_matrix[3][3]   ? 
_atom_sites.Cartn_transf_vector[1]      ? 
_atom_sites.Cartn_transf_vector[2]      ? 
_atom_sites.Cartn_transf_vector[3]      ? 
_atom_sites.fract_transf_matrix[1][1]   0.00605747 
_atom_sites.fract_transf_matrix[1][2]   0.02871522 
_atom_sites.fract_transf_matrix[1][3]   -0.00167603 
_atom_sites.fract_transf_matrix[2][1]   -0.02667793 
_atom_sites.fract_transf_matrix[2][2]   0.00624899 
_atom_sites.fract_transf_matrix[2][3]   0.01064443 
_atom_sites.fract_transf_matrix[3][1]   0.00202286 
_atom_sites.fract_transf_matrix[3][2]   -0.00012647 
_atom_sites.fract_transf_matrix[3][3]   0.00514411 
_atom_sites.fract_transf_vector[1]      0.411452 
_atom_sites.fract_transf_vector[2]      -0.444741 
_atom_sites.fract_transf_vector[3]      1.080649 
_atom_sites.solution_primary            ? 
_atom_sites.solution_secondary          ? 
_atom_sites.solution_hydrogens          ? 
_atom_sites.special_details             ? 
# 
loop_
_atom_type.symbol 
C 
N 
O 
S 
# 
loop_
_atom_site.group_PDB 
_atom_site.id 
_atom_site.type_symbol 
_atom_site.label_atom_id 
_atom_site.label_alt_id 
_atom_site.label_comp_id 
_atom_site.label_asym_id 
_atom_site.label_entity_id 
_atom_site.label_seq_id 
_atom_site.pdbx_PDB_ins_code 
_atom_site.Cartn_x 
_atom_site.Cartn_y 
_atom_site.Cartn_z 
_atom_site.occupancy 
_atom_site.B_iso_or_equiv 
_atom_site.pdbx_formal_charge 
_atom_site.auth_seq_id 
_atom_site.auth_comp_id 
_atom_site.auth_asym_id 
_atom_site.auth_atom_id 
_atom_site.pdbx_PDB_model_num 
ATOM   1   N N   . ASN A 1 11  ? -13.559 -9.871  0.084   1.00 35.37 ? 23  ASN A N   1 
ATOM   2   C CA  . ASN A 1 11  ? -12.668 -10.974 0.557   1.00 32.79 ? 23  ASN A CA  1 
ATOM   3   C C   . ASN A 1 11  ? -12.091 -10.663 1.939   1.00 30.31 ? 23  ASN A C   1 
ATOM   4   O O   . ASN A 1 11  ? -11.609 -9.539  2.186   1.00 27.60 ? 23  ASN A O   1 
ATOM   5   C CB  . ASN A 1 11  ? -11.527 -11.214 -0.439  1.00 35.14 ? 23  ASN A CB  1 
ATOM   6   C CG  . ASN A 1 11  ? -10.572 -12.301 0.019   1.00 37.40 ? 23  ASN A CG  1 
ATOM   7   O OD1 . ASN A 1 11  ? -9.747  -12.083 0.901   1.00 39.10 ? 23  ASN A OD1 1 
ATOM   8   N ND2 . ASN A 1 11  ? -10.677 -13.475 -0.580  1.00 38.63 ? 23  ASN A ND2 1 
ATOM   9   N N   . ALA A 1 12  ? -12.087 -11.677 2.807   1.00 27.29 ? 24  ALA A N   1 
ATOM   10  C CA  . ALA A 1 12  ? -11.655 -11.509 4.201   1.00 25.39 ? 24  ALA A CA  1 
ATOM   11  C C   . ALA A 1 12  ? -10.169 -11.193 4.363   1.00 22.98 ? 24  ALA A C   1 
ATOM   12  O O   . ALA A 1 12  ? -9.836  -10.315 5.156   1.00 20.10 ? 24  ALA A O   1 
ATOM   13  C CB  . ALA A 1 12  ? -12.031 -12.725 5.035   1.00 26.25 ? 24  ALA A CB  1 
ATOM   14  N N   . SER A 1 13  ? -9.277  -11.887 3.635   1.00 21.04 ? 25  SER A N   1 
ATOM   15  C CA  . SER A 1 13  ? -7.834  -11.578 3.701   1.00 20.69 ? 25  SER A CA  1 
ATOM   16  C C   . SER A 1 13  ? -7.557  -10.177 3.201   1.00 17.36 ? 25  SER A C   1 
ATOM   17  O O   . SER A 1 13  ? -6.739  -9.469  3.768   1.00 18.03 ? 25  SER A O   1 
ATOM   18  C CB  . SER A 1 13  ? -6.981  -12.570 2.897   1.00 22.35 ? 25  SER A CB  1 
ATOM   19  O OG  . SER A 1 13  ? -6.775  -13.751 3.654   1.00 27.68 ? 25  SER A OG  1 
ATOM   20  N N   . GLY A 1 14  ? -8.244  -9.798  2.131   1.00 15.83 ? 26  GLY A N   1 
ATOM   21  C CA  . GLY A 1 14  ? -8.130  -8.453  1.582   1.00 14.99 ? 26  GLY A CA  1 
ATOM   22  C C   . GLY A 1 14  ? -8.512  -7.404  2.600   1.00 14.93 ? 26  GLY A C   1 
ATOM   23  O O   . GLY A 1 14  ? -7.766  -6.444  2.835   1.00 14.16 ? 26  GLY A O   1 
ATOM   24  N N   . SER A 1 15  ? -9.681  -7.599  3.220   1.00 14.12 ? 27  SER A N   1 
ATOM   25  C CA  A SER A 1 15  ? -10.141 -6.688  4.273   0.60 14.40 ? 27  SER A CA  1 
ATOM   26  C CA  B SER A 1 15  ? -10.148 -6.695  4.276   0.40 14.28 ? 27  SER A CA  1 
ATOM   27  C C   . SER A 1 15  ? -9.159  -6.635  5.448   1.00 13.64 ? 27  SER A C   1 
ATOM   28  O O   . SER A 1 15  ? -8.974  -5.584  6.055   1.00 13.50 ? 27  SER A O   1 
ATOM   29  C CB  A SER A 1 15  ? -11.538 -7.082  4.767   0.60 14.49 ? 27  SER A CB  1 
ATOM   30  C CB  B SER A 1 15  ? -11.534 -7.119  4.779   0.40 14.37 ? 27  SER A CB  1 
ATOM   31  O OG  A SER A 1 15  ? -12.502 -6.870  3.752   0.60 14.91 ? 27  SER A OG  1 
ATOM   32  O OG  B SER A 1 15  ? -12.080 -6.149  5.655   0.40 14.74 ? 27  SER A OG  1 
ATOM   33  N N   . ALA A 1 16  ? -8.540  -7.768  5.774   1.00 13.39 ? 28  ALA A N   1 
ATOM   34  C CA  . ALA A 1 16  ? -7.563  -7.821  6.848   1.00 12.75 ? 28  ALA A CA  1 
ATOM   35  C C   . ALA A 1 16  ? -6.334  -6.927  6.569   1.00 12.49 ? 28  ALA A C   1 
ATOM   36  O O   . ALA A 1 16  ? -5.896  -6.144  7.415   1.00 10.85 ? 28  ALA A O   1 
ATOM   37  C CB  . ALA A 1 16  ? -7.147  -9.257  7.134   1.00 13.57 ? 28  ALA A CB  1 
ATOM   38  N N   . ILE A 1 17  ? -5.797  -7.067  5.370   1.00 11.93 ? 29  ILE A N   1 
ATOM   39  C CA  . ILE A 1 17  ? -4.653  -6.240  4.913   1.00 12.03 ? 29  ILE A CA  1 
ATOM   40  C C   . ILE A 1 17  ? -5.021  -4.755  4.980   1.00 11.86 ? 29  ILE A C   1 
ATOM   41  O O   . ILE A 1 17  ? -4.242  -3.927  5.473   1.00 11.03 ? 29  ILE A O   1 
ATOM   42  C CB  . ILE A 1 17  ? -4.270  -6.664  3.492   1.00 12.15 ? 29  ILE A CB  1 
ATOM   43  C CG1 . ILE A 1 17  ? -3.703  -8.092  3.543   1.00 12.78 ? 29  ILE A CG1 1 
ATOM   44  C CG2 . ILE A 1 17  ? -3.264  -5.699  2.839   1.00 12.89 ? 29  ILE A CG2 1 
ATOM   45  C CD1 . ILE A 1 17  ? -3.748  -8.785  2.203   1.00 13.11 ? 29  ILE A CD1 1 
ATOM   46  N N   . LEU A 1 18  ? -6.216  -4.430  4.496   1.00 11.54 ? 30  LEU A N   1 
ATOM   47  C CA  . LEU A 1 18  ? -6.704  -3.048  4.613   1.00 11.64 ? 30  LEU A CA  1 
ATOM   48  C C   . LEU A 1 18  ? -6.812  -2.577  6.055   1.00 11.66 ? 30  LEU A C   1 
ATOM   49  O O   . LEU A 1 18  ? -6.422  -1.474  6.365   1.00 11.15 ? 30  LEU A O   1 
ATOM   50  C CB  . LEU A 1 18  ? -8.034  -2.885  3.892   1.00 11.96 ? 30  LEU A CB  1 
ATOM   51  C CG  . LEU A 1 18  ? -8.685  -1.514  4.062   1.00 12.27 ? 30  LEU A CG  1 
ATOM   52  C CD1 . LEU A 1 18  ? -7.825  -0.418  3.444   1.00 12.86 ? 30  LEU A CD1 1 
ATOM   53  C CD2 . LEU A 1 18  ? -10.073 -1.552  3.503   1.00 12.91 ? 30  LEU A CD2 1 
ATOM   54  N N   . ASN A 1 19  ? -7.373  -3.409  6.924   1.00 11.97 ? 31  ASN A N   1 
ATOM   55  C CA  . ASN A 1 19  ? -7.495  -3.027  8.331   1.00 12.35 ? 31  ASN A CA  1 
ATOM   56  C C   . ASN A 1 19  ? -6.131  -2.813  8.985   1.00 11.97 ? 31  ASN A C   1 
ATOM   57  O O   . ASN A 1 19  ? -5.976  -1.887  9.771   1.00 12.16 ? 31  ASN A O   1 
ATOM   58  C CB  . ASN A 1 19  ? -8.359  -4.022  9.119   1.00 13.24 ? 31  ASN A CB  1 
ATOM   59  C CG  . ASN A 1 19  ? -9.830  -3.679  9.032   1.00 14.31 ? 31  ASN A CG  1 
ATOM   60  O OD1 . ASN A 1 19  ? -10.277 -2.689  9.620   1.00 15.54 ? 31  ASN A OD1 1 
ATOM   61  N ND2 . ASN A 1 19  ? -10.575 -4.427  8.232   1.00 15.02 ? 31  ASN A ND2 1 
ATOM   62  N N   . VAL A 1 20  ? -5.130  -3.635  8.662   1.00 11.41 ? 32  VAL A N   1 
ATOM   63  C CA  . VAL A 1 20  ? -3.801  -3.370  9.182   1.00 11.45 ? 32  VAL A CA  1 
ATOM   64  C C   . VAL A 1 20  ? -3.245  -2.037  8.645   1.00 11.43 ? 32  VAL A C   1 
ATOM   65  O O   . VAL A 1 20  ? -2.700  -1.223  9.408   1.00 11.83 ? 32  VAL A O   1 
ATOM   66  C CB  . VAL A 1 20  ? -2.820  -4.521  8.913   1.00 11.44 ? 32  VAL A CB  1 
ATOM   67  C CG1 . VAL A 1 20  ? -1.427  -4.121  9.372   1.00 11.44 ? 32  VAL A CG1 1 
ATOM   68  C CG2 . VAL A 1 20  ? -3.296  -5.763  9.647   1.00 11.92 ? 32  VAL A CG2 1 
ATOM   69  N N   . ALA A 1 21  ? -3.422  -1.776  7.353   1.00 11.24 ? 33  ALA A N   1 
ATOM   70  C CA  . ALA A 1 21  ? -2.970  -0.509  6.791   1.00 11.38 ? 33  ALA A CA  1 
ATOM   71  C C   . ALA A 1 21  ? -3.646  0.686   7.467   1.00 11.53 ? 33  ALA A C   1 
ATOM   72  O O   . ALA A 1 21  ? -2.982  1.652   7.842   1.00 11.70 ? 33  ALA A O   1 
ATOM   73  C CB  . ALA A 1 21  ? -3.179  -0.451  5.282   1.00 11.07 ? 33  ALA A CB  1 
ATOM   74  N N   . LYS A 1 22  ? -4.963  0.613   7.616   1.00 12.28 ? 34  LYS A N   1 
ATOM   75  C CA  A LYS A 1 22  ? -5.707  1.669   8.295   0.75 12.94 ? 34  LYS A CA  1 
ATOM   76  C CA  B LYS A 1 22  ? -5.713  1.680   8.293   0.25 12.34 ? 34  LYS A CA  1 
ATOM   77  C C   . LYS A 1 22  ? -5.205  1.915   9.721   1.00 12.12 ? 34  LYS A C   1 
ATOM   78  O O   . LYS A 1 22  ? -5.176  3.053   10.195  1.00 12.32 ? 34  LYS A O   1 
ATOM   79  C CB  A LYS A 1 22  ? -7.192  1.351   8.329   0.75 13.98 ? 34  LYS A CB  1 
ATOM   80  C CB  B LYS A 1 22  ? -7.223  1.395   8.310   0.25 12.59 ? 34  LYS A CB  1 
ATOM   81  C CG  A LYS A 1 22  ? -7.860  1.501   6.978   0.75 15.27 ? 34  LYS A CG  1 
ATOM   82  C CG  B LYS A 1 22  ? -7.915  1.639   6.976   0.25 12.87 ? 34  LYS A CG  1 
ATOM   83  C CD  A LYS A 1 22  ? -9.320  1.116   7.016   0.75 16.92 ? 34  LYS A CD  1 
ATOM   84  C CD  B LYS A 1 22  ? -9.434  1.704   7.087   0.25 13.16 ? 34  LYS A CD  1 
ATOM   85  C CE  A LYS A 1 22  ? -10.078 1.684   5.825   0.75 18.33 ? 34  LYS A CE  1 
ATOM   86  C CE  B LYS A 1 22  ? -9.930  2.974   7.761   0.25 13.51 ? 34  LYS A CE  1 
ATOM   87  N NZ  A LYS A 1 22  ? -11.542 1.514   6.003   0.75 19.47 ? 34  LYS A NZ  1 
ATOM   88  N NZ  B LYS A 1 22  ? -11.358 3.269   7.440   0.25 13.64 ? 34  LYS A NZ  1 
ATOM   89  N N   . SER A 1 23  ? -4.819  0.851   10.405  1.00 12.10 ? 35  SER A N   1 
ATOM   90  C CA  . SER A 1 23  ? -4.354  0.960   11.793  1.00 12.23 ? 35  SER A CA  1 
ATOM   91  C C   . SER A 1 23  ? -3.119  1.852   11.919  1.00 12.05 ? 35  SER A C   1 
ATOM   92  O O   . SER A 1 23  ? -2.812  2.347   13.010  1.00 11.87 ? 35  SER A O   1 
ATOM   93  C CB  . SER A 1 23  ? -4.062  -0.425  12.385  1.00 12.19 ? 35  SER A CB  1 
ATOM   94  O OG  . SER A 1 23  ? -2.812  -0.937  11.930  1.00 11.90 ? 35  SER A OG  1 
ATOM   95  N N   . ARG A 1 24  ? -2.357  1.961   10.829  1.00 12.52 ? 36  ARG A N   1 
ATOM   96  C CA  . ARG A 1 24  ? -1.172  2.794   10.782  1.00 12.54 ? 36  ARG A CA  1 
ATOM   97  C C   . ARG A 1 24  ? -1.419  4.261   10.387  1.00 13.32 ? 36  ARG A C   1 
ATOM   98  O O   . ARG A 1 24  ? -0.464  5.020   10.241  1.00 13.91 ? 36  ARG A O   1 
ATOM   99  C CB  . ARG A 1 24  ? -0.153  2.189   9.800   1.00 12.81 ? 36  ARG A CB  1 
ATOM   100 C CG  . ARG A 1 24  ? 0.264   0.744   10.117  1.00 13.03 ? 36  ARG A CG  1 
ATOM   101 C CD  . ARG A 1 24  ? 0.826   0.617   11.521  1.00 13.20 ? 36  ARG A CD  1 
ATOM   102 N NE  . ARG A 1 24  ? -0.144  0.164   12.500  1.00 12.49 ? 36  ARG A NE  1 
ATOM   103 C CZ  . ARG A 1 24  ? 0.129   -0.052  13.788  1.00 13.59 ? 36  ARG A CZ  1 
ATOM   104 N NH1 . ARG A 1 24  ? -0.801  -0.558  14.592  1.00 13.69 ? 36  ARG A NH1 1 
ATOM   105 N NH2 . ARG A 1 24  ? 1.333   0.186   14.286  1.00 13.73 ? 36  ARG A NH2 1 
ATOM   106 N N   . ILE A 1 25  ? -2.669  4.657   10.169  1.00 14.04 ? 37  ILE A N   1 
ATOM   107 C CA  . ILE A 1 25  ? -2.966  6.058   9.821   1.00 14.18 ? 37  ILE A CA  1 
ATOM   108 C C   . ILE A 1 25  ? -2.449  6.974   10.926  1.00 14.89 ? 37  ILE A C   1 
ATOM   109 O O   . ILE A 1 25  ? -2.684  6.719   12.100  1.00 14.99 ? 37  ILE A O   1 
ATOM   110 C CB  . ILE A 1 25  ? -4.468  6.286   9.543   1.00 14.94 ? 37  ILE A CB  1 
ATOM   111 C CG1 . ILE A 1 25  ? -4.834  5.602   8.212   1.00 14.62 ? 37  ILE A CG1 1 
ATOM   112 C CG2 . ILE A 1 25  ? -4.811  7.799   9.507   1.00 14.71 ? 37  ILE A CG2 1 
ATOM   113 C CD1 . ILE A 1 25  ? -6.322  5.347   8.032   1.00 15.32 ? 37  ILE A CD1 1 
ATOM   114 N N   . GLY A 1 26  ? -1.697  8.002   10.529  1.00 14.83 ? 38  GLY A N   1 
ATOM   115 C CA  . GLY A 1 26  ? -1.087  8.943   11.463  1.00 16.33 ? 38  GLY A CA  1 
ATOM   116 C C   . GLY A 1 26  ? 0.369   8.667   11.767  1.00 17.06 ? 38  GLY A C   1 
ATOM   117 O O   . GLY A 1 26  ? 1.063   9.525   12.318  1.00 17.43 ? 38  GLY A O   1 
ATOM   118 N N   . LYS A 1 27  ? 0.863   7.477   11.416  1.00 17.35 ? 39  LYS A N   1 
ATOM   119 C CA  . LYS A 1 27  ? 2.284   7.186   11.614  1.00 16.74 ? 39  LYS A CA  1 
ATOM   120 C C   . LYS A 1 27  ? 3.166   7.977   10.632  1.00 17.30 ? 39  LYS A C   1 
ATOM   121 O O   . LYS A 1 27  ? 2.788   8.228   9.467   1.00 16.52 ? 39  LYS A O   1 
ATOM   122 C CB  . LYS A 1 27  ? 2.567   5.690   11.493  1.00 16.87 ? 39  LYS A CB  1 
ATOM   123 C CG  . LYS A 1 27  ? 1.862   4.808   12.511  1.00 17.14 ? 39  LYS A CG  1 
ATOM   124 C CD  . LYS A 1 27  ? 2.264   5.052   13.949  1.00 17.32 ? 39  LYS A CD  1 
ATOM   125 C CE  . LYS A 1 27  ? 1.767   3.904   14.796  1.00 18.26 ? 39  LYS A CE  1 
ATOM   126 N NZ  . LYS A 1 27  ? 1.827   4.218   16.236  1.00 19.45 ? 39  LYS A NZ  1 
ATOM   127 N N   . GLN A 1 28  ? 4.343   8.355   11.105  1.00 18.57 ? 40  GLN A N   1 
ATOM   128 C CA  A GLN A 1 28  ? 5.231   9.234   10.332  0.60 19.94 ? 40  GLN A CA  1 
ATOM   129 C CA  B GLN A 1 28  ? 5.252   9.230   10.338  0.40 19.71 ? 40  GLN A CA  1 
ATOM   130 C C   . GLN A 1 28  ? 5.914   8.488   9.192   1.00 20.65 ? 40  GLN A C   1 
ATOM   131 O O   . GLN A 1 28  ? 6.174   7.286   9.280   1.00 19.09 ? 40  GLN A O   1 
ATOM   132 C CB  A GLN A 1 28  ? 6.281   9.877   11.242  0.60 22.02 ? 40  GLN A CB  1 
ATOM   133 C CB  B GLN A 1 28  ? 6.343   9.845   11.233  0.40 21.01 ? 40  GLN A CB  1 
ATOM   134 C CG  A GLN A 1 28  ? 5.711   10.719  12.387  0.60 22.81 ? 40  GLN A CG  1 
ATOM   135 C CG  B GLN A 1 28  ? 5.977   11.185  11.857  0.40 21.45 ? 40  GLN A CG  1 
ATOM   136 C CD  A GLN A 1 28  ? 5.107   12.044  11.940  0.60 24.37 ? 40  GLN A CD  1 
ATOM   137 C CD  B GLN A 1 28  ? 7.178   11.877  12.480  0.40 22.29 ? 40  GLN A CD  1 
ATOM   138 O OE1 A GLN A 1 28  ? 5.584   12.682  10.993  0.60 27.55 ? 40  GLN A OE1 1 
ATOM   139 O OE1 B GLN A 1 28  ? 7.901   11.286  13.278  0.40 23.42 ? 40  GLN A OE1 1 
ATOM   140 N NE2 A GLN A 1 28  ? 4.051   12.474  12.633  0.60 25.03 ? 40  GLN A NE2 1 
ATOM   141 N NE2 B GLN A 1 28  ? 7.395   13.138  12.114  0.40 22.61 ? 40  GLN A NE2 1 
ATOM   142 N N   . TYR A 1 29  ? 6.211   9.221   8.129   1.00 21.62 ? 41  TYR A N   1 
ATOM   143 C CA  . TYR A 1 29  ? 6.960   8.710   7.019   1.00 22.18 ? 41  TYR A CA  1 
ATOM   144 C C   . TYR A 1 29  ? 8.416   8.646   7.414   1.00 23.14 ? 41  TYR A C   1 
ATOM   145 O O   . TYR A 1 29  ? 8.952   9.578   8.045   1.00 23.78 ? 41  TYR A O   1 
ATOM   146 C CB  . TYR A 1 29  ? 6.814   9.618   5.790   1.00 21.66 ? 41  TYR A CB  1 
ATOM   147 C CG  . TYR A 1 29  ? 7.420   9.056   4.531   1.00 21.84 ? 41  TYR A CG  1 
ATOM   148 C CD1 . TYR A 1 29  ? 8.792   9.161   4.281   1.00 21.73 ? 41  TYR A CD1 1 
ATOM   149 C CD2 . TYR A 1 29  ? 6.634   8.422   3.585   1.00 20.50 ? 41  TYR A CD2 1 
ATOM   150 C CE1 . TYR A 1 29  ? 9.347   8.647   3.130   1.00 21.91 ? 41  TYR A CE1 1 
ATOM   151 C CE2 . TYR A 1 29  ? 7.178   7.910   2.437   1.00 21.39 ? 41  TYR A CE2 1 
ATOM   152 C CZ  . TYR A 1 29  ? 8.540   8.022   2.218   1.00 21.47 ? 41  TYR A CZ  1 
ATOM   153 O OH  . TYR A 1 29  ? 9.098   7.509   1.087   1.00 23.25 ? 41  TYR A OH  1 
ATOM   154 N N   . MET A 1 30  ? 9.059   7.560   7.031   1.00 22.20 ? 42  MET A N   1 
ATOM   155 C CA  . MET A 1 30  ? 10.513  7.452   7.098   1.00 23.65 ? 42  MET A CA  1 
ATOM   156 C C   . MET A 1 30  ? 10.965  6.586   5.938   1.00 21.37 ? 42  MET A C   1 
ATOM   157 O O   . MET A 1 30  ? 10.503  5.449   5.787   1.00 20.91 ? 42  MET A O   1 
ATOM   158 C CB  . MET A 1 30  ? 10.996  6.833   8.420   1.00 26.43 ? 42  MET A CB  1 
ATOM   159 C CG  . MET A 1 30  ? 12.508  6.980   8.656   1.00 29.91 ? 42  MET A CG  1 
ATOM   160 S SD  . MET A 1 30  ? 13.223  5.886   9.916   1.00 37.38 ? 42  MET A SD  1 
ATOM   161 C CE  . MET A 1 30  ? 13.200  4.330   9.033   1.00 36.85 ? 42  MET A CE  1 
ATOM   162 N N   . SER A 1 31  ? 11.877  7.110   5.119   1.00 20.67 ? 43  SER A N   1 
ATOM   163 C CA  A SER A 1 31  ? 12.528  6.297   4.093   0.50 20.51 ? 43  SER A CA  1 
ATOM   164 C CA  B SER A 1 31  ? 12.519  6.314   4.094   0.50 20.48 ? 43  SER A CA  1 
ATOM   165 C C   . SER A 1 31  ? 13.154  5.100   4.768   1.00 20.25 ? 43  SER A C   1 
ATOM   166 O O   . SER A 1 31  ? 13.878  5.255   5.747   1.00 21.94 ? 43  SER A O   1 
ATOM   167 C CB  A SER A 1 31  ? 13.629  7.074   3.362   0.50 20.62 ? 43  SER A CB  1 
ATOM   168 C CB  B SER A 1 31  ? 13.584  7.150   3.365   0.50 20.56 ? 43  SER A CB  1 
ATOM   169 O OG  A SER A 1 31  ? 13.087  8.193   2.714   0.50 21.27 ? 43  SER A OG  1 
ATOM   170 O OG  B SER A 1 31  ? 14.414  6.325   2.589   0.50 21.15 ? 43  SER A OG  1 
ATOM   171 N N   . GLY A 1 32  ? 12.859  3.909   4.255   1.00 18.51 ? 44  GLY A N   1 
ATOM   172 C CA  . GLY A 1 32  ? 13.316  2.648   4.847   1.00 17.95 ? 44  GLY A CA  1 
ATOM   173 C C   . GLY A 1 32  ? 12.406  2.039   5.912   1.00 16.64 ? 44  GLY A C   1 
ATOM   174 O O   . GLY A 1 32  ? 12.715  0.985   6.433   1.00 18.08 ? 44  GLY A O   1 
ATOM   175 N N   . GLY A 1 33  ? 11.293  2.705   6.236   1.00 15.87 ? 45  GLY A N   1 
ATOM   176 C CA  . GLY A 1 33  ? 10.401  2.259   7.308   1.00 14.85 ? 45  GLY A CA  1 
ATOM   177 C C   . GLY A 1 33  ? 9.463   1.157   6.846   1.00 14.56 ? 45  GLY A C   1 
ATOM   178 O O   . GLY A 1 33  ? 8.863   1.281   5.800   1.00 14.96 ? 45  GLY A O   1 
ATOM   179 N N   . THR A 1 34  ? 9.340   0.088   7.641   1.00 13.78 ? 46  THR A N   1 
ATOM   180 C CA  . THR A 1 34  ? 8.344   -0.964  7.399   1.00 14.52 ? 46  THR A CA  1 
ATOM   181 C C   . THR A 1 34  ? 7.528   -1.216  8.642   1.00 14.81 ? 46  THR A C   1 
ATOM   182 O O   . THR A 1 34  ? 6.962   -2.288  8.796   1.00 15.03 ? 46  THR A O   1 
ATOM   183 C CB  . THR A 1 34  ? 8.956   -2.314  6.928   1.00 14.45 ? 46  THR A CB  1 
ATOM   184 O OG1 . THR A 1 34  ? 9.574   -2.965  8.039   1.00 15.72 ? 46  THR A OG1 1 
ATOM   185 C CG2 . THR A 1 34  ? 9.973   -2.120  5.817   1.00 14.44 ? 46  THR A CG2 1 
ATOM   186 N N   . GLY A 1 35  ? 7.438   -0.221  9.521   1.00 15.36 ? 47  GLY A N   1 
ATOM   187 C CA  . GLY A 1 35  ? 6.641   -0.333  10.721  1.00 15.43 ? 47  GLY A CA  1 
ATOM   188 C C   . GLY A 1 35  ? 7.424   -0.870  11.906  1.00 15.97 ? 47  GLY A C   1 
ATOM   189 O O   . GLY A 1 35  ? 8.584   -1.270  11.756  1.00 17.04 ? 47  GLY A O   1 
ATOM   190 N N   . PRO A 1 36  ? 6.805   -0.912  13.082  1.00 16.04 ? 48  PRO A N   1 
ATOM   191 C CA  . PRO A 1 36  ? 5.372   -0.628  13.235  1.00 15.61 ? 48  PRO A CA  1 
ATOM   192 C C   . PRO A 1 36  ? 5.023   0.855   13.322  1.00 15.56 ? 48  PRO A C   1 
ATOM   193 O O   . PRO A 1 36  ? 3.855   1.198   13.255  1.00 15.32 ? 48  PRO A O   1 
ATOM   194 C CB  . PRO A 1 36  ? 5.022   -1.338  14.541  1.00 16.18 ? 48  PRO A CB  1 
ATOM   195 C CG  . PRO A 1 36  ? 6.307   -1.356  15.299  1.00 16.85 ? 48  PRO A CG  1 
ATOM   196 C CD  . PRO A 1 36  ? 7.343   -1.620  14.251  1.00 16.71 ? 48  PRO A CD  1 
ATOM   197 N N   . ASP A 1 37  ? 6.029   1.723   13.437  1.00 16.41 ? 49  ASP A N   1 
ATOM   198 C CA  . ASP A 1 37  ? 5.796   3.135   13.736  1.00 18.12 ? 49  ASP A CA  1 
ATOM   199 C C   . ASP A 1 37  ? 6.191   4.091   12.628  1.00 16.26 ? 49  ASP A C   1 
ATOM   200 O O   . ASP A 1 37  ? 5.677   5.209   12.594  1.00 17.34 ? 49  ASP A O   1 
ATOM   201 C CB  . ASP A 1 37  ? 6.527   3.497   15.034  1.00 21.56 ? 49  ASP A CB  1 
ATOM   202 C CG  . ASP A 1 37  ? 5.894   2.838   16.252  1.00 23.92 ? 49  ASP A CG  1 
ATOM   203 O OD1 . ASP A 1 37  ? 4.665   2.951   16.434  1.00 28.72 ? 49  ASP A OD1 1 
ATOM   204 O OD2 . ASP A 1 37  ? 6.623   2.189   17.007  1.00 28.12 ? 49  ASP A OD2 1 
ATOM   205 N N   . LEU A 1 38  ? 7.109   3.683   11.759  1.00 15.79 ? 50  LEU A N   1 
ATOM   206 C CA  . LEU A 1 38  ? 7.621   4.548   10.697  1.00 16.82 ? 50  LEU A CA  1 
ATOM   207 C C   . LEU A 1 38  ? 7.555   3.807   9.375   1.00 15.87 ? 50  LEU A C   1 
ATOM   208 O O   . LEU A 1 38  ? 7.909   2.619   9.303   1.00 15.78 ? 50  LEU A O   1 
ATOM   209 C CB  . LEU A 1 38  ? 9.054   4.943   10.998  1.00 17.71 ? 50  LEU A CB  1 
ATOM   210 C CG  . LEU A 1 38  ? 9.233   5.721   12.309  1.00 19.27 ? 50  LEU A CG  1 
ATOM   211 C CD1 . LEU A 1 38  ? 10.690  5.751   12.716  1.00 20.24 ? 50  LEU A CD1 1 
ATOM   212 C CD2 . LEU A 1 38  ? 8.674   7.123   12.168  1.00 19.57 ? 50  LEU A CD2 1 
ATOM   213 N N   . PHE A 1 39  ? 7.120   4.502   8.320   1.00 15.60 ? 51  PHE A N   1 
ATOM   214 C CA  . PHE A 1 39  ? 6.826   3.845   7.037   1.00 14.83 ? 51  PHE A CA  1 
ATOM   215 C C   . PHE A 1 39  ? 7.308   4.614   5.830   1.00 15.80 ? 51  PHE A C   1 
ATOM   216 O O   . PHE A 1 39  ? 7.168   5.833   5.791   1.00 16.02 ? 51  PHE A O   1 
ATOM   217 C CB  . PHE A 1 39  ? 5.318   3.664   6.871   1.00 14.73 ? 51  PHE A CB  1 
ATOM   218 C CG  . PHE A 1 39  ? 4.742   2.702   7.830   1.00 14.11 ? 51  PHE A CG  1 
ATOM   219 C CD1 . PHE A 1 39  ? 4.826   1.340   7.583   1.00 14.40 ? 51  PHE A CD1 1 
ATOM   220 C CD2 . PHE A 1 39  ? 4.194   3.138   9.030   1.00 14.10 ? 51  PHE A CD2 1 
ATOM   221 C CE1 . PHE A 1 39  ? 4.318   0.430   8.497   1.00 13.90 ? 51  PHE A CE1 1 
ATOM   222 C CE2 . PHE A 1 39  ? 3.688   2.233   9.946   1.00 13.87 ? 51  PHE A CE2 1 
ATOM   223 C CZ  . PHE A 1 39  ? 3.764   0.867   9.676   1.00 13.71 ? 51  PHE A CZ  1 
ATOM   224 N N   . ASP A 1 40  ? 7.821   3.892   4.838   1.00 15.39 ? 52  ASP A N   1 
ATOM   225 C CA  . ASP A 1 40  ? 7.788   4.383   3.451   1.00 16.04 ? 52  ASP A CA  1 
ATOM   226 C C   . ASP A 1 40  ? 6.637   3.709   2.704   1.00 16.01 ? 52  ASP A C   1 
ATOM   227 O O   . ASP A 1 40  ? 5.939   2.874   3.291   1.00 13.87 ? 52  ASP A O   1 
ATOM   228 C CB  . ASP A 1 40  ? 9.151   4.318   2.751   1.00 16.40 ? 52  ASP A CB  1 
ATOM   229 C CG  . ASP A 1 40  ? 9.702   2.933   2.594   1.00 17.79 ? 52  ASP A CG  1 
ATOM   230 O OD1 . ASP A 1 40  ? 8.949   1.937   2.491   1.00 16.48 ? 52  ASP A OD1 1 
ATOM   231 O OD2 . ASP A 1 40  ? 10.953  2.840   2.554   1.00 17.49 ? 52  ASP A OD2 1 
ATOM   232 N N   . CYS A 1 41  ? 6.398   4.086   1.450   1.00 15.89 ? 53  CYS A N   1 
ATOM   233 C CA  . CYS A 1 41  ? 5.186   3.620   0.760   1.00 16.64 ? 53  CYS A CA  1 
ATOM   234 C C   . CYS A 1 41  ? 5.109   2.088   0.660   1.00 14.73 ? 53  CYS A C   1 
ATOM   235 O O   . CYS A 1 41  ? 4.101   1.471   1.017   1.00 13.95 ? 53  CYS A O   1 
ATOM   236 C CB  . CYS A 1 41  ? 5.012   4.277   -0.624  1.00 18.19 ? 53  CYS A CB  1 
ATOM   237 S SG  . CYS A 1 41  ? 6.190   3.750   -1.886  1.00 24.17 ? 53  CYS A SG  1 
ATOM   238 N N   . SER A 1 42  ? 6.192   1.485   0.201   1.00 13.81 ? 54  SER A N   1 
ATOM   239 C CA  . SER A 1 42  ? 6.285   0.027   0.075   1.00 13.24 ? 54  SER A CA  1 
ATOM   240 C C   . SER A 1 42  ? 6.433   -0.684  1.428   1.00 12.41 ? 54  SER A C   1 
ATOM   241 O O   . SER A 1 42  ? 6.001   -1.832  1.569   1.00 12.42 ? 54  SER A O   1 
ATOM   242 C CB  . SER A 1 42  ? 7.434   -0.352  -0.858  1.00 13.62 ? 54  SER A CB  1 
ATOM   243 O OG  . SER A 1 42  ? 8.616   0.274   -0.406  1.00 15.69 ? 54  SER A OG  1 
ATOM   244 N N   . GLY A 1 43  ? 7.007   -0.007  2.416   1.00 12.21 ? 55  GLY A N   1 
ATOM   245 C CA  . GLY A 1 43  ? 7.082   -0.563  3.769   1.00 12.72 ? 55  GLY A CA  1 
ATOM   246 C C   . GLY A 1 43  ? 5.714   -0.728  4.395   1.00 12.57 ? 55  GLY A C   1 
ATOM   247 O O   . GLY A 1 43  ? 5.473   -1.697  5.090   1.00 12.84 ? 55  GLY A O   1 
ATOM   248 N N   . LEU A 1 44  ? 4.829   0.238   4.186   1.00 12.39 ? 56  LEU A N   1 
ATOM   249 C CA  . LEU A 1 44  ? 3.430   0.079   4.632   1.00 12.69 ? 56  LEU A CA  1 
ATOM   250 C C   . LEU A 1 44  ? 2.763   -1.143  3.991   1.00 11.95 ? 56  LEU A C   1 
ATOM   251 O O   . LEU A 1 44  ? 2.082   -1.916  4.671   1.00 12.03 ? 56  LEU A O   1 
ATOM   252 C CB  . LEU A 1 44  ? 2.592   1.330   4.357   1.00 12.99 ? 56  LEU A CB  1 
ATOM   253 C CG  . LEU A 1 44  ? 1.129   1.227   4.806   1.00 12.96 ? 56  LEU A CG  1 
ATOM   254 C CD1 . LEU A 1 44  ? 0.974   1.130   6.323   1.00 13.69 ? 56  LEU A CD1 1 
ATOM   255 C CD2 . LEU A 1 44  ? 0.372   2.439   4.279   1.00 14.30 ? 56  LEU A CD2 1 
ATOM   256 N N   . VAL A 1 45  ? 2.958   -1.312  2.682   1.00 12.41 ? 57  VAL A N   1 
ATOM   257 C CA  . VAL A 1 45  ? 2.403   -2.449  1.971   1.00 12.36 ? 57  VAL A CA  1 
ATOM   258 C C   . VAL A 1 45  ? 2.938   -3.751  2.576   1.00 12.31 ? 57  VAL A C   1 
ATOM   259 O O   . VAL A 1 45  ? 2.165   -4.683  2.849   1.00 12.04 ? 57  VAL A O   1 
ATOM   260 C CB  . VAL A 1 45  ? 2.697   -2.343  0.452   1.00 12.39 ? 57  VAL A CB  1 
ATOM   261 C CG1 . VAL A 1 45  ? 2.386   -3.635  -0.291  1.00 12.66 ? 57  VAL A CG1 1 
ATOM   262 C CG2 . VAL A 1 45  ? 1.918   -1.173  -0.150  1.00 12.52 ? 57  VAL A CG2 1 
ATOM   263 N N   . LEU A 1 46  ? 4.253   -3.819  2.762   1.00 11.77 ? 58  LEU A N   1 
ATOM   264 C CA  . LEU A 1 46  ? 4.903   -5.032  3.254   1.00 11.94 ? 58  LEU A CA  1 
ATOM   265 C C   . LEU A 1 46  ? 4.430   -5.386  4.659   1.00 11.88 ? 58  LEU A C   1 
ATOM   266 O O   . LEU A 1 46  ? 4.042   -6.523  4.925   1.00 12.12 ? 58  LEU A O   1 
ATOM   267 C CB  . LEU A 1 46  ? 6.426   -4.866  3.239   1.00 12.09 ? 58  LEU A CB  1 
ATOM   268 C CG  . LEU A 1 46  ? 7.264   -6.027  3.780   1.00 12.84 ? 58  LEU A CG  1 
ATOM   269 C CD1 . LEU A 1 46  ? 6.963   -7.312  3.034   1.00 13.37 ? 58  LEU A CD1 1 
ATOM   270 C CD2 . LEU A 1 46  ? 8.729   -5.655  3.698   1.00 13.17 ? 58  LEU A CD2 1 
ATOM   271 N N   . TYR A 1 47  ? 4.440   -4.401  5.540   1.00 11.85 ? 59  TYR A N   1 
ATOM   272 C CA  . TYR A 1 47  ? 3.934   -4.577  6.910   1.00 12.06 ? 59  TYR A CA  1 
ATOM   273 C C   . TYR A 1 47  ? 2.510   -5.108  6.908   1.00 11.89 ? 59  TYR A C   1 
ATOM   274 O O   . TYR A 1 47  ? 2.185   -6.045  7.650   1.00 12.88 ? 59  TYR A O   1 
ATOM   275 C CB  . TYR A 1 47  ? 3.950   -3.230  7.614   1.00 11.80 ? 59  TYR A CB  1 
ATOM   276 C CG  . TYR A 1 47  ? 3.399   -3.192  9.011   1.00 12.22 ? 59  TYR A CG  1 
ATOM   277 C CD1 . TYR A 1 47  ? 4.166   -3.563  10.106  1.00 12.25 ? 59  TYR A CD1 1 
ATOM   278 C CD2 . TYR A 1 47  ? 2.093   -2.747  9.252   1.00 12.51 ? 59  TYR A CD2 1 
ATOM   279 C CE1 . TYR A 1 47  ? 3.648   -3.489  11.403  1.00 12.90 ? 59  TYR A CE1 1 
ATOM   280 C CE2 . TYR A 1 47  ? 1.568   -2.673  10.537  1.00 12.72 ? 59  TYR A CE2 1 
ATOM   281 C CZ  . TYR A 1 47  ? 2.335   -3.051  11.610  1.00 13.32 ? 59  TYR A CZ  1 
ATOM   282 O OH  . TYR A 1 47  ? 1.798   -2.969  12.902  1.00 14.60 ? 59  TYR A OH  1 
ATOM   283 N N   . SER A 1 48  ? 1.646   -4.500  6.103   1.00 12.17 ? 60  SER A N   1 
ATOM   284 C CA  . SER A 1 48  ? 0.207   -4.828  6.142   1.00 12.03 ? 60  SER A CA  1 
ATOM   285 C C   . SER A 1 48  ? -0.038  -6.281  5.762   1.00 12.56 ? 60  SER A C   1 
ATOM   286 O O   . SER A 1 48  ? -0.899  -6.947  6.330   1.00 13.19 ? 60  SER A O   1 
ATOM   287 C CB  . SER A 1 48  ? -0.597  -3.885  5.238   1.00 12.14 ? 60  SER A CB  1 
ATOM   288 O OG  . SER A 1 48  ? -0.475  -2.550  5.706   1.00 12.17 ? 60  SER A OG  1 
ATOM   289 N N   . HIS A 1 49  ? 0.720   -6.774  4.788   1.00 11.78 ? 61  HIS A N   1 
ATOM   290 C CA  . HIS A 1 49  ? 0.644   -8.180  4.417   1.00 11.51 ? 61  HIS A CA  1 
ATOM   291 C C   . HIS A 1 49  ? 1.268   -9.109  5.460   1.00 11.58 ? 61  HIS A C   1 
ATOM   292 O O   . HIS A 1 49  ? 0.651   -10.110 5.851   1.00 12.01 ? 61  HIS A O   1 
ATOM   293 C CB  . HIS A 1 49  ? 1.304   -8.372  3.067   1.00 11.33 ? 61  HIS A CB  1 
ATOM   294 C CG  . HIS A 1 49  ? 0.503   -7.843  1.919   1.00 11.37 ? 61  HIS A CG  1 
ATOM   295 N ND1 . HIS A 1 49  ? 0.485   -6.507  1.567   1.00 11.71 ? 61  HIS A ND1 1 
ATOM   296 C CD2 . HIS A 1 49  ? -0.292  -8.481  1.025   1.00 11.50 ? 61  HIS A CD2 1 
ATOM   297 C CE1 . HIS A 1 49  ? -0.284  -6.355  0.503   1.00 11.54 ? 61  HIS A CE1 1 
ATOM   298 N NE2 . HIS A 1 49  ? -0.765  -7.535  0.161   1.00 11.47 ? 61  HIS A NE2 1 
ATOM   299 N N   . ASN A 1 50  ? 2.507   -8.819  5.861   1.00 11.66 ? 62  ASN A N   1 
ATOM   300 C CA  . ASN A 1 50  ? 3.196   -9.640  6.862   1.00 12.33 ? 62  ASN A CA  1 
ATOM   301 C C   . ASN A 1 50  ? 2.362   -9.809  8.132   1.00 12.91 ? 62  ASN A C   1 
ATOM   302 O O   . ASN A 1 50  ? 2.283   -10.907 8.677   1.00 12.72 ? 62  ASN A O   1 
ATOM   303 C CB  . ASN A 1 50  ? 4.544   -9.048  7.257   1.00 12.24 ? 62  ASN A CB  1 
ATOM   304 C CG  . ASN A 1 50  ? 5.663   -9.386  6.279   1.00 12.15 ? 62  ASN A CG  1 
ATOM   305 O OD1 . ASN A 1 50  ? 5.517   -10.210 5.371   1.00 12.90 ? 62  ASN A OD1 1 
ATOM   306 N ND2 . ASN A 1 50  ? 6.798   -8.726  6.466   1.00 12.38 ? 62  ASN A ND2 1 
ATOM   307 N N   . GLN A 1 51  ? 1.748   -8.723  8.603   1.00 12.98 ? 63  GLN A N   1 
ATOM   308 C CA  . GLN A 1 51  ? 0.971   -8.775  9.857   1.00 13.87 ? 63  GLN A CA  1 
ATOM   309 C C   . GLN A 1 51  ? -0.226  -9.714  9.757   1.00 13.57 ? 63  GLN A C   1 
ATOM   310 O O   . GLN A 1 51  ? -0.666  -10.247 10.769  1.00 14.08 ? 63  GLN A O   1 
ATOM   311 C CB  . GLN A 1 51  ? 0.485   -7.383  10.238  1.00 14.11 ? 63  GLN A CB  1 
ATOM   312 C CG  . GLN A 1 51  ? 1.579   -6.471  10.696  1.00 15.42 ? 63  GLN A CG  1 
ATOM   313 C CD  . GLN A 1 51  ? 2.104   -6.818  12.057  1.00 17.46 ? 63  GLN A CD  1 
ATOM   314 O OE1 . GLN A 1 51  ? 3.270   -7.212  12.205  1.00 20.91 ? 63  GLN A OE1 1 
ATOM   315 N NE2 . GLN A 1 51  ? 1.252   -6.699  13.058  1.00 18.52 ? 63  GLN A NE2 1 
ATOM   316 N N   . CYS A 1 52  ? -0.715  -9.913  8.542   1.00 13.46 ? 64  CYS A N   1 
ATOM   317 C CA  . CYS A 1 52  ? -1.839  -10.839 8.255   1.00 14.16 ? 64  CYS A CA  1 
ATOM   318 C C   . CYS A 1 52  ? -1.414  -12.246 7.807   1.00 14.56 ? 64  CYS A C   1 
ATOM   319 O O   . CYS A 1 52  ? -2.265  -13.043 7.395   1.00 15.44 ? 64  CYS A O   1 
ATOM   320 C CB  . CYS A 1 52  ? -2.734  -10.208 7.189   1.00 13.85 ? 64  CYS A CB  1 
ATOM   321 S SG  . CYS A 1 52  ? -3.535  -8.695  7.737   1.00 14.67 ? 64  CYS A SG  1 
ATOM   322 N N   . GLY A 1 53  ? -0.119  -12.550 7.846   1.00 14.67 ? 65  GLY A N   1 
ATOM   323 C CA  . GLY A 1 53  ? 0.399   -13.847 7.390   1.00 14.57 ? 65  GLY A CA  1 
ATOM   324 C C   . GLY A 1 53  ? 0.348   -14.049 5.896   1.00 14.87 ? 65  GLY A C   1 
ATOM   325 O O   . GLY A 1 53  ? 0.320   -15.195 5.415   1.00 15.15 ? 65  GLY A O   1 
ATOM   326 N N   . VAL A 1 54  ? 0.308   -12.952 5.142   1.00 13.38 ? 66  VAL A N   1 
ATOM   327 C CA  . VAL A 1 54  ? 0.292   -13.029 3.704   1.00 13.20 ? 66  VAL A CA  1 
ATOM   328 C C   . VAL A 1 54  ? 1.725   -12.813 3.236   1.00 13.55 ? 66  VAL A C   1 
ATOM   329 O O   . VAL A 1 54  ? 2.172   -11.679 3.021   1.00 13.34 ? 66  VAL A O   1 
ATOM   330 C CB  . VAL A 1 54  ? -0.703  -12.057 3.059   1.00 13.40 ? 66  VAL A CB  1 
ATOM   331 C CG1 . VAL A 1 54  ? -0.703  -12.226 1.557   1.00 13.79 ? 66  VAL A CG1 1 
ATOM   332 C CG2 . VAL A 1 54  ? -2.109  -12.285 3.611   1.00 13.93 ? 66  VAL A CG2 1 
ATOM   333 N N   . TYR A 1 55  ? 2.444   -13.923 3.120   1.00 13.82 ? 67  TYR A N   1 
ATOM   334 C CA  . TYR A 1 55  ? 3.869   -13.852 2.810   1.00 14.25 ? 67  TYR A CA  1 
ATOM   335 C C   . TYR A 1 55  ? 4.083   -13.756 1.302   1.00 14.10 ? 67  TYR A C   1 
ATOM   336 O O   . TYR A 1 55  ? 3.139   -13.945 0.503   1.00 14.00 ? 67  TYR A O   1 
ATOM   337 C CB  . TYR A 1 55  ? 4.614   -15.014 3.463   1.00 14.55 ? 67  TYR A CB  1 
ATOM   338 C CG  . TYR A 1 55  ? 4.393   -15.074 4.967   1.00 15.36 ? 67  TYR A CG  1 
ATOM   339 C CD1 . TYR A 1 55  ? 4.578   -13.950 5.754   1.00 15.64 ? 67  TYR A CD1 1 
ATOM   340 C CD2 . TYR A 1 55  ? 3.940   -16.238 5.591   1.00 16.17 ? 67  TYR A CD2 1 
ATOM   341 C CE1 . TYR A 1 55  ? 4.357   -13.974 7.121   1.00 16.64 ? 67  TYR A CE1 1 
ATOM   342 C CE2 . TYR A 1 55  ? 3.696   -16.266 6.969   1.00 16.93 ? 67  TYR A CE2 1 
ATOM   343 C CZ  . TYR A 1 55  ? 3.915   -15.128 7.718   1.00 17.97 ? 67  TYR A CZ  1 
ATOM   344 O OH  . TYR A 1 55  ? 3.720   -15.124 9.066   1.00 19.91 ? 67  TYR A OH  1 
ATOM   345 N N   . GLY A 1 56  ? 5.323   -13.439 0.917   1.00 14.27 ? 68  GLY A N   1 
ATOM   346 C CA  . GLY A 1 56  ? 5.713   -13.380 -0.486  1.00 14.02 ? 68  GLY A CA  1 
ATOM   347 C C   . GLY A 1 56  ? 5.792   -12.011 -1.107  1.00 14.51 ? 68  GLY A C   1 
ATOM   348 O O   . GLY A 1 56  ? 6.124   -11.899 -2.289  1.00 15.65 ? 68  GLY A O   1 
ATOM   349 N N   . VAL A 1 57  ? 5.526   -10.958 -0.333  1.00 14.10 ? 69  VAL A N   1 
ATOM   350 C CA  . VAL A 1 57  ? 5.508   -9.600  -0.850  1.00 14.15 ? 69  VAL A CA  1 
ATOM   351 C C   . VAL A 1 57  ? 6.930   -9.069  -0.870  1.00 14.85 ? 69  VAL A C   1 
ATOM   352 O O   . VAL A 1 57  ? 7.628   -9.172  0.128   1.00 14.15 ? 69  VAL A O   1 
ATOM   353 C CB  . VAL A 1 57  ? 4.597   -8.670  -0.003  1.00 14.13 ? 69  VAL A CB  1 
ATOM   354 C CG1 . VAL A 1 57  ? 4.577   -7.245  -0.539  1.00 13.63 ? 69  VAL A CG1 1 
ATOM   355 C CG2 . VAL A 1 57  ? 3.185   -9.252  0.043   1.00 14.65 ? 69  VAL A CG2 1 
ATOM   356 N N   . PRO A 1 58  ? 7.375   -8.500  -2.019  1.00 15.14 ? 70  PRO A N   1 
ATOM   357 C CA  . PRO A 1 58  ? 8.734   -7.928  -2.049  1.00 15.91 ? 70  PRO A CA  1 
ATOM   358 C C   . PRO A 1 58  ? 8.823   -6.596  -1.318  1.00 15.32 ? 70  PRO A C   1 
ATOM   359 O O   . PRO A 1 58  ? 7.812   -6.091  -0.809  1.00 14.62 ? 70  PRO A O   1 
ATOM   360 C CB  . PRO A 1 58  ? 9.045   -7.787  -3.552  1.00 15.98 ? 70  PRO A CB  1 
ATOM   361 C CG  . PRO A 1 58  ? 7.741   -7.801  -4.232  1.00 16.42 ? 70  PRO A CG  1 
ATOM   362 C CD  . PRO A 1 58  ? 6.705   -8.422  -3.334  1.00 15.67 ? 70  PRO A CD  1 
ATOM   363 N N   . ARG A 1 59  ? 10.036  -6.060  -1.200  1.00 15.23 ? 71  ARG A N   1 
ATOM   364 C CA  . ARG A 1 59  ? 10.290  -4.895  -0.341  1.00 15.75 ? 71  ARG A CA  1 
ATOM   365 C C   . ARG A 1 59  ? 9.992   -3.530  -0.982  1.00 16.73 ? 71  ARG A C   1 
ATOM   366 O O   . ARG A 1 59  ? 9.457   -2.641  -0.304  1.00 14.85 ? 71  ARG A O   1 
ATOM   367 C CB  . ARG A 1 59  ? 11.765  -4.910  0.166   1.00 15.59 ? 71  ARG A CB  1 
ATOM   368 C CG  . ARG A 1 59  ? 12.197  -3.673  0.942   1.00 15.18 ? 71  ARG A CG  1 
ATOM   369 C CD  . ARG A 1 59  ? 11.407  -3.434  2.225   1.00 15.24 ? 71  ARG A CD  1 
ATOM   370 N NE  . ARG A 1 59  ? 11.759  -2.173  2.864   1.00 15.29 ? 71  ARG A NE  1 
ATOM   371 C CZ  . ARG A 1 59  ? 11.132  -1.009  2.701   1.00 15.62 ? 71  ARG A CZ  1 
ATOM   372 N NH1 . ARG A 1 59  ? 10.085  -0.888  1.895   1.00 15.52 ? 71  ARG A NH1 1 
ATOM   373 N NH2 . ARG A 1 59  ? 11.559  0.053   3.364   1.00 17.02 ? 71  ARG A NH2 1 
ATOM   374 N N   . VAL A 1 60  ? 10.405  -3.334  -2.236  1.00 17.95 ? 72  VAL A N   1 
ATOM   375 C CA  . VAL A 1 60  ? 10.308  -1.999  -2.871  1.00 19.58 ? 72  VAL A CA  1 
ATOM   376 C C   . VAL A 1 60  ? 9.183   -1.927  -3.877  1.00 18.52 ? 72  VAL A C   1 
ATOM   377 O O   . VAL A 1 60  ? 8.762   -2.950  -4.436  1.00 16.60 ? 72  VAL A O   1 
ATOM   378 C CB  . VAL A 1 60  ? 11.634  -1.486  -3.509  1.00 22.10 ? 72  VAL A CB  1 
ATOM   379 C CG1 . VAL A 1 60  ? 12.686  -1.283  -2.424  1.00 24.17 ? 72  VAL A CG1 1 
ATOM   380 C CG2 . VAL A 1 60  ? 12.140  -2.399  -4.624  1.00 22.59 ? 72  VAL A CG2 1 
ATOM   381 N N   . ALA A 1 61  ? 8.740   -0.692  -4.100  1.00 18.51 ? 73  ALA A N   1 
ATOM   382 C CA  . ALA A 1 61  ? 7.565   -0.389  -4.906  1.00 17.86 ? 73  ALA A CA  1 
ATOM   383 C C   . ALA A 1 61  ? 7.677   -0.987  -6.285  1.00 17.94 ? 73  ALA A C   1 
ATOM   384 O O   . ALA A 1 61  ? 6.720   -1.596  -6.802  1.00 16.94 ? 73  ALA A O   1 
ATOM   385 C CB  . ALA A 1 61  ? 7.364   1.111   -4.996  1.00 17.94 ? 73  ALA A CB  1 
ATOM   386 N N   . LYS A 1 62  ? 8.849   -0.847  -6.902  1.00 17.78 ? 74  LYS A N   1 
ATOM   387 C CA  . LYS A 1 62  ? 8.982   -1.332  -8.282  1.00 19.50 ? 74  LYS A CA  1 
ATOM   388 C C   . LYS A 1 62  ? 8.765   -2.843  -8.383  1.00 18.78 ? 74  LYS A C   1 
ATOM   389 O O   . LYS A 1 62  ? 8.196   -3.314  -9.354  1.00 18.41 ? 74  LYS A O   1 
ATOM   390 C CB  . LYS A 1 62  ? 10.303  -0.866  -8.941  1.00 21.02 ? 74  LYS A CB  1 
ATOM   391 C CG  . LYS A 1 62  ? 11.588  -1.427  -8.370  1.00 23.96 ? 74  LYS A CG  1 
ATOM   392 C CD  . LYS A 1 62  ? 12.796  -0.681  -8.948  1.00 24.75 ? 74  LYS A CD  1 
ATOM   393 N N   . ASP A 1 63  ? 9.177   -3.597  -7.358  1.00 17.40 ? 75  ASP A N   1 
ATOM   394 C CA  . ASP A 1 63  ? 8.977   -5.037  -7.343  1.00 17.19 ? 75  ASP A CA  1 
ATOM   395 C C   . ASP A 1 63  ? 7.561   -5.424  -6.899  1.00 16.16 ? 75  ASP A C   1 
ATOM   396 O O   . ASP A 1 63  ? 6.983   -6.393  -7.409  1.00 16.04 ? 75  ASP A O   1 
ATOM   397 C CB  . ASP A 1 63  ? 10.002  -5.702  -6.446  1.00 18.39 ? 75  ASP A CB  1 
ATOM   398 C CG  . ASP A 1 63  ? 11.424  -5.523  -6.935  1.00 20.22 ? 75  ASP A CG  1 
ATOM   399 O OD1 . ASP A 1 63  ? 11.642  -5.373  -8.153  1.00 20.49 ? 75  ASP A OD1 1 
ATOM   400 O OD2 . ASP A 1 63  ? 12.329  -5.515  -6.089  1.00 19.69 ? 75  ASP A OD2 1 
ATOM   401 N N   . GLN A 1 64  ? 6.992   -4.666  -5.965  1.00 16.50 ? 76  GLN A N   1 
ATOM   402 C CA  . GLN A 1 64  ? 5.618   -4.958  -5.508  1.00 15.71 ? 76  GLN A CA  1 
ATOM   403 C C   . GLN A 1 64  ? 4.601   -4.814  -6.658  1.00 16.45 ? 76  GLN A C   1 
ATOM   404 O O   . GLN A 1 64  ? 3.590   -5.512  -6.694  1.00 17.28 ? 76  GLN A O   1 
ATOM   405 C CB  . GLN A 1 64  ? 5.237   -4.054  -4.347  1.00 15.05 ? 76  GLN A CB  1 
ATOM   406 C CG  . GLN A 1 64  ? 6.031   -4.321  -3.063  1.00 14.72 ? 76  GLN A CG  1 
ATOM   407 C CD  . GLN A 1 64  ? 5.698   -3.370  -1.931  1.00 14.88 ? 76  GLN A CD  1 
ATOM   408 O OE1 . GLN A 1 64  ? 5.036   -2.343  -2.130  1.00 15.07 ? 76  GLN A OE1 1 
ATOM   409 N NE2 . GLN A 1 64  ? 6.152   -3.709  -0.724  1.00 13.33 ? 76  GLN A NE2 1 
ATOM   410 N N   . ALA A 1 65  ? 4.890   -3.897  -7.582  1.00 16.91 ? 77  ALA A N   1 
ATOM   411 C CA  . ALA A 1 65  ? 4.069   -3.680  -8.783  1.00 18.33 ? 77  ALA A CA  1 
ATOM   412 C C   . ALA A 1 65  ? 4.096   -4.851  -9.765  1.00 18.87 ? 77  ALA A C   1 
ATOM   413 O O   . ALA A 1 65  ? 3.178   -5.017  -10.568 1.00 19.62 ? 77  ALA A O   1 
ATOM   414 C CB  . ALA A 1 65  ? 4.509   -2.405  -9.486  1.00 18.98 ? 77  ALA A CB  1 
ATOM   415 N N   . ARG A 1 66  ? 5.144   -5.661  -9.698  1.00 19.28 ? 78  ARG A N   1 
ATOM   416 C CA  . ARG A 1 66  ? 5.329   -6.775  -10.614 1.00 21.04 ? 78  ARG A CA  1 
ATOM   417 C C   . ARG A 1 66  ? 4.968   -8.132  -10.036 1.00 21.14 ? 78  ARG A C   1 
ATOM   418 O O   . ARG A 1 66  ? 4.750   -9.066  -10.792 1.00 21.32 ? 78  ARG A O   1 
ATOM   419 C CB  . ARG A 1 66  ? 6.777   -6.789  -11.099 1.00 21.27 ? 78  ARG A CB  1 
ATOM   420 C CG  . ARG A 1 66  ? 7.142   -5.591  -11.946 1.00 23.45 ? 78  ARG A CG  1 
ATOM   421 C CD  . ARG A 1 66  ? 8.535   -5.769  -12.550 1.00 24.38 ? 78  ARG A CD  1 
ATOM   422 N N   . GLY A 1 67  ? 4.937   -8.258  -8.712  1.00 19.80 ? 79  GLY A N   1 
ATOM   423 C CA  . GLY A 1 67  ? 4.669   -9.534  -8.060  1.00 20.55 ? 79  GLY A CA  1 
ATOM   424 C C   . GLY A 1 67  ? 3.187   -9.794  -7.896  1.00 19.65 ? 79  GLY A C   1 
ATOM   425 O O   . GLY A 1 67  ? 2.335   -8.996  -8.324  1.00 19.91 ? 79  GLY A O   1 
ATOM   426 N N   . GLY A 1 68  ? 2.887   -10.920 -7.254  1.00 20.46 ? 80  GLY A N   1 
ATOM   427 C CA  . GLY A 1 68  ? 1.527   -11.379 -7.051  1.00 21.09 ? 80  GLY A CA  1 
ATOM   428 C C   . GLY A 1 68  ? 0.784   -11.619 -8.344  1.00 22.03 ? 80  GLY A C   1 
ATOM   429 O O   . GLY A 1 68  ? 1.388   -11.914 -9.377  1.00 22.87 ? 80  GLY A O   1 
ATOM   430 N N   . LYS A 1 69  ? -0.531  -11.492 -8.290  1.00 22.35 ? 81  LYS A N   1 
ATOM   431 C CA  . LYS A 1 69  ? -1.361  -11.630 -9.485  1.00 23.93 ? 81  LYS A CA  1 
ATOM   432 C C   . LYS A 1 69  ? -2.065  -10.295 -9.738  1.00 22.94 ? 81  LYS A C   1 
ATOM   433 O O   . LYS A 1 69  ? -1.976  -9.363  -8.919  1.00 20.36 ? 81  LYS A O   1 
ATOM   434 C CB  . LYS A 1 69  ? -2.348  -12.783 -9.338  1.00 27.20 ? 81  LYS A CB  1 
ATOM   435 C CG  . LYS A 1 69  ? -3.404  -12.608 -8.262  1.00 29.45 ? 81  LYS A CG  1 
ATOM   436 C CD  . LYS A 1 69  ? -4.326  -13.820 -8.164  1.00 31.76 ? 81  LYS A CD  1 
ATOM   437 C CE  . LYS A 1 69  ? -4.925  -13.948 -6.771  1.00 31.66 ? 81  LYS A CE  1 
ATOM   438 N NZ  . LYS A 1 69  ? -6.134  -14.815 -6.746  0.50 33.09 ? 81  LYS A NZ  1 
ATOM   439 N N   . ALA A 1 70  ? -2.718  -10.184 -10.895 1.00 22.39 ? 82  ALA A N   1 
ATOM   440 C CA  . ALA A 1 70  ? -3.506  -8.985  -11.222 1.00 21.44 ? 82  ALA A CA  1 
ATOM   441 C C   . ALA A 1 70  ? -4.603  -8.782  -10.198 1.00 21.18 ? 82  ALA A C   1 
ATOM   442 O O   . ALA A 1 70  ? -5.296  -9.740  -9.804  1.00 20.98 ? 82  ALA A O   1 
ATOM   443 C CB  . ALA A 1 70  ? -4.129  -9.093  -12.619 1.00 22.62 ? 82  ALA A CB  1 
ATOM   444 N N   . GLY A 1 71  ? -4.749  -7.531  -9.775  1.00 20.53 ? 83  GLY A N   1 
ATOM   445 C CA  . GLY A 1 71  ? -5.768  -7.125  -8.828  1.00 20.23 ? 83  GLY A CA  1 
ATOM   446 C C   . GLY A 1 71  ? -6.872  -6.393  -9.537  1.00 20.24 ? 83  GLY A C   1 
ATOM   447 O O   . GLY A 1 71  ? -6.790  -6.128  -10.739 1.00 18.86 ? 83  GLY A O   1 
ATOM   448 N N   . SER A 1 72  ? -7.918  -6.076  -8.784  1.00 20.91 ? 84  SER A N   1 
ATOM   449 C CA  . SER A 1 72  ? -9.080  -5.330  -9.279  1.00 21.97 ? 84  SER A CA  1 
ATOM   450 C C   . SER A 1 72  ? -9.311  -4.005  -8.590  1.00 21.02 ? 84  SER A C   1 
ATOM   451 O O   . SER A 1 72  ? -10.179 -3.245  -8.994  1.00 21.63 ? 84  SER A O   1 
ATOM   452 C CB  . SER A 1 72  ? -10.314 -6.190  -9.058  1.00 21.86 ? 84  SER A CB  1 
ATOM   453 O OG  . SER A 1 72  ? -10.512 -6.378  -7.666  1.00 21.44 ? 84  SER A OG  1 
ATOM   454 N N   . GLY A 1 73  ? -8.550  -3.719  -7.531  1.00 20.76 ? 85  GLY A N   1 
ATOM   455 C CA  . GLY A 1 73  ? -8.744  -2.529  -6.733  1.00 19.81 ? 85  GLY A CA  1 
ATOM   456 C C   . GLY A 1 73  ? -9.671  -2.738  -5.549  1.00 18.48 ? 85  GLY A C   1 
ATOM   457 O O   . GLY A 1 73  ? -10.071 -1.777  -4.908  1.00 19.75 ? 85  GLY A O   1 
ATOM   458 N N   . ALA A 1 74  ? -9.968  -4.001  -5.245  1.00 17.30 ? 86  ALA A N   1 
ATOM   459 C CA  . ALA A 1 74  ? -10.700 -4.388  -4.042  1.00 18.15 ? 86  ALA A CA  1 
ATOM   460 C C   . ALA A 1 74  ? -9.876  -4.112  -2.789  1.00 17.37 ? 86  ALA A C   1 
ATOM   461 O O   . ALA A 1 74  ? -8.650  -3.941  -2.838  1.00 16.43 ? 86  ALA A O   1 
ATOM   462 C CB  . ALA A 1 74  ? -11.062 -5.861  -4.086  1.00 18.59 ? 86  ALA A CB  1 
ATOM   463 N N   . ALA A 1 75  ? -10.569 -4.053  -1.656  1.00 16.72 ? 87  ALA A N   1 
ATOM   464 C CA  . ALA A 1 75  ? -9.903  -3.855  -0.378  1.00 15.73 ? 87  ALA A CA  1 
ATOM   465 C C   . ALA A 1 75  ? -8.707  -4.815  -0.243  1.00 15.22 ? 87  ALA A C   1 
ATOM   466 O O   . ALA A 1 75  ? -8.855  -6.033  -0.407  1.00 15.49 ? 87  ALA A O   1 
ATOM   467 C CB  . ALA A 1 75  ? -10.882 -4.073  0.773   1.00 16.04 ? 87  ALA A CB  1 
ATOM   468 N N   . GLY A 1 76  ? -7.545  -4.260  0.060   1.00 14.06 ? 88  GLY A N   1 
ATOM   469 C CA  . GLY A 1 76  ? -6.345  -5.039  0.309   1.00 13.86 ? 88  GLY A CA  1 
ATOM   470 C C   . GLY A 1 76  ? -5.488  -5.274  -0.912  1.00 13.46 ? 88  GLY A C   1 
ATOM   471 O O   . GLY A 1 76  ? -4.376  -5.763  -0.774  1.00 13.59 ? 88  GLY A O   1 
ATOM   472 N N   . ASP A 1 77  ? -5.974  -4.931  -2.111  1.00 12.64 ? 89  ASP A N   1 
ATOM   473 C CA  . ASP A 1 77  ? -5.117  -4.976  -3.292  1.00 13.23 ? 89  ASP A CA  1 
ATOM   474 C C   . ASP A 1 77  ? -4.047  -3.906  -3.164  1.00 12.89 ? 89  ASP A C   1 
ATOM   475 O O   . ASP A 1 77  ? -4.212  -2.931  -2.441  1.00 13.40 ? 89  ASP A O   1 
ATOM   476 C CB  . ASP A 1 77  ? -5.920  -4.738  -4.581  1.00 14.71 ? 89  ASP A CB  1 
ATOM   477 C CG  . ASP A 1 77  ? -6.739  -5.946  -4.998  1.00 15.63 ? 89  ASP A CG  1 
ATOM   478 O OD1 . ASP A 1 77  ? -6.673  -7.003  -4.350  1.00 16.95 ? 89  ASP A OD1 1 
ATOM   479 O OD2 . ASP A 1 77  ? -7.460  -5.835  -6.009  1.00 18.19 ? 89  ASP A OD2 1 
ATOM   480 N N   . VAL A 1 78  ? -2.923  -4.128  -3.813  1.00 12.71 ? 90  VAL A N   1 
ATOM   481 C CA  . VAL A 1 78  ? -1.877  -3.133  -3.880  1.00 12.78 ? 90  VAL A CA  1 
ATOM   482 C C   . VAL A 1 78  ? -2.118  -2.264  -5.116  1.00 13.68 ? 90  VAL A C   1 
ATOM   483 O O   . VAL A 1 78  ? -2.173  -2.767  -6.216  1.00 14.29 ? 90  VAL A O   1 
ATOM   484 C CB  . VAL A 1 78  ? -0.468  -3.780  -3.979  1.00 12.92 ? 90  VAL A CB  1 
ATOM   485 C CG1 . VAL A 1 78  ? 0.593   -2.712  -4.104  1.00 13.28 ? 90  VAL A CG1 1 
ATOM   486 C CG2 . VAL A 1 78  ? -0.217  -4.689  -2.778  1.00 13.30 ? 90  VAL A CG2 1 
ATOM   487 N N   . VAL A 1 79  ? -2.196  -0.958  -4.926  1.00 13.43 ? 91  VAL A N   1 
ATOM   488 C CA  . VAL A 1 79  ? -2.217  -0.041  -6.065  1.00 13.94 ? 91  VAL A CA  1 
ATOM   489 C C   . VAL A 1 79  ? -0.783  0.447   -6.268  1.00 13.75 ? 91  VAL A C   1 
ATOM   490 O O   . VAL A 1 79  ? -0.124  0.805   -5.307  1.00 13.89 ? 91  VAL A O   1 
ATOM   491 C CB  . VAL A 1 79  ? -3.238  1.111   -5.901  1.00 13.68 ? 91  VAL A CB  1 
ATOM   492 C CG1 . VAL A 1 79  ? -3.061  1.910   -4.602  1.00 14.60 ? 91  VAL A CG1 1 
ATOM   493 C CG2 . VAL A 1 79  ? -3.214  2.017   -7.137  1.00 13.94 ? 91  VAL A CG2 1 
ATOM   494 N N   . TYR A 1 80  ? -0.310  0.455   -7.514  1.00 15.18 ? 92  TYR A N   1 
ATOM   495 C CA  . TYR A 1 80  ? 1.027   0.964   -7.833  1.00 15.73 ? 92  TYR A CA  1 
ATOM   496 C C   . TYR A 1 80  ? 0.923   2.089   -8.857  1.00 16.56 ? 92  TYR A C   1 
ATOM   497 O O   . TYR A 1 80  ? -0.067  2.154   -9.594  1.00 16.13 ? 92  TYR A O   1 
ATOM   498 C CB  . TYR A 1 80  ? 1.945   -0.138  -8.339  1.00 16.60 ? 92  TYR A CB  1 
ATOM   499 C CG  . TYR A 1 80  ? 1.447   -0.827  -9.586  1.00 17.64 ? 92  TYR A CG  1 
ATOM   500 C CD1 . TYR A 1 80  ? 1.721   -0.292  -10.846 1.00 18.91 ? 92  TYR A CD1 1 
ATOM   501 C CD2 . TYR A 1 80  ? 0.675   -1.986  -9.498  1.00 18.47 ? 92  TYR A CD2 1 
ATOM   502 C CE1 . TYR A 1 80  ? 1.253   -0.902  -11.983 1.00 19.37 ? 92  TYR A CE1 1 
ATOM   503 C CE2 . TYR A 1 80  ? 0.216   -2.632  -10.638 1.00 19.25 ? 92  TYR A CE2 1 
ATOM   504 C CZ  . TYR A 1 80  ? 0.513   -2.072  -11.878 1.00 19.68 ? 92  TYR A CZ  1 
ATOM   505 O OH  . TYR A 1 80  ? 0.073   -2.658  -13.014 1.00 21.47 ? 92  TYR A OH  1 
ATOM   506 N N   . PHE A 1 81  ? 1.942   2.950   -8.881  1.00 17.03 ? 93  PHE A N   1 
ATOM   507 C CA  . PHE A 1 81  ? 1.942   4.144   -9.733  1.00 18.41 ? 93  PHE A CA  1 
ATOM   508 C C   . PHE A 1 81  ? 3.191   4.143   -10.589 1.00 19.45 ? 93  PHE A C   1 
ATOM   509 O O   . PHE A 1 81  ? 4.299   4.177   -10.064 1.00 18.56 ? 93  PHE A O   1 
ATOM   510 C CB  . PHE A 1 81  ? 1.811   5.409   -8.897  1.00 18.19 ? 93  PHE A CB  1 
ATOM   511 C CG  . PHE A 1 81  ? 0.538   5.453   -8.102  1.00 18.43 ? 93  PHE A CG  1 
ATOM   512 C CD1 . PHE A 1 81  ? 0.484   4.922   -6.806  1.00 17.76 ? 93  PHE A CD1 1 
ATOM   513 C CD2 . PHE A 1 81  ? -0.624  5.973   -8.658  1.00 18.18 ? 93  PHE A CD2 1 
ATOM   514 C CE1 . PHE A 1 81  ? -0.711  4.919   -6.097  1.00 17.31 ? 93  PHE A CE1 1 
ATOM   515 C CE2 . PHE A 1 81  ? -1.818  5.986   -7.939  1.00 18.31 ? 93  PHE A CE2 1 
ATOM   516 C CZ  . PHE A 1 81  ? -1.853  5.456   -6.643  1.00 17.42 ? 93  PHE A CZ  1 
ATOM   517 N N   . GLY A 1 82  ? 2.999   4.060   -11.905 1.00 22.56 ? 94  GLY A N   1 
ATOM   518 C CA  . GLY A 1 82  ? 4.124   4.001   -12.858 1.00 26.15 ? 94  GLY A CA  1 
ATOM   519 C C   . GLY A 1 82  ? 4.602   2.605   -13.212 1.00 28.94 ? 94  GLY A C   1 
ATOM   520 O O   . GLY A 1 82  ? 4.280   1.624   -12.542 1.00 29.97 ? 94  GLY A O   1 
ATOM   521 N N   . ASN A 1 83  ? 5.395   2.523   -14.289 1.00 34.12 ? 95  ASN A N   1 
ATOM   522 C CA  . ASN A 1 83  ? 5.998   1.261   -14.757 1.00 34.25 ? 95  ASN A CA  1 
ATOM   523 C C   . ASN A 1 83  ? 7.334   1.651   -15.401 1.00 35.46 ? 95  ASN A C   1 
ATOM   524 O O   . ASN A 1 83  ? 7.333   2.044   -16.573 1.00 37.39 ? 95  ASN A O   1 
ATOM   525 C CB  . ASN A 1 83  ? 5.054   0.532   -15.737 1.00 36.24 ? 95  ASN A CB  1 
ATOM   526 C CG  . ASN A 1 83  ? 5.658   -0.750  -16.330 1.00 37.43 ? 95  ASN A CG  1 
ATOM   527 O OD1 . ASN A 1 83  ? 6.769   -1.135  -15.991 1.00 37.06 ? 95  ASN A OD1 1 
ATOM   528 N ND2 . ASN A 1 83  ? 4.908   -1.424  -17.207 1.00 37.48 ? 95  ASN A ND2 1 
ATOM   529 N N   . PRO A 1 84  ? 8.461   1.589   -14.674 1.00 33.60 ? 96  PRO A N   1 
ATOM   530 C CA  . PRO A 1 84  ? 8.594   1.030   -13.305 1.00 31.97 ? 96  PRO A CA  1 
ATOM   531 C C   . PRO A 1 84  ? 7.923   1.843   -12.173 1.00 29.58 ? 96  PRO A C   1 
ATOM   532 O O   . PRO A 1 84  ? 8.014   3.072   -12.139 1.00 28.59 ? 96  PRO A O   1 
ATOM   533 C CB  . PRO A 1 84  ? 10.115  1.013   -13.095 1.00 33.42 ? 96  PRO A CB  1 
ATOM   534 C CG  . PRO A 1 84  ? 10.620  2.165   -13.923 1.00 34.37 ? 96  PRO A CG  1 
ATOM   535 C CD  . PRO A 1 84  ? 9.682   2.305   -15.094 1.00 35.60 ? 96  PRO A CD  1 
ATOM   536 N N   . ALA A 1 85  ? 7.284   1.146   -11.236 1.00 25.59 ? 97  ALA A N   1 
ATOM   537 C CA  . ALA A 1 85  ? 6.499   1.816   -10.211 1.00 23.61 ? 97  ALA A CA  1 
ATOM   538 C C   . ALA A 1 85  ? 7.386   2.534   -9.227  1.00 22.92 ? 97  ALA A C   1 
ATOM   539 O O   . ALA A 1 85  ? 8.427   1.993   -8.810  1.00 22.25 ? 97  ALA A O   1 
ATOM   540 C CB  . ALA A 1 85  ? 5.609   0.820   -9.481  1.00 22.89 ? 97  ALA A CB  1 
ATOM   541 N N   . HIS A 1 86  ? 6.994   3.747   -8.868  1.00 20.05 ? 98  HIS A N   1 
ATOM   542 C CA  . HIS A 1 86  ? 7.728   4.534   -7.873  1.00 21.98 ? 98  HIS A CA  1 
ATOM   543 C C   . HIS A 1 86  ? 6.927   4.773   -6.579  1.00 19.93 ? 98  HIS A C   1 
ATOM   544 O O   . HIS A 1 86  ? 7.447   5.354   -5.633  1.00 21.33 ? 98  HIS A O   1 
ATOM   545 C CB  . HIS A 1 86  ? 8.170   5.867   -8.477  1.00 23.79 ? 98  HIS A CB  1 
ATOM   546 C CG  . HIS A 1 86  ? 7.036   6.811   -8.715  1.00 26.77 ? 98  HIS A CG  1 
ATOM   547 N ND1 . HIS A 1 86  ? 6.665   7.767   -7.795  1.00 29.50 ? 98  HIS A ND1 1 
ATOM   548 C CD2 . HIS A 1 86  ? 6.150   6.900   -9.734  1.00 29.03 ? 98  HIS A CD2 1 
ATOM   549 C CE1 . HIS A 1 86  ? 5.605   8.417   -8.245  1.00 29.96 ? 98  HIS A CE1 1 
ATOM   550 N NE2 . HIS A 1 86  ? 5.270   7.905   -9.416  1.00 29.26 ? 98  HIS A NE2 1 
ATOM   551 N N   . HIS A 1 87  ? 5.661   4.357   -6.540  1.00 18.60 ? 99  HIS A N   1 
ATOM   552 C CA  . HIS A 1 87  ? 4.826   4.576   -5.365  1.00 17.17 ? 99  HIS A CA  1 
ATOM   553 C C   . HIS A 1 87  ? 3.767   3.482   -5.296  1.00 16.14 ? 99  HIS A C   1 
ATOM   554 O O   . HIS A 1 87  ? 3.341   2.947   -6.333  1.00 14.87 ? 99  HIS A O   1 
ATOM   555 C CB  . HIS A 1 87  ? 4.176   5.956   -5.422  1.00 18.08 ? 99  HIS A CB  1 
ATOM   556 C CG  . HIS A 1 87  ? 3.533   6.370   -4.143  1.00 18.61 ? 99  HIS A CG  1 
ATOM   557 N ND1 . HIS A 1 87  ? 4.257   6.743   -3.036  1.00 19.48 ? 99  HIS A ND1 1 
ATOM   558 C CD2 . HIS A 1 87  ? 2.229   6.436   -3.786  1.00 18.45 ? 99  HIS A CD2 1 
ATOM   559 C CE1 . HIS A 1 87  ? 3.425   7.048   -2.056  1.00 20.03 ? 99  HIS A CE1 1 
ATOM   560 N NE2 . HIS A 1 87  ? 2.190   6.866   -2.482  1.00 18.19 ? 99  HIS A NE2 1 
ATOM   561 N N   . VAL A 1 88  ? 3.358   3.140   -4.072  1.00 15.15 ? 100 VAL A N   1 
ATOM   562 C CA  . VAL A 1 88  ? 2.311   2.133   -3.866  1.00 14.70 ? 100 VAL A CA  1 
ATOM   563 C C   . VAL A 1 88  ? 1.455   2.511   -2.671  1.00 14.00 ? 100 VAL A C   1 
ATOM   564 O O   . VAL A 1 88  ? 1.858   3.347   -1.840  1.00 14.33 ? 100 VAL A O   1 
ATOM   565 C CB  . VAL A 1 88  ? 2.895   0.707   -3.598  1.00 14.52 ? 100 VAL A CB  1 
ATOM   566 C CG1 . VAL A 1 88  ? 3.545   0.127   -4.849  1.00 15.61 ? 100 VAL A CG1 1 
ATOM   567 C CG2 . VAL A 1 88  ? 3.878   0.726   -2.443  1.00 14.34 ? 100 VAL A CG2 1 
ATOM   568 N N   . GLY A 1 89  ? 0.277   1.903   -2.614  1.00 13.30 ? 101 GLY A N   1 
ATOM   569 C CA  . GLY A 1 89  ? -0.609  2.010   -1.467  1.00 13.58 ? 101 GLY A CA  1 
ATOM   570 C C   . GLY A 1 89  ? -1.503  0.770   -1.386  1.00 13.55 ? 101 GLY A C   1 
ATOM   571 O O   . GLY A 1 89  ? -1.429  -0.124  -2.237  1.00 12.88 ? 101 GLY A O   1 
ATOM   572 N N   . ILE A 1 90  ? -2.325  0.723   -0.342  1.00 13.24 ? 102 ILE A N   1 
ATOM   573 C CA  . ILE A 1 90  ? -3.270  -0.348  -0.116  1.00 13.30 ? 102 ILE A CA  1 
ATOM   574 C C   . ILE A 1 90  ? -4.662  0.176   -0.428  1.00 13.54 ? 102 ILE A C   1 
ATOM   575 O O   . ILE A 1 90  ? -5.112  1.174   0.144   1.00 13.19 ? 102 ILE A O   1 
ATOM   576 C CB  . ILE A 1 90  ? -3.233  -0.862  1.342   1.00 13.25 ? 102 ILE A CB  1 
ATOM   577 C CG1 . ILE A 1 90  ? -1.859  -1.471  1.667   1.00 13.14 ? 102 ILE A CG1 1 
ATOM   578 C CG2 . ILE A 1 90  ? -4.376  -1.846  1.583   1.00 13.26 ? 102 ILE A CG2 1 
ATOM   579 C CD1 . ILE A 1 90  ? -1.510  -2.726  0.885   1.00 13.63 ? 102 ILE A CD1 1 
ATOM   580 N N   . CYS A 1 91  ? -5.336  -0.518  -1.343  1.00 13.96 ? 103 CYS A N   1 
ATOM   581 C CA  . CYS A 1 91  ? -6.670  -0.103  -1.777  1.00 14.55 ? 103 CYS A CA  1 
ATOM   582 C C   . CYS A 1 91  ? -7.682  -0.271  -0.679  1.00 15.00 ? 103 CYS A C   1 
ATOM   583 O O   . CYS A 1 91  ? -7.724  -1.309  -0.026  1.00 14.20 ? 103 CYS A O   1 
ATOM   584 C CB  . CYS A 1 91  ? -7.140  -0.944  -2.953  1.00 14.82 ? 103 CYS A CB  1 
ATOM   585 S SG  . CYS A 1 91  ? -6.135  -0.737  -4.441  1.00 16.92 ? 103 CYS A SG  1 
ATOM   586 N N   . CYS A 1 92  ? -8.520  0.745   -0.519  1.00 15.84 ? 104 CYS A N   1 
ATOM   587 C CA  . CYS A 1 92  ? -9.680  0.660   0.371   1.00 16.49 ? 104 CYS A CA  1 
ATOM   588 C C   . CYS A 1 92  ? -10.875 -0.038  -0.279  1.00 17.30 ? 104 CYS A C   1 
ATOM   589 O O   . CYS A 1 92  ? -11.789 -0.475  0.424   1.00 17.97 ? 104 CYS A O   1 
ATOM   590 C CB  . CYS A 1 92  ? -10.079 2.043   0.841   1.00 17.18 ? 104 CYS A CB  1 
ATOM   591 S SG  . CYS A 1 92  ? -8.769  2.947   1.685   1.00 16.84 ? 104 CYS A SG  1 
ATOM   592 N N   . GLY A 1 93  ? -10.878 -0.150  -1.607  1.00 17.27 ? 105 GLY A N   1 
ATOM   593 C CA  . GLY A 1 93  ? -11.970 -0.793  -2.345  1.00 18.60 ? 105 GLY A CA  1 
ATOM   594 C C   . GLY A 1 93  ? -13.057 0.182   -2.800  1.00 19.98 ? 105 GLY A C   1 
ATOM   595 O O   . GLY A 1 93  ? -14.060 -0.250  -3.375  1.00 22.07 ? 105 GLY A O   1 
ATOM   596 N N   . ASP A 1 94  ? -12.847 1.473   -2.566  1.00 20.37 ? 106 ASP A N   1 
ATOM   597 C CA  . ASP A 1 94  ? -13.817 2.518   -2.882  1.00 21.55 ? 106 ASP A CA  1 
ATOM   598 C C   . ASP A 1 94  ? -13.233 3.646   -3.726  1.00 20.79 ? 106 ASP A C   1 
ATOM   599 O O   . ASP A 1 94  ? -13.791 4.746   -3.723  1.00 22.06 ? 106 ASP A O   1 
ATOM   600 C CB  . ASP A 1 94  ? -14.366 3.108   -1.570  1.00 22.71 ? 106 ASP A CB  1 
ATOM   601 C CG  . ASP A 1 94  ? -13.305 3.850   -0.764  1.00 23.61 ? 106 ASP A CG  1 
ATOM   602 O OD1 . ASP A 1 94  ? -12.097 3.837   -1.143  1.00 22.14 ? 106 ASP A OD1 1 
ATOM   603 O OD2 . ASP A 1 94  ? -13.678 4.467   0.252   1.00 26.12 ? 106 ASP A OD2 1 
ATOM   604 N N   . GLY A 1 95  ? -12.101 3.410   -4.392  1.00 18.62 ? 107 GLY A N   1 
ATOM   605 C CA  . GLY A 1 95  ? -11.395 4.452   -5.152  1.00 18.23 ? 107 GLY A CA  1 
ATOM   606 C C   . GLY A 1 95  ? -10.279 5.169   -4.398  1.00 17.02 ? 107 GLY A C   1 
ATOM   607 O O   . GLY A 1 95  ? -9.538  5.942   -4.992  1.00 17.38 ? 107 GLY A O   1 
ATOM   608 N N   . SER A 1 96  ? -10.160 4.902   -3.088  1.00 15.43 ? 108 SER A N   1 
ATOM   609 C CA  A SER A 1 96  ? -9.123  5.504   -2.251  0.50 15.05 ? 108 SER A CA  1 
ATOM   610 C CA  B SER A 1 96  ? -9.115  5.500   -2.254  0.50 15.46 ? 108 SER A CA  1 
ATOM   611 C C   . SER A 1 96  ? -8.112  4.451   -1.803  1.00 14.87 ? 108 SER A C   1 
ATOM   612 O O   . SER A 1 96  ? -8.324  3.249   -1.984  1.00 14.80 ? 108 SER A O   1 
ATOM   613 C CB  A SER A 1 96  ? -9.742  6.216   -1.040  0.50 15.30 ? 108 SER A CB  1 
ATOM   614 C CB  B SER A 1 96  ? -9.715  6.222   -1.042  0.50 16.19 ? 108 SER A CB  1 
ATOM   615 O OG  A SER A 1 96  ? -10.597 7.287   -1.437  0.50 14.56 ? 108 SER A OG  1 
ATOM   616 O OG  B SER A 1 96  ? -10.296 5.321   -0.117  0.50 16.60 ? 108 SER A OG  1 
ATOM   617 N N   . MET A 1 97  ? -7.005  4.926   -1.245  1.00 14.38 ? 109 MET A N   1 
ATOM   618 C CA  . MET A 1 97  ? -5.980  4.042   -0.708  1.00 14.14 ? 109 MET A CA  1 
ATOM   619 C C   . MET A 1 97  ? -5.467  4.565   0.614   1.00 14.22 ? 109 MET A C   1 
ATOM   620 O O   . MET A 1 97  ? -5.528  5.778   0.906   1.00 14.16 ? 109 MET A O   1 
ATOM   621 C CB  . MET A 1 97  ? -4.809  3.932   -1.674  1.00 14.33 ? 109 MET A CB  1 
ATOM   622 C CG  . MET A 1 97  ? -4.109  5.262   -1.930  1.00 14.80 ? 109 MET A CG  1 
ATOM   623 S SD  . MET A 1 97  ? -2.707  5.134   -3.031  1.00 15.99 ? 109 MET A SD  1 
ATOM   624 C CE  . MET A 1 97  ? -2.266  6.868   -3.156  1.00 16.53 ? 109 MET A CE  1 
ATOM   625 N N   . VAL A 1 98  ? -4.889  3.653   1.385   1.00 13.66 ? 110 VAL A N   1 
ATOM   626 C CA  . VAL A 1 98  ? -4.024  4.023   2.506   1.00 13.56 ? 110 VAL A CA  1 
ATOM   627 C C   . VAL A 1 98  ? -2.606  4.040   1.974   1.00 13.55 ? 110 VAL A C   1 
ATOM   628 O O   . VAL A 1 98  ? -2.191  3.091   1.292   1.00 13.11 ? 110 VAL A O   1 
ATOM   629 C CB  . VAL A 1 98  ? -4.104  3.032   3.685   1.00 13.34 ? 110 VAL A CB  1 
ATOM   630 C CG1 . VAL A 1 98  ? -3.386  3.639   4.895   1.00 13.66 ? 110 VAL A CG1 1 
ATOM   631 C CG2 . VAL A 1 98  ? -5.549  2.705   4.022   1.00 13.14 ? 110 VAL A CG2 1 
ATOM   632 N N   . HIS A 1 99  ? -1.865  5.122   2.227   1.00 14.04 ? 111 HIS A N   1 
ATOM   633 C CA  . HIS A 1 99  ? -0.469  5.188   1.758   1.00 15.38 ? 111 HIS A CA  1 
ATOM   634 C C   . HIS A 1 99  ? 0.410   6.019   2.666   1.00 15.44 ? 111 HIS A C   1 
ATOM   635 O O   . HIS A 1 99  ? -0.091  6.825   3.438   1.00 15.13 ? 111 HIS A O   1 
ATOM   636 C CB  . HIS A 1 99  ? -0.369  5.664   0.294   1.00 16.08 ? 111 HIS A CB  1 
ATOM   637 C CG  . HIS A 1 99  ? -0.608  7.135   0.088   1.00 16.57 ? 111 HIS A CG  1 
ATOM   638 N ND1 . HIS A 1 99  ? 0.122   7.887   -0.809  1.00 17.43 ? 111 HIS A ND1 1 
ATOM   639 C CD2 . HIS A 1 99  ? -1.478  7.994   0.679   1.00 16.83 ? 111 HIS A CD2 1 
ATOM   640 C CE1 . HIS A 1 99  ? -0.294  9.140   -0.771  1.00 18.09 ? 111 HIS A CE1 1 
ATOM   641 N NE2 . HIS A 1 99  ? -1.258  9.235   0.130   1.00 17.69 ? 111 HIS A NE2 1 
ATOM   642 N N   . ALA A 1 100 ? 1.713   5.755   2.616   1.00 15.93 ? 112 ALA A N   1 
ATOM   643 C CA  . ALA A 1 100 ? 2.736   6.583   3.260   1.00 17.35 ? 112 ALA A CA  1 
ATOM   644 C C   . ALA A 1 100 ? 3.215   7.544   2.161   1.00 18.11 ? 112 ALA A C   1 
ATOM   645 O O   . ALA A 1 100 ? 3.886   7.109   1.238   1.00 18.35 ? 112 ALA A O   1 
ATOM   646 C CB  . ALA A 1 100 ? 3.889   5.728   3.764   1.00 17.36 ? 112 ALA A CB  1 
ATOM   647 N N   . PRO A 1 101 ? 2.849   8.832   2.236   1.00 19.21 ? 113 PRO A N   1 
ATOM   648 C CA  . PRO A 1 101 ? 2.960   9.667   1.019   1.00 19.98 ? 113 PRO A CA  1 
ATOM   649 C C   . PRO A 1 101 ? 4.373   10.088  0.589   1.00 20.19 ? 113 PRO A C   1 
ATOM   650 O O   . PRO A 1 101 ? 4.768   9.865   -0.565  1.00 22.96 ? 113 PRO A O   1 
ATOM   651 C CB  . PRO A 1 101 ? 2.098   10.891  1.371   1.00 20.71 ? 113 PRO A CB  1 
ATOM   652 C CG  . PRO A 1 101 ? 1.226   10.441  2.504   1.00 21.28 ? 113 PRO A CG  1 
ATOM   653 C CD  . PRO A 1 101 ? 2.092   9.518   3.288   1.00 19.70 ? 113 PRO A CD  1 
ATOM   654 N N   . ARG A 1 102 ? 5.124   10.660  1.504   1.00 21.32 ? 114 ARG A N   1 
ATOM   655 C CA  . ARG A 1 102 ? 6.455   11.188  1.215   1.00 22.91 ? 114 ARG A CA  1 
ATOM   656 C C   . ARG A 1 102 ? 7.049   11.705  2.503   1.00 22.78 ? 114 ARG A C   1 
ATOM   657 O O   . ARG A 1 102 ? 6.300   11.935  3.451   1.00 22.75 ? 114 ARG A O   1 
ATOM   658 C CB  . ARG A 1 102 ? 6.355   12.357  0.227   1.00 23.34 ? 114 ARG A CB  1 
ATOM   659 C CG  . ARG A 1 102 ? 5.372   13.432  0.666   1.00 24.01 ? 114 ARG A CG  1 
ATOM   660 C CD  . ARG A 1 102 ? 5.535   14.680  -0.180  1.00 25.71 ? 114 ARG A CD  1 
ATOM   661 N NE  . ARG A 1 102 ? 4.561   15.718  0.170   1.00 25.74 ? 114 ARG A NE  1 
ATOM   662 C CZ  . ARG A 1 102 ? 4.621   16.516  1.242   1.00 28.97 ? 114 ARG A CZ  1 
ATOM   663 N NH1 . ARG A 1 102 ? 5.612   16.406  2.133   1.00 27.59 ? 114 ARG A NH1 1 
ATOM   664 N NH2 . ARG A 1 102 ? 3.668   17.438  1.427   1.00 29.53 ? 114 ARG A NH2 1 
ATOM   665 N N   . PRO A 1 103 ? 8.390   11.931  2.540   1.00 23.43 ? 115 PRO A N   1 
ATOM   666 C CA  . PRO A 1 103 ? 8.942   12.565  3.736   1.00 24.14 ? 115 PRO A CA  1 
ATOM   667 C C   . PRO A 1 103 ? 8.194   13.850  4.016   1.00 24.20 ? 115 PRO A C   1 
ATOM   668 O O   . PRO A 1 103 ? 7.849   14.596  3.073   1.00 25.27 ? 115 PRO A O   1 
ATOM   669 C CB  . PRO A 1 103 ? 10.415  12.819  3.369   1.00 25.47 ? 115 PRO A CB  1 
ATOM   670 C CG  . PRO A 1 103 ? 10.714  11.848  2.281   1.00 24.08 ? 115 PRO A CG  1 
ATOM   671 C CD  . PRO A 1 103 ? 9.431   11.693  1.519   1.00 24.84 ? 115 PRO A CD  1 
ATOM   672 N N   . GLY A 1 104 ? 7.889   14.069  5.280   1.00 23.03 ? 116 GLY A N   1 
ATOM   673 C CA  . GLY A 1 104 ? 7.116   15.217  5.699   1.00 25.62 ? 116 GLY A CA  1 
ATOM   674 C C   . GLY A 1 104 ? 5.610   15.050  5.718   1.00 26.69 ? 116 GLY A C   1 
ATOM   675 O O   . GLY A 1 104 ? 4.909   16.002  6.043   1.00 28.81 ? 116 GLY A O   1 
ATOM   676 N N   . LYS A 1 105 ? 5.092   13.868  5.357   1.00 25.90 ? 117 LYS A N   1 
ATOM   677 C CA  . LYS A 1 105 ? 3.667   13.566  5.540   1.00 27.54 ? 117 LYS A CA  1 
ATOM   678 C C   . LYS A 1 105 ? 3.533   12.316  6.410   1.00 25.13 ? 117 LYS A C   1 
ATOM   679 O O   . LYS A 1 105 ? 4.514   11.650  6.675   1.00 28.88 ? 117 LYS A O   1 
ATOM   680 C CB  . LYS A 1 105 ? 2.967   13.396  4.191   1.00 30.61 ? 117 LYS A CB  1 
ATOM   681 C CG  . LYS A 1 105 ? 2.487   14.729  3.609   1.00 32.48 ? 117 LYS A CG  1 
ATOM   682 C CD  . LYS A 1 105 ? 1.687   14.595  2.308   1.00 34.82 ? 117 LYS A CD  1 
ATOM   683 C CE  . LYS A 1 105 ? 0.280   14.041  2.507   1.00 36.21 ? 117 LYS A CE  1 
ATOM   684 N NZ  . LYS A 1 105 ? -0.619  14.916  3.315   1.00 38.14 ? 117 LYS A NZ  1 
ATOM   685 N N   . THR A 1 106 ? 2.329   12.043  6.879   1.00 22.14 ? 118 THR A N   1 
ATOM   686 C CA  . THR A 1 106 ? 2.029   10.832  7.646   1.00 21.29 ? 118 THR A CA  1 
ATOM   687 C C   . THR A 1 106 ? 1.120   9.903   6.839   1.00 19.36 ? 118 THR A C   1 
ATOM   688 O O   . THR A 1 106 ? 0.472   10.307  5.857   1.00 19.27 ? 118 THR A O   1 
ATOM   689 C CB  . THR A 1 106 ? 1.314   11.172  8.946   1.00 22.00 ? 118 THR A CB  1 
ATOM   690 O OG1 . THR A 1 106 ? 0.157   11.933  8.627   1.00 24.99 ? 118 THR A OG1 1 
ATOM   691 C CG2 . THR A 1 106 ? 2.207   11.992  9.885   1.00 21.93 ? 118 THR A CG2 1 
ATOM   692 N N   . VAL A 1 107 ? 1.045   8.654   7.288   1.00 17.87 ? 119 VAL A N   1 
ATOM   693 C CA  . VAL A 1 107 ? 0.172   7.663   6.639   1.00 16.60 ? 119 VAL A CA  1 
ATOM   694 C C   . VAL A 1 107 ? -1.266  8.164   6.664   1.00 16.44 ? 119 VAL A C   1 
ATOM   695 O O   . VAL A 1 107 ? -1.770  8.601   7.691   1.00 15.95 ? 119 VAL A O   1 
ATOM   696 C CB  . VAL A 1 107 ? 0.278   6.275   7.322   1.00 16.59 ? 119 VAL A CB  1 
ATOM   697 C CG1 . VAL A 1 107 ? -0.710  5.287   6.704   1.00 16.60 ? 119 VAL A CG1 1 
ATOM   698 C CG2 . VAL A 1 107 ? 1.705   5.736   7.212   1.00 16.47 ? 119 VAL A CG2 1 
ATOM   699 N N   . CYS A 1 108 ? -1.924  8.095   5.516   1.00 16.88 ? 120 CYS A N   1 
ATOM   700 C CA  . CYS A 1 108 ? -3.252  8.676   5.361   1.00 17.82 ? 120 CYS A CA  1 
ATOM   701 C C   . CYS A 1 108 ? -3.992  8.047   4.203   1.00 17.29 ? 120 CYS A C   1 
ATOM   702 O O   . CYS A 1 108 ? -3.427  7.257   3.445   1.00 16.32 ? 120 CYS A O   1 
ATOM   703 C CB  . CYS A 1 108 ? -3.123  10.186  5.147   1.00 18.86 ? 120 CYS A CB  1 
ATOM   704 S SG  . CYS A 1 108 ? -2.323  10.619  3.602   1.00 20.56 ? 120 CYS A SG  1 
ATOM   705 N N   . ILE A 1 109 ? -5.271  8.407   4.076   1.00 17.79 ? 121 ILE A N   1 
ATOM   706 C CA  . ILE A 1 109 ? -6.097  7.942   2.986   1.00 17.53 ? 121 ILE A CA  1 
ATOM   707 C C   . ILE A 1 109 ? -6.134  9.043   1.918   1.00 18.79 ? 121 ILE A C   1 
ATOM   708 O O   . ILE A 1 109 ? -6.273  10.230  2.241   1.00 18.51 ? 121 ILE A O   1 
ATOM   709 C CB  . ILE A 1 109 ? -7.515  7.572   3.470   1.00 18.05 ? 121 ILE A CB  1 
ATOM   710 C CG1 . ILE A 1 109 ? -7.426  6.363   4.407   1.00 18.85 ? 121 ILE A CG1 1 
ATOM   711 C CG2 . ILE A 1 109 ? -8.466  7.343   2.288   1.00 18.01 ? 121 ILE A CG2 1 
ATOM   712 C CD1 . ILE A 1 109 ? -8.731  5.879   4.991   1.00 19.75 ? 121 ILE A CD1 1 
ATOM   713 N N   . LEU A 1 110 ? -6.001  8.626   0.664   1.00 17.43 ? 122 LEU A N   1 
ATOM   714 C CA  . LEU A 1 110 ? -6.015  9.524   -0.484  1.00 18.17 ? 122 LEU A CA  1 
ATOM   715 C C   . LEU A 1 110 ? -6.768  8.864   -1.625  1.00 17.30 ? 122 LEU A C   1 
ATOM   716 O O   . LEU A 1 110 ? -6.600  7.662   -1.898  1.00 16.70 ? 122 LEU A O   1 
ATOM   717 C CB  . LEU A 1 110 ? -4.592  9.857   -0.952  1.00 18.92 ? 122 LEU A CB  1 
ATOM   718 C CG  . LEU A 1 110 ? -4.468  10.886  -2.100  1.00 19.25 ? 122 LEU A CG  1 
ATOM   719 C CD1 . LEU A 1 110 ? -4.890  12.285  -1.612  1.00 19.42 ? 122 LEU A CD1 1 
ATOM   720 C CD2 . LEU A 1 110 ? -3.052  10.918  -2.665  1.00 20.21 ? 122 LEU A CD2 1 
ATOM   721 N N   . LYS A 1 111 ? -7.584  9.649   -2.322  1.00 17.98 ? 123 LYS A N   1 
ATOM   722 C CA  . LYS A 1 111 ? -8.220  9.175   -3.550  1.00 18.16 ? 123 LYS A CA  1 
ATOM   723 C C   . LYS A 1 111 ? -7.133  8.899   -4.581  1.00 18.07 ? 123 LYS A C   1 
ATOM   724 O O   . LYS A 1 111 ? -6.272  9.735   -4.824  1.00 18.45 ? 123 LYS A O   1 
ATOM   725 C CB  . LYS A 1 111 ? -9.231  10.193  -4.101  1.00 19.33 ? 123 LYS A CB  1 
ATOM   726 C CG  . LYS A 1 111 ? -10.473 10.317  -3.240  1.00 20.63 ? 123 LYS A CG  1 
ATOM   727 N N   . ILE A 1 112 ? -7.179  7.704   -5.163  1.00 17.70 ? 124 ILE A N   1 
ATOM   728 C CA  . ILE A 1 112 ? -6.166  7.224   -6.083  1.00 18.75 ? 124 ILE A CA  1 
ATOM   729 C C   . ILE A 1 112 ? -6.025  8.169   -7.297  1.00 18.93 ? 124 ILE A C   1 
ATOM   730 O O   . ILE A 1 112 ? -4.909  8.415   -7.772  1.00 20.68 ? 124 ILE A O   1 
ATOM   731 C CB  . ILE A 1 112 ? -6.489  5.771   -6.533  1.00 17.91 ? 124 ILE A CB  1 
ATOM   732 C CG1 . ILE A 1 112 ? -6.288  4.808   -5.337  1.00 17.79 ? 124 ILE A CG1 1 
ATOM   733 C CG2 . ILE A 1 112 ? -5.618  5.340   -7.719  1.00 18.20 ? 124 ILE A CG2 1 
ATOM   734 C CD1 . ILE A 1 112 ? -6.904  3.434   -5.509  1.00 17.79 ? 124 ILE A CD1 1 
ATOM   735 N N   . ALA A 1 113 ? -7.166  8.665   -7.776  1.00 21.56 ? 125 ALA A N   1 
ATOM   736 C CA  . ALA A 1 113 ? -7.203  9.621   -8.897  1.00 22.81 ? 125 ALA A CA  1 
ATOM   737 C C   . ALA A 1 113 ? -6.376  10.896  -8.630  1.00 23.95 ? 125 ALA A C   1 
ATOM   738 O O   . ALA A 1 113 ? -5.817  11.482  -9.566  1.00 23.08 ? 125 ALA A O   1 
ATOM   739 C CB  . ALA A 1 113 ? -8.646  9.996   -9.215  1.00 23.35 ? 125 ALA A CB  1 
ATOM   740 N N   . TYR A 1 114 ? -6.271  11.310  -7.361  1.00 24.60 ? 126 TYR A N   1 
ATOM   741 C CA  . TYR A 1 114 ? -5.505  12.516  -7.012  1.00 25.02 ? 126 TYR A CA  1 
ATOM   742 C C   . TYR A 1 114 ? -4.005  12.413  -7.218  1.00 24.86 ? 126 TYR A C   1 
ATOM   743 O O   . TYR A 1 114 ? -3.327  13.441  -7.205  1.00 25.77 ? 126 TYR A O   1 
ATOM   744 C CB  . TYR A 1 114 ? -5.795  12.982  -5.576  1.00 27.10 ? 126 TYR A CB  1 
ATOM   745 C CG  . TYR A 1 114 ? -7.215  13.455  -5.298  1.00 29.24 ? 126 TYR A CG  1 
ATOM   746 C CD1 . TYR A 1 114 ? -8.188  13.552  -6.315  1.00 30.56 ? 126 TYR A CD1 1 
ATOM   747 C CD2 . TYR A 1 114 ? -7.587  13.831  -4.001  1.00 32.04 ? 126 TYR A CD2 1 
ATOM   748 C CE1 . TYR A 1 114 ? -9.469  13.991  -6.032  1.00 32.76 ? 126 TYR A CE1 1 
ATOM   749 C CE2 . TYR A 1 114 ? -8.878  14.273  -3.719  1.00 34.10 ? 126 TYR A CE2 1 
ATOM   750 C CZ  . TYR A 1 114 ? -9.806  14.354  -4.738  1.00 33.67 ? 126 TYR A CZ  1 
ATOM   751 O OH  . TYR A 1 114 ? -11.077 14.791  -4.468  1.00 37.06 ? 126 TYR A OH  1 
ATOM   752 N N   . MET A 1 115 ? -3.468  11.206  -7.426  1.00 22.47 ? 127 MET A N   1 
ATOM   753 C CA  . MET A 1 115 ? -2.060  11.078  -7.795  1.00 21.67 ? 127 MET A CA  1 
ATOM   754 C C   . MET A 1 115 ? -1.806  11.608  -9.206  1.00 22.00 ? 127 MET A C   1 
ATOM   755 O O   . MET A 1 115 ? -0.661  11.909  -9.522  1.00 23.11 ? 127 MET A O   1 
ATOM   756 C CB  . MET A 1 115 ? -1.578  9.635   -7.692  1.00 21.72 ? 127 MET A CB  1 
ATOM   757 C CG  . MET A 1 115 ? -1.577  9.070   -6.280  1.00 21.68 ? 127 MET A CG  1 
ATOM   758 S SD  . MET A 1 115 ? -0.300  9.789   -5.248  1.00 23.45 ? 127 MET A SD  1 
ATOM   759 C CE  . MET A 1 115 ? 1.170   9.081   -5.960  1.00 23.38 ? 127 MET A CE  1 
ATOM   760 N N   . LYS A 1 116 ? -2.858  11.697  -10.027 1.00 23.29 ? 128 LYS A N   1 
ATOM   761 C CA  . LYS A 1 116 ? -2.786  12.214  -11.406 1.00 25.33 ? 128 LYS A CA  1 
ATOM   762 C C   . LYS A 1 116 ? -1.678  11.520  -12.202 1.00 25.46 ? 128 LYS A C   1 
ATOM   763 O O   . LYS A 1 116 ? -0.867  12.149  -12.895 1.00 26.16 ? 128 LYS A O   1 
ATOM   764 C CB  . LYS A 1 116 ? -2.618  13.737  -11.402 1.00 27.20 ? 128 LYS A CB  1 
ATOM   765 C CG  . LYS A 1 116 ? -3.824  14.486  -10.856 1.00 28.15 ? 128 LYS A CG  1 
ATOM   766 C CD  . LYS A 1 116 ? -3.523  15.963  -10.658 1.00 31.19 ? 128 LYS A CD  1 
ATOM   767 N N   . GLU A 1 117 ? -1.644  10.197  -12.090 1.00 25.56 ? 129 GLU A N   1 
ATOM   768 C CA  . GLU A 1 117 ? -0.717  9.402   -12.878 1.00 24.91 ? 129 GLU A CA  1 
ATOM   769 C C   . GLU A 1 117 ? -1.180  7.979   -13.062 1.00 22.92 ? 129 GLU A C   1 
ATOM   770 O O   . GLU A 1 117 ? -2.122  7.510   -12.398 1.00 22.43 ? 129 GLU A O   1 
ATOM   771 C CB  . GLU A 1 117 ? 0.697   9.449   -12.301 1.00 27.81 ? 129 GLU A CB  1 
ATOM   772 C CG  . GLU A 1 117 ? 0.882   8.836   -10.938 1.00 30.42 ? 129 GLU A CG  1 
ATOM   773 C CD  . GLU A 1 117 ? 2.317   8.964   -10.452 1.00 32.03 ? 129 GLU A CD  1 
ATOM   774 O OE1 . GLU A 1 117 ? 3.239   8.463   -11.132 1.00 33.14 ? 129 GLU A OE1 1 
ATOM   775 O OE2 . GLU A 1 117 ? 2.518   9.564   -9.378  1.00 36.72 ? 129 GLU A OE2 1 
ATOM   776 N N   . SER A 1 118 ? -0.510  7.317   -13.995 1.00 21.19 ? 130 SER A N   1 
ATOM   777 C CA  A SER A 1 118 ? -0.766  5.927   -14.335 0.50 21.16 ? 130 SER A CA  1 
ATOM   778 C CA  B SER A 1 118 ? -0.827  5.936   -14.330 0.50 21.33 ? 130 SER A CA  1 
ATOM   779 C C   . SER A 1 118 ? -0.802  5.061   -13.077 1.00 20.78 ? 130 SER A C   1 
ATOM   780 O O   . SER A 1 118 ? 0.030   5.262   -12.159 1.00 19.98 ? 130 SER A O   1 
ATOM   781 C CB  A SER A 1 118 ? 0.335   5.434   -15.275 0.50 20.74 ? 130 SER A CB  1 
ATOM   782 C CB  B SER A 1 118 ? 0.104   5.376   -15.417 0.50 21.07 ? 130 SER A CB  1 
ATOM   783 O OG  A SER A 1 118 ? 0.190   4.068   -15.585 0.50 21.36 ? 130 SER A OG  1 
ATOM   784 O OG  B SER A 1 118 ? 1.447   5.256   -14.988 0.50 22.25 ? 130 SER A OG  1 
ATOM   785 N N   . TYR A 1 119 ? -1.743  4.123   -13.038 1.00 20.00 ? 131 TYR A N   1 
ATOM   786 C CA  . TYR A 1 119 ? -1.821  3.190   -11.924 1.00 19.15 ? 131 TYR A CA  1 
ATOM   787 C C   . TYR A 1 119 ? -2.442  1.876   -12.287 1.00 18.40 ? 131 TYR A C   1 
ATOM   788 O O   . TYR A 1 119 ? -3.233  1.781   -13.222 1.00 18.26 ? 131 TYR A O   1 
ATOM   789 C CB  . TYR A 1 119 ? -2.584  3.810   -10.751 1.00 19.66 ? 131 TYR A CB  1 
ATOM   790 C CG  . TYR A 1 119 ? -4.045  4.125   -10.960 1.00 20.54 ? 131 TYR A CG  1 
ATOM   791 C CD1 . TYR A 1 119 ? -4.446  5.306   -11.576 1.00 21.57 ? 131 TYR A CD1 1 
ATOM   792 C CD2 . TYR A 1 119 ? -5.032  3.270   -10.502 1.00 20.97 ? 131 TYR A CD2 1 
ATOM   793 C CE1 . TYR A 1 119 ? -5.793  5.616   -11.733 1.00 22.62 ? 131 TYR A CE1 1 
ATOM   794 C CE2 . TYR A 1 119 ? -6.373  3.578   -10.661 1.00 22.44 ? 131 TYR A CE2 1 
ATOM   795 C CZ  . TYR A 1 119 ? -6.745  4.750   -11.272 1.00 23.49 ? 131 TYR A CZ  1 
ATOM   796 O OH  . TYR A 1 119 ? -8.083  5.040   -11.415 1.00 26.45 ? 131 TYR A OH  1 
ATOM   797 N N   . GLY A 1 120 ? -2.072  0.845   -11.529 1.00 17.56 ? 132 GLY A N   1 
ATOM   798 C CA  . GLY A 1 120 ? -2.629  -0.483  -11.668 1.00 16.29 ? 132 GLY A CA  1 
ATOM   799 C C   . GLY A 1 120 ? -2.747  -1.185  -10.325 1.00 16.21 ? 132 GLY A C   1 
ATOM   800 O O   . GLY A 1 120 ? -2.371  -0.620  -9.313  1.00 14.65 ? 132 GLY A O   1 
ATOM   801 N N   . TYR A 1 121 ? -3.235  -2.423  -10.339 1.00 15.95 ? 133 TYR A N   1 
ATOM   802 C CA  . TYR A 1 121 ? -3.507  -3.167  -9.103  1.00 15.86 ? 133 TYR A CA  1 
ATOM   803 C C   . TYR A 1 121 ? -2.859  -4.522  -9.133  1.00 16.15 ? 133 TYR A C   1 
ATOM   804 O O   . TYR A 1 121 ? -2.939  -5.217  -10.172 1.00 16.38 ? 133 TYR A O   1 
ATOM   805 C CB  . TYR A 1 121 ? -4.996  -3.384  -8.941  1.00 16.83 ? 133 TYR A CB  1 
ATOM   806 C CG  . TYR A 1 121 ? -5.819  -2.130  -8.973  1.00 16.89 ? 133 TYR A CG  1 
ATOM   807 C CD1 . TYR A 1 121 ? -5.682  -1.155  -7.992  1.00 18.01 ? 133 TYR A CD1 1 
ATOM   808 C CD2 . TYR A 1 121 ? -6.777  -1.935  -9.955  1.00 17.68 ? 133 TYR A CD2 1 
ATOM   809 C CE1 . TYR A 1 121 ? -6.450  -0.003  -8.015  1.00 18.54 ? 133 TYR A CE1 1 
ATOM   810 C CE2 . TYR A 1 121 ? -7.546  -0.801  -9.978  1.00 18.91 ? 133 TYR A CE2 1 
ATOM   811 C CZ  . TYR A 1 121 ? -7.382  0.155   -9.003  1.00 19.37 ? 133 TYR A CZ  1 
ATOM   812 O OH  . TYR A 1 121 ? -8.152  1.274   -9.015  1.00 22.59 ? 133 TYR A OH  1 
ATOM   813 N N   . ARG A 1 122 ? -2.234  -4.903  -8.012  1.00 15.18 ? 134 ARG A N   1 
ATOM   814 C CA  . ARG A 1 122 ? -1.802  -6.269  -7.763  1.00 14.96 ? 134 ARG A CA  1 
ATOM   815 C C   . ARG A 1 122 ? -2.540  -6.866  -6.572  1.00 15.57 ? 134 ARG A C   1 
ATOM   816 O O   . ARG A 1 122 ? -3.083  -6.149  -5.726  1.00 15.27 ? 134 ARG A O   1 
ATOM   817 C CB  . ARG A 1 122 ? -0.282  -6.378  -7.532  1.00 15.19 ? 134 ARG A CB  1 
ATOM   818 C CG  . ARG A 1 122 ? 0.613   -5.658  -8.537  1.00 16.16 ? 134 ARG A CG  1 
ATOM   819 C CD  . ARG A 1 122 ? 0.391   -6.176  -9.942  1.00 16.84 ? 134 ARG A CD  1 
ATOM   820 N NE  . ARG A 1 122 ? 0.810   -7.567  -10.095 1.00 17.87 ? 134 ARG A NE  1 
ATOM   821 C CZ  . ARG A 1 122 ? 0.564   -8.322  -11.166 1.00 19.40 ? 134 ARG A CZ  1 
ATOM   822 N NH1 . ARG A 1 122 ? -0.141  -7.840  -12.185 1.00 20.93 ? 134 ARG A NH1 1 
ATOM   823 N NH2 . ARG A 1 122 ? 0.991   -9.578  -11.208 1.00 20.49 ? 134 ARG A NH2 1 
ATOM   824 N N   . ARG A 1 123 ? -2.516  -8.195  -6.489  1.00 15.29 ? 135 ARG A N   1 
ATOM   825 C CA  . ARG A 1 123 ? -3.150  -8.912  -5.370  1.00 16.02 ? 135 ARG A CA  1 
ATOM   826 C C   . ARG A 1 123 ? -2.203  -9.975  -4.883  1.00 15.56 ? 135 ARG A C   1 
ATOM   827 O O   . ARG A 1 123 ? -1.747  -10.807 -5.681  1.00 16.14 ? 135 ARG A O   1 
ATOM   828 C CB  . ARG A 1 123 ? -4.436  -9.572  -5.841  1.00 17.31 ? 135 ARG A CB  1 
ATOM   829 C CG  . ARG A 1 123 ? -5.114  -10.426 -4.789  1.00 18.95 ? 135 ARG A CG  1 
ATOM   830 C CD  . ARG A 1 123 ? -6.552  -10.755 -5.195  1.00 20.89 ? 135 ARG A CD  1 
ATOM   831 N NE  . ARG A 1 123 ? -7.323  -9.537  -5.419  1.00 21.81 ? 135 ARG A NE  1 
ATOM   832 C CZ  . ARG A 1 123 ? -8.477  -9.460  -6.080  1.00 25.55 ? 135 ARG A CZ  1 
ATOM   833 N NH1 . ARG A 1 123 ? -9.067  -8.286  -6.240  1.00 24.37 ? 135 ARG A NH1 1 
ATOM   834 N NH2 . ARG A 1 123 ? -9.057  -10.547 -6.588  1.00 28.74 ? 135 ARG A NH2 1 
ATOM   835 N N   . TYR A 1 124 ? -1.941  -9.983  -3.571  1.00 14.68 ? 136 TYR A N   1 
ATOM   836 C CA  . TYR A 1 124 ? -1.019  -10.951 -2.975  1.00 15.13 ? 136 TYR A CA  1 
ATOM   837 C C   . TYR A 1 124 ? -1.660  -12.012 -2.068  1.00 16.29 ? 136 TYR A C   1 
ATOM   838 O O   . TYR A 1 124 ? -0.988  -12.983 -1.701  1.00 16.99 ? 136 TYR A O   1 
ATOM   839 C CB  . TYR A 1 124 ? 0.061   -10.195 -2.218  1.00 14.33 ? 136 TYR A CB  1 
ATOM   840 C CG  . TYR A 1 124 ? 1.104   -9.571  -3.104  1.00 14.63 ? 136 TYR A CG  1 
ATOM   841 C CD1 . TYR A 1 124 ? 0.948   -8.263  -3.591  1.00 14.74 ? 136 TYR A CD1 1 
ATOM   842 C CD2 . TYR A 1 124 ? 2.260   -10.272 -3.440  1.00 14.49 ? 136 TYR A CD2 1 
ATOM   843 C CE1 . TYR A 1 124 ? 1.924   -7.681  -4.404  1.00 15.15 ? 136 TYR A CE1 1 
ATOM   844 C CE2 . TYR A 1 124 ? 3.234   -9.708  -4.240  1.00 14.71 ? 136 TYR A CE2 1 
ATOM   845 C CZ  . TYR A 1 124 ? 3.063   -8.416  -4.720  1.00 14.85 ? 136 TYR A CZ  1 
ATOM   846 O OH  . TYR A 1 124 ? 4.034   -7.863  -5.527  1.00 16.52 ? 136 TYR A OH  1 
ATOM   847 N N   . TYR A 1 125 ? -2.938  -11.816 -1.738  1.00 17.18 ? 137 TYR A N   1 
ATOM   848 C CA  . TYR A 1 125 ? -3.735  -12.743 -0.915  1.00 18.30 ? 137 TYR A CA  1 
ATOM   849 C C   . TYR A 1 125 ? -4.531  -13.668 -1.843  1.00 20.22 ? 137 TYR A C   1 
ATOM   850 O O   . TYR A 1 125 ? -4.533  -13.527 -3.084  1.00 19.67 ? 137 TYR A O   1 
ATOM   851 C CB  . TYR A 1 125 ? -4.680  -11.984 0.054   1.00 18.43 ? 137 TYR A CB  1 
ATOM   852 C CG  . TYR A 1 125 ? -5.676  -11.062 -0.625  1.00 17.75 ? 137 TYR A CG  1 
ATOM   853 C CD1 . TYR A 1 125 ? -5.327  -9.758  -0.943  1.00 18.12 ? 137 TYR A CD1 1 
ATOM   854 C CD2 . TYR A 1 125 ? -6.962  -11.503 -0.963  1.00 19.44 ? 137 TYR A CD2 1 
ATOM   855 C CE1 . TYR A 1 125 ? -6.213  -8.906  -1.568  1.00 18.67 ? 137 TYR A CE1 1 
ATOM   856 C CE2 . TYR A 1 125 ? -7.859  -10.658 -1.616  1.00 18.49 ? 137 TYR A CE2 1 
ATOM   857 C CZ  . TYR A 1 125 ? -7.479  -9.354  -1.917  1.00 19.83 ? 137 TYR A CZ  1 
ATOM   858 O OH  . TYR A 1 125 ? -8.331  -8.471  -2.576  1.00 20.70 ? 137 TYR A OH  1 
ATOM   859 O OXT . TYR A 1 125 ? -5.220  -14.579 -1.362  1.00 21.40 ? 137 TYR A OXT 1 
HETATM 860 C C1  . E64 B 2 .   ? 7.559   5.852   -1.544  1.00 33.03 ? 201 E64 A C1  1 
HETATM 861 O O1  . E64 B 2 .   ? 7.139   6.777   -2.294  1.00 33.76 ? 201 E64 A O1  1 
HETATM 862 O O2  . E64 B 2 .   ? 7.748   6.019   -0.317  1.00 31.41 ? 201 E64 A O2  1 
HETATM 863 C C2  . E64 B 2 .   ? 7.829   4.478   -2.134  1.00 32.08 ? 201 E64 A C2  1 
HETATM 864 C C3  . E64 B 2 .   ? 9.186   3.881   -1.735  1.00 34.85 ? 201 E64 A C3  1 
HETATM 865 O O3  . E64 B 2 .   ? 10.157  4.946   -1.700  1.00 37.24 ? 201 E64 A O3  1 
HETATM 866 C C4  . E64 B 2 .   ? 9.639   2.796   -2.699  1.00 35.69 ? 201 E64 A C4  1 
HETATM 867 O O4  . E64 B 2 .   ? 9.742   1.620   -2.357  1.00 34.20 ? 201 E64 A O4  1 
HETATM 868 N N1  . E64 B 2 .   ? 9.940   3.168   -3.952  1.00 35.48 ? 201 E64 A N1  1 
HETATM 869 S S   . SO4 C 3 .   ? -0.534  -10.294 -14.811 1.00 50.39 ? 202 SO4 A S   1 
HETATM 870 O O1  . SO4 C 3 .   ? 0.598   -9.765  -15.604 1.00 52.93 ? 202 SO4 A O1  1 
HETATM 871 O O2  . SO4 C 3 .   ? -1.218  -11.361 -15.565 1.00 54.94 ? 202 SO4 A O2  1 
HETATM 872 O O3  . SO4 C 3 .   ? -0.040  -10.884 -13.547 1.00 49.60 ? 202 SO4 A O3  1 
HETATM 873 O O4  . SO4 C 3 .   ? -1.470  -9.182  -14.594 1.00 47.25 ? 202 SO4 A O4  1 
HETATM 874 O O   . HOH D 4 .   ? 2.624   -3.824  15.059  1.00 26.14 ? 301 HOH A O   1 
HETATM 875 O O   . HOH D 4 .   ? -2.140  -12.181 -12.847 1.00 36.18 ? 302 HOH A O   1 
HETATM 876 O O   . HOH D 4 .   ? -12.341 -1.244  9.087   1.00 25.36 ? 303 HOH A O   1 
HETATM 877 O O   . HOH D 4 .   ? 5.111   7.449   13.763  1.00 18.72 ? 304 HOH A O   1 
HETATM 878 O O   . HOH D 4 .   ? -3.106  -15.105 6.047   1.00 24.86 ? 305 HOH A O   1 
HETATM 879 O O   . HOH D 4 .   ? 3.146   0.855   16.819  1.00 31.20 ? 306 HOH A O   1 
HETATM 880 O O   . HOH D 4 .   ? 12.600  1.920   0.731   1.00 32.59 ? 307 HOH A O   1 
HETATM 881 O O   . HOH D 4 .   ? -2.257  10.958  8.969   1.00 30.62 ? 308 HOH A O   1 
HETATM 882 O O   . HOH D 4 .   ? -9.189  7.420   -11.303 1.00 35.70 ? 309 HOH A O   1 
HETATM 883 O O   . HOH D 4 .   ? 0.397   -7.443  15.452  1.00 18.81 ? 310 HOH A O   1 
HETATM 884 O O   . HOH D 4 .   ? -9.854  5.333   -9.454  1.00 45.13 ? 311 HOH A O   1 
HETATM 885 O O   . HOH D 4 .   ? 7.073   -14.088 -3.463  1.00 30.96 ? 312 HOH A O   1 
HETATM 886 O O   . HOH D 4 .   ? -0.398  -4.458  13.130  1.00 16.34 ? 313 HOH A O   1 
HETATM 887 O O   . HOH D 4 .   ? 1.718   17.834  -0.344  1.00 29.67 ? 314 HOH A O   1 
HETATM 888 O O   . HOH D 4 .   ? 3.912   -12.101 -10.219 1.00 42.43 ? 315 HOH A O   1 
HETATM 889 O O   . HOH D 4 .   ? 7.560   -1.769  -11.443 1.00 21.26 ? 316 HOH A O   1 
HETATM 890 O O   . HOH D 4 .   ? -9.783  7.356   -7.252  1.00 21.88 ? 317 HOH A O   1 
HETATM 891 O O   . HOH D 4 .   ? -13.089 -4.261  4.025   1.00 31.16 ? 318 HOH A O   1 
HETATM 892 O O   . HOH D 4 .   ? -4.901  -5.878  -12.641 1.00 30.28 ? 319 HOH A O   1 
HETATM 893 O O   . HOH D 4 .   ? 1.758   -13.403 -1.746  1.00 20.05 ? 320 HOH A O   1 
HETATM 894 O O   . HOH D 4 .   ? -1.660  4.705   13.680  1.00 16.52 ? 321 HOH A O   1 
HETATM 895 O O   . HOH D 4 .   ? 2.581   -5.293  -13.202 1.00 30.11 ? 322 HOH A O   1 
HETATM 896 O O   . HOH D 4 .   ? 2.060   3.273   0.870   1.00 14.65 ? 323 HOH A O   1 
HETATM 897 O O   . HOH D 4 .   ? -11.711 5.046   2.197   1.00 31.91 ? 324 HOH A O   1 
HETATM 898 O O   . HOH D 4 .   ? 8.131   -8.803  -7.980  1.00 29.34 ? 325 HOH A O   1 
HETATM 899 O O   . HOH D 4 .   ? 8.744   16.190  1.033   1.00 30.58 ? 326 HOH A O   1 
HETATM 900 O O   . HOH D 4 .   ? -9.738  1.641   -3.695  1.00 19.01 ? 327 HOH A O   1 
HETATM 901 O O   . HOH D 4 .   ? -2.530  -7.788  -1.921  1.00 12.28 ? 328 HOH A O   1 
HETATM 902 O O   . HOH D 4 .   ? -10.853 -9.453  -3.009  1.00 39.14 ? 329 HOH A O   1 
HETATM 903 O O   . HOH D 4 .   ? 7.319   9.419   -1.478  1.00 35.50 ? 330 HOH A O   1 
HETATM 904 O O   . HOH D 4 .   ? 10.577  -0.447  10.040  1.00 17.25 ? 331 HOH A O   1 
HETATM 905 O O   . HOH D 4 .   ? -12.851 7.248   -3.053  1.00 31.40 ? 332 HOH A O   1 
HETATM 906 O O   . HOH D 4 .   ? -5.718  -14.666 6.039   1.00 35.51 ? 333 HOH A O   1 
HETATM 907 O O   . HOH D 4 .   ? -10.969 -7.783  -0.749  1.00 26.03 ? 334 HOH A O   1 
HETATM 908 O O   . HOH D 4 .   ? 15.359  0.162   6.299   1.00 26.92 ? 335 HOH A O   1 
HETATM 909 O O   . HOH D 4 .   ? -1.195  -15.495 -0.516  1.00 27.41 ? 336 HOH A O   1 
HETATM 910 O O   . HOH D 4 .   ? 4.770   -10.705 2.664   1.00 11.30 ? 337 HOH A O   1 
HETATM 911 O O   . HOH D 4 .   ? 1.645   -2.337  -15.307 1.00 33.50 ? 338 HOH A O   1 
HETATM 912 O O   . HOH D 4 .   ? -0.293  12.990  5.540   1.00 32.02 ? 339 HOH A O   1 
HETATM 913 O O   . HOH D 4 .   ? -3.898  8.568   -10.468 1.00 21.45 ? 340 HOH A O   1 
HETATM 914 O O   . HOH D 4 .   ? -1.551  12.025  0.510   1.00 21.59 ? 341 HOH A O   1 
HETATM 915 O O   . HOH D 4 .   ? -3.607  8.296   14.268  1.00 42.47 ? 342 HOH A O   1 
HETATM 916 O O   . HOH D 4 .   ? 4.879   -12.685 -6.267  1.00 32.76 ? 343 HOH A O   1 
HETATM 917 O O   . HOH D 4 .   ? 3.685   4.210   -16.406 1.00 33.05 ? 344 HOH A O   1 
HETATM 918 O O   . HOH D 4 .   ? 10.091  -8.276  1.293   1.00 15.15 ? 345 HOH A O   1 
HETATM 919 O O   . HOH D 4 .   ? 1.256   2.392   -13.491 1.00 32.77 ? 346 HOH A O   1 
HETATM 920 O O   . HOH D 4 .   ? 0.927   -15.716 1.058   1.00 23.83 ? 347 HOH A O   1 
HETATM 921 O O   . HOH D 4 .   ? 14.225  -0.831  4.032   1.00 17.86 ? 348 HOH A O   1 
HETATM 922 O O   . HOH D 4 .   ? -14.184 -3.072  -3.998  1.00 38.67 ? 349 HOH A O   1 
HETATM 923 O O   . HOH D 4 .   ? -13.462 -4.144  -1.749  1.00 20.63 ? 350 HOH A O   1 
HETATM 924 O O   . HOH D 4 .   ? 8.932   1.657   12.985  1.00 21.26 ? 351 HOH A O   1 
HETATM 925 O O   . HOH D 4 .   ? 10.876  1.186   -6.100  1.00 24.29 ? 352 HOH A O   1 
HETATM 926 O O   . HOH D 4 .   ? -4.416  -3.102  -12.991 1.00 24.45 ? 353 HOH A O   1 
HETATM 927 O O   . HOH D 4 .   ? 2.652   -1.144  -19.139 1.00 20.69 ? 354 HOH A O   1 
HETATM 928 O O   . HOH D 4 .   ? 1.059   -1.180  16.934  1.00 21.63 ? 355 HOH A O   1 
HETATM 929 O O   . HOH D 4 .   ? -6.425  9.829   6.455   1.00 25.17 ? 356 HOH A O   1 
HETATM 930 O O   . HOH D 4 .   ? -8.555  12.206  -0.887  1.00 23.92 ? 357 HOH A O   1 
HETATM 931 O O   . HOH D 4 .   ? -9.464  1.094   -6.216  1.00 34.83 ? 358 HOH A O   1 
HETATM 932 O O   . HOH D 4 .   ? 2.642   10.619  -2.708  1.00 36.39 ? 359 HOH A O   1 
HETATM 933 O O   . HOH D 4 .   ? -13.566 -4.029  7.394   1.00 21.50 ? 360 HOH A O   1 
HETATM 934 O O   . HOH D 4 .   ? -0.943  5.732   16.100  1.00 26.45 ? 361 HOH A O   1 
HETATM 935 O O   . HOH D 4 .   ? -5.243  9.635   -12.560 1.00 29.50 ? 362 HOH A O   1 
HETATM 936 O O   . HOH D 4 .   ? -3.857  -13.674 10.551  1.00 25.13 ? 363 HOH A O   1 
HETATM 937 O O   . HOH D 4 .   ? 4.096   -3.340  -13.988 1.00 43.20 ? 364 HOH A O   1 
# 
